data_7QVV
# 
_entry.id   7QVV 
# 
_audit_conform.dict_name       mmcif_pdbx.dic 
_audit_conform.dict_version    5.384 
_audit_conform.dict_location   http://mmcif.pdb.org/dictionaries/ascii/mmcif_pdbx.dic 
# 
loop_
_database_2.database_id 
_database_2.database_code 
_database_2.pdbx_database_accession 
_database_2.pdbx_DOI 
PDB   7QVV         pdb_00007qvv 10.2210/pdb7qvv/pdb 
WWPDB D_1292120469 ?            ?                   
# 
loop_
_pdbx_audit_revision_history.ordinal 
_pdbx_audit_revision_history.data_content_type 
_pdbx_audit_revision_history.major_revision 
_pdbx_audit_revision_history.minor_revision 
_pdbx_audit_revision_history.revision_date 
1 'Structure model' 1 0 2022-09-28 
2 'Structure model' 1 1 2024-01-31 
# 
_pdbx_audit_revision_details.ordinal             1 
_pdbx_audit_revision_details.revision_ordinal    1 
_pdbx_audit_revision_details.data_content_type   'Structure model' 
_pdbx_audit_revision_details.provider            repository 
_pdbx_audit_revision_details.type                'Initial release' 
_pdbx_audit_revision_details.description         ? 
_pdbx_audit_revision_details.details             ? 
# 
loop_
_pdbx_audit_revision_group.ordinal 
_pdbx_audit_revision_group.revision_ordinal 
_pdbx_audit_revision_group.data_content_type 
_pdbx_audit_revision_group.group 
1 2 'Structure model' 'Data collection'        
2 2 'Structure model' 'Refinement description' 
# 
loop_
_pdbx_audit_revision_category.ordinal 
_pdbx_audit_revision_category.revision_ordinal 
_pdbx_audit_revision_category.data_content_type 
_pdbx_audit_revision_category.category 
1 2 'Structure model' chem_comp_atom                
2 2 'Structure model' chem_comp_bond                
3 2 'Structure model' pdbx_initial_refinement_model 
# 
_pdbx_database_status.status_code                     REL 
_pdbx_database_status.status_code_sf                  REL 
_pdbx_database_status.status_code_mr                  ? 
_pdbx_database_status.entry_id                        7QVV 
_pdbx_database_status.recvd_initial_deposition_date   2022-01-23 
_pdbx_database_status.SG_entry                        N 
_pdbx_database_status.deposit_site                    PDBE 
_pdbx_database_status.process_site                    PDBE 
_pdbx_database_status.status_code_cs                  ? 
_pdbx_database_status.status_code_nmr_data            ? 
_pdbx_database_status.methods_development_category    ? 
_pdbx_database_status.pdb_format_compatible           Y 
# 
loop_
_pdbx_database_related.db_name 
_pdbx_database_related.details 
_pdbx_database_related.db_id 
_pdbx_database_related.content_type 
PDB '7QVT contains the same protein complexed with a different fragment.' 7QVT unspecified 
PDB '7QVU contains the same protein complexed with a different fragment.' 7QVU unspecified 
# 
_pdbx_contact_author.id                 2 
_pdbx_contact_author.email              graziano.lolli@unitn.it 
_pdbx_contact_author.name_first         Graziano 
_pdbx_contact_author.name_last          Lolli 
_pdbx_contact_author.name_mi            ? 
_pdbx_contact_author.role               'principal investigator/group leader' 
_pdbx_contact_author.identifier_ORCID   0000-0002-8536-5599 
# 
loop_
_audit_author.name 
_audit_author.pdbx_ordinal 
_audit_author.identifier_ORCID 
'Dalle Vedove, A.' 1 ? 
'Cazzanelli, G.'   2 ? 
'Caflisch, A.'     3 ? 
'Lolli, G.'        4 ? 
# 
_citation.abstract                  ? 
_citation.abstract_id_CAS           ? 
_citation.book_id_ISBN              ? 
_citation.book_publisher            ? 
_citation.book_publisher_city       ? 
_citation.book_title                ? 
_citation.coordinate_linkage        ? 
_citation.country                   US 
_citation.database_id_Medline       ? 
_citation.details                   ? 
_citation.id                        primary 
_citation.journal_abbrev            'Acs Med.Chem.Lett.' 
_citation.journal_id_ASTM           ? 
_citation.journal_id_CSD            ? 
_citation.journal_id_ISSN           1948-5875 
_citation.journal_full              ? 
_citation.journal_issue             ? 
_citation.journal_volume            13 
_citation.language                  ? 
_citation.page_first                1434 
_citation.page_last                 1443 
_citation.title                     'Identification of a BAZ2A-Bromodomain Hit Compound by Fragment Growing.' 
_citation.year                      2022 
_citation.database_id_CSD           ? 
_citation.pdbx_database_id_DOI      10.1021/acsmedchemlett.2c00173 
_citation.pdbx_database_id_PubMed   36105334 
_citation.pdbx_database_id_patent   ? 
_citation.unpublished_flag          ? 
# 
loop_
_citation_author.citation_id 
_citation_author.name 
_citation_author.ordinal 
_citation_author.identifier_ORCID 
primary 'Dalle Vedove, A.'   1 ?                   
primary 'Cazzanelli, G.'     2 ?                   
primary 'Batiste, L.'        3 ?                   
primary 'Marchand, J.R.'     4 0000-0002-8002-9457 
primary 'Spiliotopoulos, D.' 5 ?                   
primary 'Corsi, J.'          6 ?                   
primary 
;D'Agostino, V.G.
;
7 ?                   
primary 'Caflisch, A.'       8 0000-0002-2317-6792 
primary 'Lolli, G.'          9 0000-0002-8536-5599 
# 
loop_
_entity.id 
_entity.type 
_entity.src_method 
_entity.pdbx_description 
_entity.formula_weight 
_entity.pdbx_number_of_molecules 
_entity.pdbx_ec 
_entity.pdbx_mutation 
_entity.pdbx_fragment 
_entity.details 
1 polymer     man 'Bromodomain adjacent to zinc finger domain protein 2A'  12380.919 1  ? 
'First two residues SM derive from the expression tag' 'Bromodomain (residues 1796-1899)' ? 
2 non-polymer syn '5-(4-azanylpiperidin-1-yl)carbonyl-1~{H}-pyridin-2-one' 221.256   1  ? ? ?                                  ? 
3 water       nat water                                                    18.015    21 ? ? ?                                  ? 
# 
_entity_name_com.entity_id   1 
_entity_name_com.name        'Transcription termination factor I-interacting protein 5,Tip5,hWALp3' 
# 
_entity_poly.entity_id                      1 
_entity_poly.type                           'polypeptide(L)' 
_entity_poly.nstd_linkage                   no 
_entity_poly.nstd_monomer                   no 
_entity_poly.pdbx_seq_one_letter_code       
;SMHSDLTFCEIILMEMESHDAAWPFLEPVNPRLVSGYRRIIKNPMDFSTMRERLLRGGYTSSEEFAADALLVFDNCQTFN
EDDSEVGKAGHIMRRFFESRWEEFY
;
_entity_poly.pdbx_seq_one_letter_code_can   
;SMHSDLTFCEIILMEMESHDAAWPFLEPVNPRLVSGYRRIIKNPMDFSTMRERLLRGGYTSSEEFAADALLVFDNCQTFN
EDDSEVGKAGHIMRRFFESRWEEFY
;
_entity_poly.pdbx_strand_id                 A 
_entity_poly.pdbx_target_identifier         ? 
# 
loop_
_pdbx_entity_nonpoly.entity_id 
_pdbx_entity_nonpoly.name 
_pdbx_entity_nonpoly.comp_id 
2 '5-(4-azanylpiperidin-1-yl)carbonyl-1~{H}-pyridin-2-one' FI9 
3 water                                                    HOH 
# 
loop_
_entity_poly_seq.entity_id 
_entity_poly_seq.num 
_entity_poly_seq.mon_id 
_entity_poly_seq.hetero 
1 1   SER n 
1 2   MET n 
1 3   HIS n 
1 4   SER n 
1 5   ASP n 
1 6   LEU n 
1 7   THR n 
1 8   PHE n 
1 9   CYS n 
1 10  GLU n 
1 11  ILE n 
1 12  ILE n 
1 13  LEU n 
1 14  MET n 
1 15  GLU n 
1 16  MET n 
1 17  GLU n 
1 18  SER n 
1 19  HIS n 
1 20  ASP n 
1 21  ALA n 
1 22  ALA n 
1 23  TRP n 
1 24  PRO n 
1 25  PHE n 
1 26  LEU n 
1 27  GLU n 
1 28  PRO n 
1 29  VAL n 
1 30  ASN n 
1 31  PRO n 
1 32  ARG n 
1 33  LEU n 
1 34  VAL n 
1 35  SER n 
1 36  GLY n 
1 37  TYR n 
1 38  ARG n 
1 39  ARG n 
1 40  ILE n 
1 41  ILE n 
1 42  LYS n 
1 43  ASN n 
1 44  PRO n 
1 45  MET n 
1 46  ASP n 
1 47  PHE n 
1 48  SER n 
1 49  THR n 
1 50  MET n 
1 51  ARG n 
1 52  GLU n 
1 53  ARG n 
1 54  LEU n 
1 55  LEU n 
1 56  ARG n 
1 57  GLY n 
1 58  GLY n 
1 59  TYR n 
1 60  THR n 
1 61  SER n 
1 62  SER n 
1 63  GLU n 
1 64  GLU n 
1 65  PHE n 
1 66  ALA n 
1 67  ALA n 
1 68  ASP n 
1 69  ALA n 
1 70  LEU n 
1 71  LEU n 
1 72  VAL n 
1 73  PHE n 
1 74  ASP n 
1 75  ASN n 
1 76  CYS n 
1 77  GLN n 
1 78  THR n 
1 79  PHE n 
1 80  ASN n 
1 81  GLU n 
1 82  ASP n 
1 83  ASP n 
1 84  SER n 
1 85  GLU n 
1 86  VAL n 
1 87  GLY n 
1 88  LYS n 
1 89  ALA n 
1 90  GLY n 
1 91  HIS n 
1 92  ILE n 
1 93  MET n 
1 94  ARG n 
1 95  ARG n 
1 96  PHE n 
1 97  PHE n 
1 98  GLU n 
1 99  SER n 
1 100 ARG n 
1 101 TRP n 
1 102 GLU n 
1 103 GLU n 
1 104 PHE n 
1 105 TYR n 
# 
_entity_src_gen.entity_id                          1 
_entity_src_gen.pdbx_src_id                        1 
_entity_src_gen.pdbx_alt_source_flag               sample 
_entity_src_gen.pdbx_seq_type                      'Biological sequence' 
_entity_src_gen.pdbx_beg_seq_num                   1 
_entity_src_gen.pdbx_end_seq_num                   105 
_entity_src_gen.gene_src_common_name               human 
_entity_src_gen.gene_src_genus                     ? 
_entity_src_gen.pdbx_gene_src_gene                 'BAZ2A, KIAA0314, TIP5' 
_entity_src_gen.gene_src_species                   ? 
_entity_src_gen.gene_src_strain                    ? 
_entity_src_gen.gene_src_tissue                    ? 
_entity_src_gen.gene_src_tissue_fraction           ? 
_entity_src_gen.gene_src_details                   ? 
_entity_src_gen.pdbx_gene_src_fragment             ? 
_entity_src_gen.pdbx_gene_src_scientific_name      'Homo sapiens' 
_entity_src_gen.pdbx_gene_src_ncbi_taxonomy_id     9606 
_entity_src_gen.pdbx_gene_src_variant              ? 
_entity_src_gen.pdbx_gene_src_cell_line            ? 
_entity_src_gen.pdbx_gene_src_atcc                 ? 
_entity_src_gen.pdbx_gene_src_organ                ? 
_entity_src_gen.pdbx_gene_src_organelle            ? 
_entity_src_gen.pdbx_gene_src_cell                 ? 
_entity_src_gen.pdbx_gene_src_cellular_location    ? 
_entity_src_gen.host_org_common_name               ? 
_entity_src_gen.pdbx_host_org_scientific_name      'Escherichia coli' 
_entity_src_gen.pdbx_host_org_ncbi_taxonomy_id     562 
_entity_src_gen.host_org_genus                     ? 
_entity_src_gen.pdbx_host_org_gene                 ? 
_entity_src_gen.pdbx_host_org_organ                ? 
_entity_src_gen.host_org_species                   ? 
_entity_src_gen.pdbx_host_org_tissue               ? 
_entity_src_gen.pdbx_host_org_tissue_fraction      ? 
_entity_src_gen.pdbx_host_org_strain               ? 
_entity_src_gen.pdbx_host_org_variant              ? 
_entity_src_gen.pdbx_host_org_cell_line            ? 
_entity_src_gen.pdbx_host_org_atcc                 ? 
_entity_src_gen.pdbx_host_org_culture_collection   ? 
_entity_src_gen.pdbx_host_org_cell                 ? 
_entity_src_gen.pdbx_host_org_organelle            ? 
_entity_src_gen.pdbx_host_org_cellular_location    ? 
_entity_src_gen.pdbx_host_org_vector_type          ? 
_entity_src_gen.pdbx_host_org_vector               ? 
_entity_src_gen.host_org_details                   ? 
_entity_src_gen.expression_system_id               ? 
_entity_src_gen.plasmid_name                       ? 
_entity_src_gen.plasmid_details                    ? 
_entity_src_gen.pdbx_description                   ? 
# 
loop_
_chem_comp.id 
_chem_comp.type 
_chem_comp.mon_nstd_flag 
_chem_comp.name 
_chem_comp.pdbx_synonyms 
_chem_comp.formula 
_chem_comp.formula_weight 
ALA 'L-peptide linking' y ALANINE                                                  ? 'C3 H7 N O2'     89.093  
ARG 'L-peptide linking' y ARGININE                                                 ? 'C6 H15 N4 O2 1' 175.209 
ASN 'L-peptide linking' y ASPARAGINE                                               ? 'C4 H8 N2 O3'    132.118 
ASP 'L-peptide linking' y 'ASPARTIC ACID'                                          ? 'C4 H7 N O4'     133.103 
CYS 'L-peptide linking' y CYSTEINE                                                 ? 'C3 H7 N O2 S'   121.158 
FI9 non-polymer         . '5-(4-azanylpiperidin-1-yl)carbonyl-1~{H}-pyridin-2-one' ? 'C11 H15 N3 O2'  221.256 
GLN 'L-peptide linking' y GLUTAMINE                                                ? 'C5 H10 N2 O3'   146.144 
GLU 'L-peptide linking' y 'GLUTAMIC ACID'                                          ? 'C5 H9 N O4'     147.129 
GLY 'peptide linking'   y GLYCINE                                                  ? 'C2 H5 N O2'     75.067  
HIS 'L-peptide linking' y HISTIDINE                                                ? 'C6 H10 N3 O2 1' 156.162 
HOH non-polymer         . WATER                                                    ? 'H2 O'           18.015  
ILE 'L-peptide linking' y ISOLEUCINE                                               ? 'C6 H13 N O2'    131.173 
LEU 'L-peptide linking' y LEUCINE                                                  ? 'C6 H13 N O2'    131.173 
LYS 'L-peptide linking' y LYSINE                                                   ? 'C6 H15 N2 O2 1' 147.195 
MET 'L-peptide linking' y METHIONINE                                               ? 'C5 H11 N O2 S'  149.211 
PHE 'L-peptide linking' y PHENYLALANINE                                            ? 'C9 H11 N O2'    165.189 
PRO 'L-peptide linking' y PROLINE                                                  ? 'C5 H9 N O2'     115.130 
SER 'L-peptide linking' y SERINE                                                   ? 'C3 H7 N O3'     105.093 
THR 'L-peptide linking' y THREONINE                                                ? 'C4 H9 N O3'     119.119 
TRP 'L-peptide linking' y TRYPTOPHAN                                               ? 'C11 H12 N2 O2'  204.225 
TYR 'L-peptide linking' y TYROSINE                                                 ? 'C9 H11 N O3'    181.189 
VAL 'L-peptide linking' y VALINE                                                   ? 'C5 H11 N O2'    117.146 
# 
loop_
_pdbx_poly_seq_scheme.asym_id 
_pdbx_poly_seq_scheme.entity_id 
_pdbx_poly_seq_scheme.seq_id 
_pdbx_poly_seq_scheme.mon_id 
_pdbx_poly_seq_scheme.ndb_seq_num 
_pdbx_poly_seq_scheme.pdb_seq_num 
_pdbx_poly_seq_scheme.auth_seq_num 
_pdbx_poly_seq_scheme.pdb_mon_id 
_pdbx_poly_seq_scheme.auth_mon_id 
_pdbx_poly_seq_scheme.pdb_strand_id 
_pdbx_poly_seq_scheme.pdb_ins_code 
_pdbx_poly_seq_scheme.hetero 
A 1 1   SER 1   1794 ?    ?   ?   A . n 
A 1 2   MET 2   1795 ?    ?   ?   A . n 
A 1 3   HIS 3   1796 1796 HIS HIS A . n 
A 1 4   SER 4   1797 1797 SER SER A . n 
A 1 5   ASP 5   1798 1798 ASP ASP A . n 
A 1 6   LEU 6   1799 1799 LEU LEU A . n 
A 1 7   THR 7   1800 1800 THR THR A . n 
A 1 8   PHE 8   1801 1801 PHE PHE A . n 
A 1 9   CYS 9   1802 1802 CYS CYS A . n 
A 1 10  GLU 10  1803 1803 GLU GLU A . n 
A 1 11  ILE 11  1804 1804 ILE ILE A . n 
A 1 12  ILE 12  1805 1805 ILE ILE A . n 
A 1 13  LEU 13  1806 1806 LEU LEU A . n 
A 1 14  MET 14  1807 1807 MET MET A . n 
A 1 15  GLU 15  1808 1808 GLU GLU A . n 
A 1 16  MET 16  1809 1809 MET MET A . n 
A 1 17  GLU 17  1810 1810 GLU GLU A . n 
A 1 18  SER 18  1811 1811 SER SER A . n 
A 1 19  HIS 19  1812 1812 HIS HIS A . n 
A 1 20  ASP 20  1813 1813 ASP ASP A . n 
A 1 21  ALA 21  1814 1814 ALA ALA A . n 
A 1 22  ALA 22  1815 1815 ALA ALA A . n 
A 1 23  TRP 23  1816 1816 TRP TRP A . n 
A 1 24  PRO 24  1817 1817 PRO PRO A . n 
A 1 25  PHE 25  1818 1818 PHE PHE A . n 
A 1 26  LEU 26  1819 1819 LEU LEU A . n 
A 1 27  GLU 27  1820 1820 GLU GLU A . n 
A 1 28  PRO 28  1821 1821 PRO PRO A . n 
A 1 29  VAL 29  1822 1822 VAL VAL A . n 
A 1 30  ASN 30  1823 1823 ASN ASN A . n 
A 1 31  PRO 31  1824 1824 PRO PRO A . n 
A 1 32  ARG 32  1825 1825 ARG ARG A . n 
A 1 33  LEU 33  1826 1826 LEU LEU A . n 
A 1 34  VAL 34  1827 1827 VAL VAL A . n 
A 1 35  SER 35  1828 1828 SER SER A . n 
A 1 36  GLY 36  1829 1829 GLY GLY A . n 
A 1 37  TYR 37  1830 1830 TYR TYR A . n 
A 1 38  ARG 38  1831 1831 ARG ARG A . n 
A 1 39  ARG 39  1832 1832 ARG ARG A . n 
A 1 40  ILE 40  1833 1833 ILE ILE A . n 
A 1 41  ILE 41  1834 1834 ILE ILE A . n 
A 1 42  LYS 42  1835 1835 LYS LYS A . n 
A 1 43  ASN 43  1836 1836 ASN ASN A . n 
A 1 44  PRO 44  1837 1837 PRO PRO A . n 
A 1 45  MET 45  1838 1838 MET MET A . n 
A 1 46  ASP 46  1839 1839 ASP ASP A . n 
A 1 47  PHE 47  1840 1840 PHE PHE A . n 
A 1 48  SER 48  1841 1841 SER SER A . n 
A 1 49  THR 49  1842 1842 THR THR A . n 
A 1 50  MET 50  1843 1843 MET MET A . n 
A 1 51  ARG 51  1844 1844 ARG ARG A . n 
A 1 52  GLU 52  1845 1845 GLU GLU A . n 
A 1 53  ARG 53  1846 1846 ARG ARG A . n 
A 1 54  LEU 54  1847 1847 LEU LEU A . n 
A 1 55  LEU 55  1848 1848 LEU LEU A . n 
A 1 56  ARG 56  1849 1849 ARG ARG A . n 
A 1 57  GLY 57  1850 1850 GLY GLY A . n 
A 1 58  GLY 58  1851 1851 GLY GLY A . n 
A 1 59  TYR 59  1852 1852 TYR TYR A . n 
A 1 60  THR 60  1853 1853 THR THR A . n 
A 1 61  SER 61  1854 1854 SER SER A . n 
A 1 62  SER 62  1855 1855 SER SER A . n 
A 1 63  GLU 63  1856 1856 GLU GLU A . n 
A 1 64  GLU 64  1857 1857 GLU GLU A . n 
A 1 65  PHE 65  1858 1858 PHE PHE A . n 
A 1 66  ALA 66  1859 1859 ALA ALA A . n 
A 1 67  ALA 67  1860 1860 ALA ALA A . n 
A 1 68  ASP 68  1861 1861 ASP ASP A . n 
A 1 69  ALA 69  1862 1862 ALA ALA A . n 
A 1 70  LEU 70  1863 1863 LEU LEU A . n 
A 1 71  LEU 71  1864 1864 LEU LEU A . n 
A 1 72  VAL 72  1865 1865 VAL VAL A . n 
A 1 73  PHE 73  1866 1866 PHE PHE A . n 
A 1 74  ASP 74  1867 1867 ASP ASP A . n 
A 1 75  ASN 75  1868 1868 ASN ASN A . n 
A 1 76  CYS 76  1869 1869 CYS CYS A . n 
A 1 77  GLN 77  1870 1870 GLN GLN A . n 
A 1 78  THR 78  1871 1871 THR THR A . n 
A 1 79  PHE 79  1872 1872 PHE PHE A . n 
A 1 80  ASN 80  1873 1873 ASN ASN A . n 
A 1 81  GLU 81  1874 1874 GLU GLU A . n 
A 1 82  ASP 82  1875 1875 ASP ASP A . n 
A 1 83  ASP 83  1876 1876 ASP ASP A . n 
A 1 84  SER 84  1877 1877 SER SER A . n 
A 1 85  GLU 85  1878 1878 GLU GLU A . n 
A 1 86  VAL 86  1879 1879 VAL VAL A . n 
A 1 87  GLY 87  1880 1880 GLY GLY A . n 
A 1 88  LYS 88  1881 1881 LYS LYS A . n 
A 1 89  ALA 89  1882 1882 ALA ALA A . n 
A 1 90  GLY 90  1883 1883 GLY GLY A . n 
A 1 91  HIS 91  1884 1884 HIS HIS A . n 
A 1 92  ILE 92  1885 1885 ILE ILE A . n 
A 1 93  MET 93  1886 1886 MET MET A . n 
A 1 94  ARG 94  1887 1887 ARG ARG A . n 
A 1 95  ARG 95  1888 1888 ARG ARG A . n 
A 1 96  PHE 96  1889 1889 PHE PHE A . n 
A 1 97  PHE 97  1890 1890 PHE PHE A . n 
A 1 98  GLU 98  1891 1891 GLU GLU A . n 
A 1 99  SER 99  1892 1892 SER SER A . n 
A 1 100 ARG 100 1893 1893 ARG ARG A . n 
A 1 101 TRP 101 1894 1894 TRP TRP A . n 
A 1 102 GLU 102 1895 1895 GLU GLU A . n 
A 1 103 GLU 103 1896 1896 GLU GLU A . n 
A 1 104 PHE 104 1897 1897 PHE PHE A . n 
A 1 105 TYR 105 1898 1898 TYR TYR A . n 
# 
loop_
_pdbx_nonpoly_scheme.asym_id 
_pdbx_nonpoly_scheme.entity_id 
_pdbx_nonpoly_scheme.mon_id 
_pdbx_nonpoly_scheme.ndb_seq_num 
_pdbx_nonpoly_scheme.pdb_seq_num 
_pdbx_nonpoly_scheme.auth_seq_num 
_pdbx_nonpoly_scheme.pdb_mon_id 
_pdbx_nonpoly_scheme.auth_mon_id 
_pdbx_nonpoly_scheme.pdb_strand_id 
_pdbx_nonpoly_scheme.pdb_ins_code 
B 2 FI9 1  1901 1901 FI9 B36 A . 
C 3 HOH 1  2001 18   HOH HOH A . 
C 3 HOH 2  2002 17   HOH HOH A . 
C 3 HOH 3  2003 5    HOH HOH A . 
C 3 HOH 4  2004 6    HOH HOH A . 
C 3 HOH 5  2005 4    HOH HOH A . 
C 3 HOH 6  2006 1    HOH HOH A . 
C 3 HOH 7  2007 16   HOH HOH A . 
C 3 HOH 8  2008 2    HOH HOH A . 
C 3 HOH 9  2009 21   HOH HOH A . 
C 3 HOH 10 2010 3    HOH HOH A . 
C 3 HOH 11 2011 7    HOH HOH A . 
C 3 HOH 12 2012 11   HOH HOH A . 
C 3 HOH 13 2013 9    HOH HOH A . 
C 3 HOH 14 2014 15   HOH HOH A . 
C 3 HOH 15 2015 19   HOH HOH A . 
C 3 HOH 16 2016 13   HOH HOH A . 
C 3 HOH 17 2017 20   HOH HOH A . 
C 3 HOH 18 2018 10   HOH HOH A . 
C 3 HOH 19 2019 12   HOH HOH A . 
C 3 HOH 20 2020 8    HOH HOH A . 
C 3 HOH 21 2021 14   HOH HOH A . 
# 
loop_
_software.citation_id 
_software.classification 
_software.compiler_name 
_software.compiler_version 
_software.contact_author 
_software.contact_author_email 
_software.date 
_software.description 
_software.dependencies 
_software.hardware 
_software.language 
_software.location 
_software.mods 
_software.name 
_software.os 
_software.os_version 
_software.type 
_software.version 
_software.pdbx_ordinal 
? 'data reduction'  ? ? ? ? ? ? ? ? ? ? ? XDS         ? ? ? .      1 
? 'data scaling'    ? ? ? ? ? ? ? ? ? ? ? Aimless     ? ? ? 0.7.3  2 
? phasing           ? ? ? ? ? ? ? ? ? ? ? PHASER      ? ? ? .      3 
? refinement        ? ? ? ? ? ? ? ? ? ? ? PHENIX      ? ? ? 1.11.1 4 
? 'data extraction' ? ? ? ? ? ? ? ? ? ? ? PDB_EXTRACT ? ? ? 3.27   5 
# 
_cell.angle_alpha                  90.000 
_cell.angle_alpha_esd              ? 
_cell.angle_beta                   90.000 
_cell.angle_beta_esd               ? 
_cell.angle_gamma                  120.000 
_cell.angle_gamma_esd              ? 
_cell.entry_id                     7QVV 
_cell.details                      ? 
_cell.formula_units_Z              ? 
_cell.length_a                     91.446 
_cell.length_a_esd                 ? 
_cell.length_b                     91.446 
_cell.length_b_esd                 ? 
_cell.length_c                     32.627 
_cell.length_c_esd                 ? 
_cell.volume                       ? 
_cell.volume_esd                   ? 
_cell.Z_PDB                        6 
_cell.reciprocal_angle_alpha       ? 
_cell.reciprocal_angle_beta        ? 
_cell.reciprocal_angle_gamma       ? 
_cell.reciprocal_angle_alpha_esd   ? 
_cell.reciprocal_angle_beta_esd    ? 
_cell.reciprocal_angle_gamma_esd   ? 
_cell.reciprocal_length_a          ? 
_cell.reciprocal_length_b          ? 
_cell.reciprocal_length_c          ? 
_cell.reciprocal_length_a_esd      ? 
_cell.reciprocal_length_b_esd      ? 
_cell.reciprocal_length_c_esd      ? 
_cell.pdbx_unique_axis             ? 
# 
_symmetry.entry_id                         7QVV 
_symmetry.cell_setting                     ? 
_symmetry.Int_Tables_number                152 
_symmetry.space_group_name_Hall            ? 
_symmetry.space_group_name_H-M             'P 31 2 1' 
_symmetry.pdbx_full_space_group_name_H-M   ? 
# 
_exptl.absorpt_coefficient_mu     ? 
_exptl.absorpt_correction_T_max   ? 
_exptl.absorpt_correction_T_min   ? 
_exptl.absorpt_correction_type    ? 
_exptl.absorpt_process_details    ? 
_exptl.entry_id                   7QVV 
_exptl.crystals_number            1 
_exptl.details                    ? 
_exptl.method                     'X-RAY DIFFRACTION' 
_exptl.method_details             ? 
# 
_exptl_crystal.colour                      ? 
_exptl_crystal.density_diffrn              ? 
_exptl_crystal.density_Matthews            3.18 
_exptl_crystal.density_method              ? 
_exptl_crystal.density_percent_sol         61.33 
_exptl_crystal.description                 ? 
_exptl_crystal.F_000                       ? 
_exptl_crystal.id                          1 
_exptl_crystal.preparation                 ? 
_exptl_crystal.size_max                    ? 
_exptl_crystal.size_mid                    ? 
_exptl_crystal.size_min                    ? 
_exptl_crystal.size_rad                    ? 
_exptl_crystal.colour_lustre               ? 
_exptl_crystal.colour_modifier             ? 
_exptl_crystal.colour_primary              ? 
_exptl_crystal.density_meas                ? 
_exptl_crystal.density_meas_esd            ? 
_exptl_crystal.density_meas_gt             ? 
_exptl_crystal.density_meas_lt             ? 
_exptl_crystal.density_meas_temp           ? 
_exptl_crystal.density_meas_temp_esd       ? 
_exptl_crystal.density_meas_temp_gt        ? 
_exptl_crystal.density_meas_temp_lt        ? 
_exptl_crystal.pdbx_crystal_image_url      ? 
_exptl_crystal.pdbx_crystal_image_format   ? 
_exptl_crystal.pdbx_mosaicity              0.600 
_exptl_crystal.pdbx_mosaicity_esd          ? 
# 
_exptl_crystal_grow.apparatus       ? 
_exptl_crystal_grow.atmosphere      ? 
_exptl_crystal_grow.crystal_id      1 
_exptl_crystal_grow.details         ? 
_exptl_crystal_grow.method          'VAPOR DIFFUSION, SITTING DROP' 
_exptl_crystal_grow.method_ref      ? 
_exptl_crystal_grow.pH              7.5 
_exptl_crystal_grow.pressure        ? 
_exptl_crystal_grow.pressure_esd    ? 
_exptl_crystal_grow.seeding         ? 
_exptl_crystal_grow.seeding_ref     ? 
_exptl_crystal_grow.temp            277 
_exptl_crystal_grow.temp_details    ? 
_exptl_crystal_grow.temp_esd        ? 
_exptl_crystal_grow.time            ? 
_exptl_crystal_grow.pdbx_details    '20% PEG3350, 0.2 M MgCl2' 
_exptl_crystal_grow.pdbx_pH_range   ? 
# 
_diffrn.ambient_environment              ? 
_diffrn.ambient_temp                     100 
_diffrn.ambient_temp_details             ? 
_diffrn.ambient_temp_esd                 ? 
_diffrn.crystal_id                       1 
_diffrn.crystal_support                  ? 
_diffrn.crystal_treatment                ? 
_diffrn.details                          ? 
_diffrn.id                               1 
_diffrn.ambient_pressure                 ? 
_diffrn.ambient_pressure_esd             ? 
_diffrn.ambient_pressure_gt              ? 
_diffrn.ambient_pressure_lt              ? 
_diffrn.ambient_temp_gt                  ? 
_diffrn.ambient_temp_lt                  ? 
_diffrn.pdbx_serial_crystal_experiment   N 
# 
_diffrn_detector.details                      ? 
_diffrn_detector.detector                     PIXEL 
_diffrn_detector.diffrn_id                    1 
_diffrn_detector.type                         'DECTRIS PILATUS 2M' 
_diffrn_detector.area_resol_mean              ? 
_diffrn_detector.dtime                        ? 
_diffrn_detector.pdbx_frames_total            ? 
_diffrn_detector.pdbx_collection_time_total   ? 
_diffrn_detector.pdbx_collection_date         2019-03-26 
_diffrn_detector.pdbx_frequency               ? 
# 
_diffrn_radiation.collimation                      ? 
_diffrn_radiation.diffrn_id                        1 
_diffrn_radiation.filter_edge                      ? 
_diffrn_radiation.inhomogeneity                    ? 
_diffrn_radiation.monochromator                    ? 
_diffrn_radiation.polarisn_norm                    ? 
_diffrn_radiation.polarisn_ratio                   ? 
_diffrn_radiation.probe                            ? 
_diffrn_radiation.type                             ? 
_diffrn_radiation.xray_symbol                      ? 
_diffrn_radiation.wavelength_id                    1 
_diffrn_radiation.pdbx_monochromatic_or_laue_m_l   M 
_diffrn_radiation.pdbx_wavelength_list             ? 
_diffrn_radiation.pdbx_wavelength                  ? 
_diffrn_radiation.pdbx_diffrn_protocol             'SINGLE WAVELENGTH' 
_diffrn_radiation.pdbx_analyzer                    ? 
_diffrn_radiation.pdbx_scattering_type             x-ray 
# 
_diffrn_radiation_wavelength.id           1 
_diffrn_radiation_wavelength.wavelength   1.000 
_diffrn_radiation_wavelength.wt           1.0 
# 
_diffrn_source.current                     ? 
_diffrn_source.details                     ? 
_diffrn_source.diffrn_id                   1 
_diffrn_source.power                       ? 
_diffrn_source.size                        ? 
_diffrn_source.source                      SYNCHROTRON 
_diffrn_source.target                      ? 
_diffrn_source.type                        'ELETTRA BEAMLINE 5.2R' 
_diffrn_source.voltage                     ? 
_diffrn_source.take-off_angle              ? 
_diffrn_source.pdbx_wavelength_list        1.000 
_diffrn_source.pdbx_wavelength             ? 
_diffrn_source.pdbx_synchrotron_beamline   5.2R 
_diffrn_source.pdbx_synchrotron_site       ELETTRA 
# 
_reflns.B_iso_Wilson_estimate                          ? 
_reflns.entry_id                                       7QVV 
_reflns.data_reduction_details                         ? 
_reflns.data_reduction_method                          ? 
_reflns.d_resolution_high                              2.600 
_reflns.d_resolution_low                               45.720 
_reflns.details                                        ? 
_reflns.limit_h_max                                    ? 
_reflns.limit_h_min                                    ? 
_reflns.limit_k_max                                    ? 
_reflns.limit_k_min                                    ? 
_reflns.limit_l_max                                    ? 
_reflns.limit_l_min                                    ? 
_reflns.number_all                                     ? 
_reflns.number_obs                                     5008 
_reflns.observed_criterion                             ? 
_reflns.observed_criterion_F_max                       ? 
_reflns.observed_criterion_F_min                       ? 
_reflns.observed_criterion_I_max                       ? 
_reflns.observed_criterion_I_min                       ? 
_reflns.observed_criterion_sigma_F                     ? 
_reflns.observed_criterion_sigma_I                     ? 
_reflns.percent_possible_obs                           99.900 
_reflns.R_free_details                                 ? 
_reflns.Rmerge_F_all                                   ? 
_reflns.Rmerge_F_obs                                   ? 
_reflns.Friedel_coverage                               ? 
_reflns.number_gt                                      ? 
_reflns.threshold_expression                           ? 
_reflns.pdbx_redundancy                                10.100 
_reflns.pdbx_Rmerge_I_obs                              0.209 
_reflns.pdbx_Rmerge_I_all                              ? 
_reflns.pdbx_Rsym_value                                ? 
_reflns.pdbx_netI_over_av_sigmaI                       ? 
_reflns.pdbx_netI_over_sigmaI                          10.600 
_reflns.pdbx_res_netI_over_av_sigmaI_2                 ? 
_reflns.pdbx_res_netI_over_sigmaI_2                    ? 
_reflns.pdbx_chi_squared                               ? 
_reflns.pdbx_scaling_rejects                           ? 
_reflns.pdbx_d_res_high_opt                            ? 
_reflns.pdbx_d_res_low_opt                             ? 
_reflns.pdbx_d_res_opt_method                          ? 
_reflns.phase_calculation_details                      ? 
_reflns.pdbx_Rrim_I_all                                0.221 
_reflns.pdbx_Rpim_I_all                                0.069 
_reflns.pdbx_d_opt                                     ? 
_reflns.pdbx_number_measured_all                       50649 
_reflns.pdbx_diffrn_id                                 1 
_reflns.pdbx_ordinal                                   1 
_reflns.pdbx_CC_half                                   0.994 
_reflns.pdbx_CC_star                                   ? 
_reflns.pdbx_R_split                                   ? 
_reflns.pdbx_aniso_diffraction_limit_axis_1_ortho[1]   ? 
_reflns.pdbx_aniso_diffraction_limit_axis_1_ortho[2]   ? 
_reflns.pdbx_aniso_diffraction_limit_axis_1_ortho[3]   ? 
_reflns.pdbx_aniso_diffraction_limit_axis_2_ortho[1]   ? 
_reflns.pdbx_aniso_diffraction_limit_axis_2_ortho[2]   ? 
_reflns.pdbx_aniso_diffraction_limit_axis_2_ortho[3]   ? 
_reflns.pdbx_aniso_diffraction_limit_axis_3_ortho[1]   ? 
_reflns.pdbx_aniso_diffraction_limit_axis_3_ortho[2]   ? 
_reflns.pdbx_aniso_diffraction_limit_axis_3_ortho[3]   ? 
_reflns.pdbx_aniso_diffraction_limit_1                 ? 
_reflns.pdbx_aniso_diffraction_limit_2                 ? 
_reflns.pdbx_aniso_diffraction_limit_3                 ? 
_reflns.pdbx_aniso_B_tensor_eigenvector_1_ortho[1]     ? 
_reflns.pdbx_aniso_B_tensor_eigenvector_1_ortho[2]     ? 
_reflns.pdbx_aniso_B_tensor_eigenvector_1_ortho[3]     ? 
_reflns.pdbx_aniso_B_tensor_eigenvector_2_ortho[1]     ? 
_reflns.pdbx_aniso_B_tensor_eigenvector_2_ortho[2]     ? 
_reflns.pdbx_aniso_B_tensor_eigenvector_2_ortho[3]     ? 
_reflns.pdbx_aniso_B_tensor_eigenvector_3_ortho[1]     ? 
_reflns.pdbx_aniso_B_tensor_eigenvector_3_ortho[2]     ? 
_reflns.pdbx_aniso_B_tensor_eigenvector_3_ortho[3]     ? 
_reflns.pdbx_aniso_B_tensor_eigenvalue_1               ? 
_reflns.pdbx_aniso_B_tensor_eigenvalue_2               ? 
_reflns.pdbx_aniso_B_tensor_eigenvalue_3               ? 
_reflns.pdbx_orthogonalization_convention              ? 
_reflns.pdbx_percent_possible_ellipsoidal              ? 
_reflns.pdbx_percent_possible_spherical                ? 
_reflns.pdbx_percent_possible_ellipsoidal_anomalous    ? 
_reflns.pdbx_percent_possible_spherical_anomalous      ? 
_reflns.pdbx_redundancy_anomalous                      ? 
_reflns.pdbx_CC_half_anomalous                         ? 
_reflns.pdbx_absDiff_over_sigma_anomalous              ? 
_reflns.pdbx_percent_possible_anomalous                ? 
_reflns.pdbx_observed_signal_threshold                 ? 
_reflns.pdbx_signal_type                               ? 
_reflns.pdbx_signal_details                            ? 
_reflns.pdbx_signal_software_id                        ? 
# 
loop_
_reflns_shell.d_res_high 
_reflns_shell.d_res_low 
_reflns_shell.meanI_over_sigI_all 
_reflns_shell.meanI_over_sigI_obs 
_reflns_shell.number_measured_all 
_reflns_shell.number_measured_obs 
_reflns_shell.number_possible 
_reflns_shell.number_unique_all 
_reflns_shell.number_unique_obs 
_reflns_shell.percent_possible_all 
_reflns_shell.percent_possible_obs 
_reflns_shell.Rmerge_F_all 
_reflns_shell.Rmerge_F_obs 
_reflns_shell.Rmerge_I_all 
_reflns_shell.Rmerge_I_obs 
_reflns_shell.meanI_over_sigI_gt 
_reflns_shell.meanI_over_uI_all 
_reflns_shell.meanI_over_uI_gt 
_reflns_shell.number_measured_gt 
_reflns_shell.number_unique_gt 
_reflns_shell.percent_possible_gt 
_reflns_shell.Rmerge_F_gt 
_reflns_shell.Rmerge_I_gt 
_reflns_shell.pdbx_redundancy 
_reflns_shell.pdbx_Rsym_value 
_reflns_shell.pdbx_chi_squared 
_reflns_shell.pdbx_netI_over_sigmaI_all 
_reflns_shell.pdbx_netI_over_sigmaI_obs 
_reflns_shell.pdbx_Rrim_I_all 
_reflns_shell.pdbx_Rpim_I_all 
_reflns_shell.pdbx_rejects 
_reflns_shell.pdbx_ordinal 
_reflns_shell.pdbx_diffrn_id 
_reflns_shell.pdbx_CC_half 
_reflns_shell.pdbx_CC_star 
_reflns_shell.pdbx_R_split 
_reflns_shell.pdbx_percent_possible_ellipsoidal 
_reflns_shell.pdbx_percent_possible_spherical 
_reflns_shell.pdbx_percent_possible_ellipsoidal_anomalous 
_reflns_shell.pdbx_percent_possible_spherical_anomalous 
_reflns_shell.pdbx_redundancy_anomalous 
_reflns_shell.pdbx_CC_half_anomalous 
_reflns_shell.pdbx_absDiff_over_sigma_anomalous 
_reflns_shell.pdbx_percent_possible_anomalous 
2.600 2.720  ? ? 6012 ? ? ? 611 100.000 ? ? ? ? 1.408 ? ? ? ? ? ? ? ? 9.800  ? ? ? 2.000  1.486 0.471 ? 1 1 0.661 ? ? ? ? ? ? ? ? 
? ? 
9.010 45.720 ? ? 1374 ? ? ? 138 98.800  ? ? ? ? 0.058 ? ? ? ? ? ? ? ? 10.000 ? ? ? 29.000 0.062 0.020 ? 2 1 0.998 ? ? ? ? ? ? ? ? 
? ? 
# 
_refine.aniso_B[1][1]                            ? 
_refine.aniso_B[1][2]                            ? 
_refine.aniso_B[1][3]                            ? 
_refine.aniso_B[2][2]                            ? 
_refine.aniso_B[2][3]                            ? 
_refine.aniso_B[3][3]                            ? 
_refine.B_iso_max                                108.640 
_refine.B_iso_mean                               53.7712 
_refine.B_iso_min                                18.480 
_refine.correlation_coeff_Fo_to_Fc               ? 
_refine.correlation_coeff_Fo_to_Fc_free          ? 
_refine.details                                  ? 
_refine.diff_density_max                         ? 
_refine.diff_density_max_esd                     ? 
_refine.diff_density_min                         ? 
_refine.diff_density_min_esd                     ? 
_refine.diff_density_rms                         ? 
_refine.diff_density_rms_esd                     ? 
_refine.entry_id                                 7QVV 
_refine.pdbx_refine_id                           'X-RAY DIFFRACTION' 
_refine.ls_abs_structure_details                 ? 
_refine.ls_abs_structure_Flack                   ? 
_refine.ls_abs_structure_Flack_esd               ? 
_refine.ls_abs_structure_Rogers                  ? 
_refine.ls_abs_structure_Rogers_esd              ? 
_refine.ls_d_res_high                            2.6010 
_refine.ls_d_res_low                             30.1670 
_refine.ls_extinction_coef                       ? 
_refine.ls_extinction_coef_esd                   ? 
_refine.ls_extinction_expression                 ? 
_refine.ls_extinction_method                     ? 
_refine.ls_goodness_of_fit_all                   ? 
_refine.ls_goodness_of_fit_all_esd               ? 
_refine.ls_goodness_of_fit_obs                   ? 
_refine.ls_goodness_of_fit_obs_esd               ? 
_refine.ls_hydrogen_treatment                    ? 
_refine.ls_matrix_type                           ? 
_refine.ls_number_constraints                    ? 
_refine.ls_number_parameters                     ? 
_refine.ls_number_reflns_all                     ? 
_refine.ls_number_reflns_obs                     4998 
_refine.ls_number_reflns_R_free                  234 
_refine.ls_number_reflns_R_work                  4764 
_refine.ls_number_restraints                     ? 
_refine.ls_percent_reflns_obs                    99.8600 
_refine.ls_percent_reflns_R_free                 4.6800 
_refine.ls_R_factor_all                          ? 
_refine.ls_R_factor_obs                          0.2275 
_refine.ls_R_factor_R_free                       0.2612 
_refine.ls_R_factor_R_free_error                 ? 
_refine.ls_R_factor_R_free_error_details         ? 
_refine.ls_R_factor_R_work                       0.2259 
_refine.ls_R_Fsqd_factor_obs                     ? 
_refine.ls_R_I_factor_obs                        ? 
_refine.ls_redundancy_reflns_all                 ? 
_refine.ls_redundancy_reflns_obs                 ? 
_refine.ls_restrained_S_all                      ? 
_refine.ls_restrained_S_obs                      ? 
_refine.ls_shift_over_esd_max                    ? 
_refine.ls_shift_over_esd_mean                   ? 
_refine.ls_structure_factor_coef                 ? 
_refine.ls_weighting_details                     ? 
_refine.ls_weighting_scheme                      ? 
_refine.ls_wR_factor_all                         ? 
_refine.ls_wR_factor_obs                         ? 
_refine.ls_wR_factor_R_free                      ? 
_refine.ls_wR_factor_R_work                      ? 
_refine.occupancy_max                            ? 
_refine.occupancy_min                            ? 
_refine.solvent_model_details                    'FLAT BULK SOLVENT MODEL' 
_refine.solvent_model_param_bsol                 ? 
_refine.solvent_model_param_ksol                 ? 
_refine.pdbx_R_complete                          ? 
_refine.ls_R_factor_gt                           ? 
_refine.ls_goodness_of_fit_gt                    ? 
_refine.ls_goodness_of_fit_ref                   ? 
_refine.ls_shift_over_su_max                     ? 
_refine.ls_shift_over_su_max_lt                  ? 
_refine.ls_shift_over_su_mean                    ? 
_refine.ls_shift_over_su_mean_lt                 ? 
_refine.pdbx_ls_sigma_I                          ? 
_refine.pdbx_ls_sigma_F                          1.340 
_refine.pdbx_ls_sigma_Fsqd                       ? 
_refine.pdbx_data_cutoff_high_absF               ? 
_refine.pdbx_data_cutoff_high_rms_absF           ? 
_refine.pdbx_data_cutoff_low_absF                ? 
_refine.pdbx_isotropic_thermal_model             ? 
_refine.pdbx_ls_cross_valid_method               'FREE R-VALUE' 
_refine.pdbx_method_to_determine_struct          'MOLECULAR REPLACEMENT' 
_refine.pdbx_starting_model                      5MGJ 
_refine.pdbx_stereochemistry_target_values       ML 
_refine.pdbx_R_Free_selection_details            ? 
_refine.pdbx_stereochem_target_val_spec_case     ? 
_refine.pdbx_overall_ESU_R                       ? 
_refine.pdbx_overall_ESU_R_Free                  ? 
_refine.pdbx_solvent_vdw_probe_radii             1.1100 
_refine.pdbx_solvent_ion_probe_radii             ? 
_refine.pdbx_solvent_shrinkage_radii             0.9000 
_refine.pdbx_real_space_R                        ? 
_refine.pdbx_density_correlation                 ? 
_refine.pdbx_pd_number_of_powder_patterns        ? 
_refine.pdbx_pd_number_of_points                 ? 
_refine.pdbx_pd_meas_number_of_points            ? 
_refine.pdbx_pd_proc_ls_prof_R_factor            ? 
_refine.pdbx_pd_proc_ls_prof_wR_factor           ? 
_refine.pdbx_pd_Marquardt_correlation_coeff      ? 
_refine.pdbx_pd_Fsqrd_R_factor                   ? 
_refine.pdbx_pd_ls_matrix_band_width             ? 
_refine.pdbx_overall_phase_error                 19.0600 
_refine.pdbx_overall_SU_R_free_Cruickshank_DPI   ? 
_refine.pdbx_overall_SU_R_free_Blow_DPI          ? 
_refine.pdbx_overall_SU_R_Blow_DPI               ? 
_refine.pdbx_TLS_residual_ADP_flag               ? 
_refine.pdbx_diffrn_id                           1 
_refine.overall_SU_B                             ? 
_refine.overall_SU_ML                            0.4300 
_refine.overall_SU_R_Cruickshank_DPI             ? 
_refine.overall_SU_R_free                        ? 
_refine.overall_FOM_free_R_set                   ? 
_refine.overall_FOM_work_R_set                   ? 
_refine.pdbx_average_fsc_overall                 ? 
_refine.pdbx_average_fsc_work                    ? 
_refine.pdbx_average_fsc_free                    ? 
# 
_refine_hist.pdbx_refine_id                   'X-RAY DIFFRACTION' 
_refine_hist.cycle_id                         final 
_refine_hist.details                          ? 
_refine_hist.d_res_high                       2.6010 
_refine_hist.d_res_low                        30.1670 
_refine_hist.number_atoms_solvent             21 
_refine_hist.number_atoms_total               890 
_refine_hist.number_reflns_all                ? 
_refine_hist.number_reflns_obs                ? 
_refine_hist.number_reflns_R_free             ? 
_refine_hist.number_reflns_R_work             ? 
_refine_hist.R_factor_all                     ? 
_refine_hist.R_factor_obs                     ? 
_refine_hist.R_factor_R_free                  ? 
_refine_hist.R_factor_R_work                  ? 
_refine_hist.pdbx_number_residues_total       103 
_refine_hist.pdbx_B_iso_mean_ligand           43.44 
_refine_hist.pdbx_B_iso_mean_solvent          36.60 
_refine_hist.pdbx_number_atoms_protein        853 
_refine_hist.pdbx_number_atoms_nucleic_acid   0 
_refine_hist.pdbx_number_atoms_ligand         16 
_refine_hist.pdbx_number_atoms_lipid          ? 
_refine_hist.pdbx_number_atoms_carb           ? 
_refine_hist.pdbx_pseudo_atom_details         ? 
# 
loop_
_refine_ls_restr.pdbx_refine_id 
_refine_ls_restr.criterion 
_refine_ls_restr.dev_ideal 
_refine_ls_restr.dev_ideal_target 
_refine_ls_restr.number 
_refine_ls_restr.rejects 
_refine_ls_restr.type 
_refine_ls_restr.weight 
_refine_ls_restr.pdbx_restraint_function 
'X-RAY DIFFRACTION' ? 0.006  ? 899  ? f_bond_d           ? ? 
'X-RAY DIFFRACTION' ? 1.088  ? 1213 ? f_angle_d          ? ? 
'X-RAY DIFFRACTION' ? 0.056  ? 121  ? f_chiral_restr     ? ? 
'X-RAY DIFFRACTION' ? 0.007  ? 160  ? f_plane_restr      ? ? 
'X-RAY DIFFRACTION' ? 16.480 ? 534  ? f_dihedral_angle_d ? ? 
# 
loop_
_refine_ls_shell.pdbx_refine_id 
_refine_ls_shell.d_res_high 
_refine_ls_shell.d_res_low 
_refine_ls_shell.number_reflns_all 
_refine_ls_shell.number_reflns_obs 
_refine_ls_shell.number_reflns_R_free 
_refine_ls_shell.number_reflns_R_work 
_refine_ls_shell.percent_reflns_obs 
_refine_ls_shell.percent_reflns_R_free 
_refine_ls_shell.R_factor_all 
_refine_ls_shell.R_factor_obs 
_refine_ls_shell.R_factor_R_free 
_refine_ls_shell.R_factor_R_free_error 
_refine_ls_shell.R_factor_R_work 
_refine_ls_shell.redundancy_reflns_all 
_refine_ls_shell.redundancy_reflns_obs 
_refine_ls_shell.wR_factor_all 
_refine_ls_shell.wR_factor_obs 
_refine_ls_shell.wR_factor_R_free 
_refine_ls_shell.wR_factor_R_work 
_refine_ls_shell.pdbx_R_complete 
_refine_ls_shell.pdbx_total_number_of_bins_used 
_refine_ls_shell.pdbx_phase_error 
_refine_ls_shell.pdbx_fsc_work 
_refine_ls_shell.pdbx_fsc_free 
'X-RAY DIFFRACTION' 2.601  3.2758 . . 108 2366 100.0000 . . . 0.3471 0.0000 0.2741 . . . . . . . . . . . 
'X-RAY DIFFRACTION' 3.2758 30.167 . . 126 2398 100.0000 . . . 0.2305 0.0000 0.2043 . . . . . . . . . . . 
# 
_struct.entry_id                     7QVV 
_struct.title                        'BAZ2A bromodomain in complex with pyridone derivative fragment 36' 
_struct.pdbx_model_details           ? 
_struct.pdbx_formula_weight          ? 
_struct.pdbx_formula_weight_method   ? 
_struct.pdbx_model_type_details      ? 
_struct.pdbx_CASP_flag               N 
# 
_struct_keywords.entry_id        7QVV 
_struct_keywords.text            'four helical bundle, transcription' 
_struct_keywords.pdbx_keywords   TRANSCRIPTION 
# 
loop_
_struct_asym.id 
_struct_asym.pdbx_blank_PDB_chainid_flag 
_struct_asym.pdbx_modified 
_struct_asym.entity_id 
_struct_asym.details 
A N N 1 ? 
B N N 2 ? 
C N N 3 ? 
# 
_struct_ref.id                         1 
_struct_ref.db_name                    UNP 
_struct_ref.db_code                    BAZ2A_HUMAN 
_struct_ref.pdbx_db_accession          Q9UIF9 
_struct_ref.pdbx_db_isoform            ? 
_struct_ref.entity_id                  1 
_struct_ref.pdbx_seq_one_letter_code   
;HSDLTFCEIILMEMESHDAAWPFLEPVNPRLVSGYRRIIKNPMDFSTMRERLLRGGYTSSEEFAADALLVFDNCQTFNED
DSEVGKAGHIMRRFFESRWEEFY
;
_struct_ref.pdbx_align_begin           1796 
# 
_struct_ref_seq.align_id                      1 
_struct_ref_seq.ref_id                        1 
_struct_ref_seq.pdbx_PDB_id_code              7QVV 
_struct_ref_seq.pdbx_strand_id                A 
_struct_ref_seq.seq_align_beg                 3 
_struct_ref_seq.pdbx_seq_align_beg_ins_code   ? 
_struct_ref_seq.seq_align_end                 105 
_struct_ref_seq.pdbx_seq_align_end_ins_code   ? 
_struct_ref_seq.pdbx_db_accession             Q9UIF9 
_struct_ref_seq.db_align_beg                  1796 
_struct_ref_seq.pdbx_db_align_beg_ins_code    ? 
_struct_ref_seq.db_align_end                  1898 
_struct_ref_seq.pdbx_db_align_end_ins_code    ? 
_struct_ref_seq.pdbx_auth_seq_align_beg       1796 
_struct_ref_seq.pdbx_auth_seq_align_end       1898 
# 
loop_
_struct_ref_seq_dif.align_id 
_struct_ref_seq_dif.pdbx_pdb_id_code 
_struct_ref_seq_dif.mon_id 
_struct_ref_seq_dif.pdbx_pdb_strand_id 
_struct_ref_seq_dif.seq_num 
_struct_ref_seq_dif.pdbx_pdb_ins_code 
_struct_ref_seq_dif.pdbx_seq_db_name 
_struct_ref_seq_dif.pdbx_seq_db_accession_code 
_struct_ref_seq_dif.db_mon_id 
_struct_ref_seq_dif.pdbx_seq_db_seq_num 
_struct_ref_seq_dif.details 
_struct_ref_seq_dif.pdbx_auth_seq_num 
_struct_ref_seq_dif.pdbx_ordinal 
1 7QVV SER A 1 ? UNP Q9UIF9 ? ? 'expression tag' 1794 1 
1 7QVV MET A 2 ? UNP Q9UIF9 ? ? 'expression tag' 1795 2 
# 
_pdbx_struct_assembly.id                   1 
_pdbx_struct_assembly.details              author_and_software_defined_assembly 
_pdbx_struct_assembly.method_details       PISA 
_pdbx_struct_assembly.oligomeric_details   monomeric 
_pdbx_struct_assembly.oligomeric_count     1 
# 
loop_
_pdbx_struct_assembly_prop.biol_id 
_pdbx_struct_assembly_prop.type 
_pdbx_struct_assembly_prop.value 
_pdbx_struct_assembly_prop.details 
1 'ABSA (A^2)' 0    ? 
1 MORE         0    ? 
1 'SSA (A^2)'  6160 ? 
# 
_pdbx_struct_assembly_gen.assembly_id       1 
_pdbx_struct_assembly_gen.oper_expression   1 
_pdbx_struct_assembly_gen.asym_id_list      A,B,C 
# 
_pdbx_struct_assembly_auth_evidence.id                     1 
_pdbx_struct_assembly_auth_evidence.assembly_id            1 
_pdbx_struct_assembly_auth_evidence.experimental_support   'gel filtration' 
_pdbx_struct_assembly_auth_evidence.details                ? 
# 
_pdbx_struct_oper_list.id                   1 
_pdbx_struct_oper_list.type                 'identity operation' 
_pdbx_struct_oper_list.name                 1_555 
_pdbx_struct_oper_list.symmetry_operation   x,y,z 
_pdbx_struct_oper_list.matrix[1][1]         1.0000000000 
_pdbx_struct_oper_list.matrix[1][2]         0.0000000000 
_pdbx_struct_oper_list.matrix[1][3]         0.0000000000 
_pdbx_struct_oper_list.vector[1]            0.0000000000 
_pdbx_struct_oper_list.matrix[2][1]         0.0000000000 
_pdbx_struct_oper_list.matrix[2][2]         1.0000000000 
_pdbx_struct_oper_list.matrix[2][3]         0.0000000000 
_pdbx_struct_oper_list.vector[2]            0.0000000000 
_pdbx_struct_oper_list.matrix[3][1]         0.0000000000 
_pdbx_struct_oper_list.matrix[3][2]         0.0000000000 
_pdbx_struct_oper_list.matrix[3][3]         1.0000000000 
_pdbx_struct_oper_list.vector[3]            0.0000000000 
# 
loop_
_struct_conf.conf_type_id 
_struct_conf.id 
_struct_conf.pdbx_PDB_helix_id 
_struct_conf.beg_label_comp_id 
_struct_conf.beg_label_asym_id 
_struct_conf.beg_label_seq_id 
_struct_conf.pdbx_beg_PDB_ins_code 
_struct_conf.end_label_comp_id 
_struct_conf.end_label_asym_id 
_struct_conf.end_label_seq_id 
_struct_conf.pdbx_end_PDB_ins_code 
_struct_conf.beg_auth_comp_id 
_struct_conf.beg_auth_asym_id 
_struct_conf.beg_auth_seq_id 
_struct_conf.end_auth_comp_id 
_struct_conf.end_auth_asym_id 
_struct_conf.end_auth_seq_id 
_struct_conf.pdbx_PDB_helix_class 
_struct_conf.details 
_struct_conf.pdbx_PDB_helix_length 
HELX_P HELX_P1 AA1 HIS A 3  ? SER A 18  ? HIS A 1796 SER A 1811 1 ? 16 
HELX_P HELX_P2 AA2 HIS A 19 ? TRP A 23  ? HIS A 1812 TRP A 1816 5 ? 5  
HELX_P HELX_P3 AA3 GLY A 36 ? ILE A 41  ? GLY A 1829 ILE A 1834 1 ? 6  
HELX_P HELX_P4 AA4 ASP A 46 ? ARG A 56  ? ASP A 1839 ARG A 1849 1 ? 11 
HELX_P HELX_P5 AA5 SER A 61 ? ASN A 80  ? SER A 1854 ASN A 1873 1 ? 20 
HELX_P HELX_P6 AA6 SER A 84 ? GLU A 103 ? SER A 1877 GLU A 1896 1 ? 20 
# 
_struct_conf_type.id          HELX_P 
_struct_conf_type.criteria    ? 
_struct_conf_type.reference   ? 
# 
loop_
_pdbx_refine_tls.id 
_pdbx_refine_tls.pdbx_refine_id 
_pdbx_refine_tls.details 
_pdbx_refine_tls.method 
_pdbx_refine_tls.origin_x 
_pdbx_refine_tls.origin_y 
_pdbx_refine_tls.origin_z 
_pdbx_refine_tls.T[1][1] 
_pdbx_refine_tls.T[1][1]_esd 
_pdbx_refine_tls.T[1][2] 
_pdbx_refine_tls.T[1][2]_esd 
_pdbx_refine_tls.T[1][3] 
_pdbx_refine_tls.T[1][3]_esd 
_pdbx_refine_tls.T[2][2] 
_pdbx_refine_tls.T[2][2]_esd 
_pdbx_refine_tls.T[2][3] 
_pdbx_refine_tls.T[2][3]_esd 
_pdbx_refine_tls.T[3][3] 
_pdbx_refine_tls.T[3][3]_esd 
_pdbx_refine_tls.L[1][1] 
_pdbx_refine_tls.L[1][1]_esd 
_pdbx_refine_tls.L[1][2] 
_pdbx_refine_tls.L[1][2]_esd 
_pdbx_refine_tls.L[1][3] 
_pdbx_refine_tls.L[1][3]_esd 
_pdbx_refine_tls.L[2][2] 
_pdbx_refine_tls.L[2][2]_esd 
_pdbx_refine_tls.L[2][3] 
_pdbx_refine_tls.L[2][3]_esd 
_pdbx_refine_tls.L[3][3] 
_pdbx_refine_tls.L[3][3]_esd 
_pdbx_refine_tls.S[1][1] 
_pdbx_refine_tls.S[1][1]_esd 
_pdbx_refine_tls.S[1][2] 
_pdbx_refine_tls.S[1][2]_esd 
_pdbx_refine_tls.S[1][3] 
_pdbx_refine_tls.S[1][3]_esd 
_pdbx_refine_tls.S[2][1] 
_pdbx_refine_tls.S[2][1]_esd 
_pdbx_refine_tls.S[2][2] 
_pdbx_refine_tls.S[2][2]_esd 
_pdbx_refine_tls.S[2][3] 
_pdbx_refine_tls.S[2][3]_esd 
_pdbx_refine_tls.S[3][1] 
_pdbx_refine_tls.S[3][1]_esd 
_pdbx_refine_tls.S[3][2] 
_pdbx_refine_tls.S[3][2]_esd 
_pdbx_refine_tls.S[3][3] 
_pdbx_refine_tls.S[3][3]_esd 
1 'X-RAY DIFFRACTION' ? refined 0.9647  4.2881  2.0432  0.8026 ? -0.2117 ? -0.0734 ? 0.4470 ? -0.1185 ? 0.3259 ? 1.8950 ? 0.7563  ? 0.0963 ? 2.5128 ? 0.8715 ? 1.5410 ? -0.4236 ? 0.1971  ? 0.0748  ? -0.3295 ? 0.3893 ? -0.3424 ? -0.1714 ? 0.4773 ? -0.2472 ? 
2 'X-RAY DIFFRACTION' ? refined 1.9643  -4.2328 2.8784  0.7764 ? -0.2136 ? -0.1891 ? 0.4125 ? -0.0280 ? 0.3746 ? 2.5855 ? 1.2402  ? 0.3992 ? 1.7807 ? 0.7648 ? 1.6817 ? 0.1736  ? -0.1559 ? -0.1114 ? 0.2998  ? 0.1166 ? -0.4357 ? -0.2471 ? 0.5965 ? -0.2033 ? 
3 'X-RAY DIFFRACTION' ? refined -3.8773 1.6651  -7.7361 0.8785 ? -0.2664 ? -0.0503 ? 0.3559 ? 0.0071  ? 0.2325 ? 1.3445 ? -0.4732 ? 1.7062 ? 3.7833 ? 0.6172 ? 2.5740 ? -0.2285 ? 0.2229  ? -0.0105 ? -0.2547 ? 0.2472 ? -0.2852 ? -0.1657 ? 0.2950 ? -0.0259 ? 
# 
loop_
_pdbx_refine_tls_group.id 
_pdbx_refine_tls_group.pdbx_refine_id 
_pdbx_refine_tls_group.refine_tls_id 
_pdbx_refine_tls_group.beg_label_asym_id 
_pdbx_refine_tls_group.beg_label_seq_id 
_pdbx_refine_tls_group.beg_auth_asym_id 
_pdbx_refine_tls_group.beg_auth_seq_id 
_pdbx_refine_tls_group.beg_PDB_ins_code 
_pdbx_refine_tls_group.end_label_asym_id 
_pdbx_refine_tls_group.end_label_seq_id 
_pdbx_refine_tls_group.end_auth_asym_id 
_pdbx_refine_tls_group.end_auth_seq_id 
_pdbx_refine_tls_group.end_PDB_ins_code 
_pdbx_refine_tls_group.selection 
_pdbx_refine_tls_group.selection_details 
1 'X-RAY DIFFRACTION' 1 ? ? A 0 ? ? ? A 0 ? ? 
;chain 'A' and (resid 1796 through 1829 )
;
2 'X-RAY DIFFRACTION' 2 ? ? A 0 ? ? ? A 0 ? ? 
;chain 'A' and (resid 1830 through 1872 )
;
3 'X-RAY DIFFRACTION' 3 ? ? A 0 ? ? ? A 0 ? ? 
;chain 'A' and (resid 1873 through 1898 )
;
# 
_phasing.method   MR 
# 
_pdbx_entry_details.entry_id                 7QVV 
_pdbx_entry_details.has_ligand_of_interest   Y 
_pdbx_entry_details.compound_details         ? 
_pdbx_entry_details.source_details           ? 
_pdbx_entry_details.nonpolymer_details       ? 
_pdbx_entry_details.sequence_details         ? 
# 
loop_
_pdbx_unobs_or_zero_occ_residues.id 
_pdbx_unobs_or_zero_occ_residues.PDB_model_num 
_pdbx_unobs_or_zero_occ_residues.polymer_flag 
_pdbx_unobs_or_zero_occ_residues.occupancy_flag 
_pdbx_unobs_or_zero_occ_residues.auth_asym_id 
_pdbx_unobs_or_zero_occ_residues.auth_comp_id 
_pdbx_unobs_or_zero_occ_residues.auth_seq_id 
_pdbx_unobs_or_zero_occ_residues.PDB_ins_code 
_pdbx_unobs_or_zero_occ_residues.label_asym_id 
_pdbx_unobs_or_zero_occ_residues.label_comp_id 
_pdbx_unobs_or_zero_occ_residues.label_seq_id 
1 1 Y 1 A SER 1794 ? A SER 1 
2 1 Y 1 A MET 1795 ? A MET 2 
# 
loop_
_chem_comp_atom.comp_id 
_chem_comp_atom.atom_id 
_chem_comp_atom.type_symbol 
_chem_comp_atom.pdbx_aromatic_flag 
_chem_comp_atom.pdbx_stereo_config 
_chem_comp_atom.pdbx_ordinal 
ALA N    N N N 1   
ALA CA   C N S 2   
ALA C    C N N 3   
ALA O    O N N 4   
ALA CB   C N N 5   
ALA OXT  O N N 6   
ALA H    H N N 7   
ALA H2   H N N 8   
ALA HA   H N N 9   
ALA HB1  H N N 10  
ALA HB2  H N N 11  
ALA HB3  H N N 12  
ALA HXT  H N N 13  
ARG N    N N N 14  
ARG CA   C N S 15  
ARG C    C N N 16  
ARG O    O N N 17  
ARG CB   C N N 18  
ARG CG   C N N 19  
ARG CD   C N N 20  
ARG NE   N N N 21  
ARG CZ   C N N 22  
ARG NH1  N N N 23  
ARG NH2  N N N 24  
ARG OXT  O N N 25  
ARG H    H N N 26  
ARG H2   H N N 27  
ARG HA   H N N 28  
ARG HB2  H N N 29  
ARG HB3  H N N 30  
ARG HG2  H N N 31  
ARG HG3  H N N 32  
ARG HD2  H N N 33  
ARG HD3  H N N 34  
ARG HE   H N N 35  
ARG HH11 H N N 36  
ARG HH12 H N N 37  
ARG HH21 H N N 38  
ARG HH22 H N N 39  
ARG HXT  H N N 40  
ASN N    N N N 41  
ASN CA   C N S 42  
ASN C    C N N 43  
ASN O    O N N 44  
ASN CB   C N N 45  
ASN CG   C N N 46  
ASN OD1  O N N 47  
ASN ND2  N N N 48  
ASN OXT  O N N 49  
ASN H    H N N 50  
ASN H2   H N N 51  
ASN HA   H N N 52  
ASN HB2  H N N 53  
ASN HB3  H N N 54  
ASN HD21 H N N 55  
ASN HD22 H N N 56  
ASN HXT  H N N 57  
ASP N    N N N 58  
ASP CA   C N S 59  
ASP C    C N N 60  
ASP O    O N N 61  
ASP CB   C N N 62  
ASP CG   C N N 63  
ASP OD1  O N N 64  
ASP OD2  O N N 65  
ASP OXT  O N N 66  
ASP H    H N N 67  
ASP H2   H N N 68  
ASP HA   H N N 69  
ASP HB2  H N N 70  
ASP HB3  H N N 71  
ASP HD2  H N N 72  
ASP HXT  H N N 73  
CYS N    N N N 74  
CYS CA   C N R 75  
CYS C    C N N 76  
CYS O    O N N 77  
CYS CB   C N N 78  
CYS SG   S N N 79  
CYS OXT  O N N 80  
CYS H    H N N 81  
CYS H2   H N N 82  
CYS HA   H N N 83  
CYS HB2  H N N 84  
CYS HB3  H N N 85  
CYS HG   H N N 86  
CYS HXT  H N N 87  
FI9 C02  C N N 88  
FI9 C03  C N N 89  
FI9 C04  C N N 90  
FI9 C06  C N N 91  
FI9 C07  C N N 92  
FI9 C08  C N N 93  
FI9 C10  C N N 94  
FI9 C11  C N N 95  
FI9 C12  C N N 96  
FI9 C13  C N N 97  
FI9 C16  C N N 98  
FI9 N01  N N N 99  
FI9 N05  N N N 100 
FI9 N15  N N N 101 
FI9 O09  O N N 102 
FI9 O14  O N N 103 
FI9 H1   H N N 104 
FI9 H2   H N N 105 
FI9 H3   H N N 106 
FI9 H4   H N N 107 
FI9 H5   H N N 108 
FI9 H6   H N N 109 
FI9 H7   H N N 110 
FI9 H8   H N N 111 
FI9 H9   H N N 112 
FI9 H10  H N N 113 
FI9 H11  H N N 114 
FI9 H13  H N N 115 
FI9 H14  H N N 116 
FI9 H15  H N N 117 
FI9 H12  H N N 118 
GLN N    N N N 119 
GLN CA   C N S 120 
GLN C    C N N 121 
GLN O    O N N 122 
GLN CB   C N N 123 
GLN CG   C N N 124 
GLN CD   C N N 125 
GLN OE1  O N N 126 
GLN NE2  N N N 127 
GLN OXT  O N N 128 
GLN H    H N N 129 
GLN H2   H N N 130 
GLN HA   H N N 131 
GLN HB2  H N N 132 
GLN HB3  H N N 133 
GLN HG2  H N N 134 
GLN HG3  H N N 135 
GLN HE21 H N N 136 
GLN HE22 H N N 137 
GLN HXT  H N N 138 
GLU N    N N N 139 
GLU CA   C N S 140 
GLU C    C N N 141 
GLU O    O N N 142 
GLU CB   C N N 143 
GLU CG   C N N 144 
GLU CD   C N N 145 
GLU OE1  O N N 146 
GLU OE2  O N N 147 
GLU OXT  O N N 148 
GLU H    H N N 149 
GLU H2   H N N 150 
GLU HA   H N N 151 
GLU HB2  H N N 152 
GLU HB3  H N N 153 
GLU HG2  H N N 154 
GLU HG3  H N N 155 
GLU HE2  H N N 156 
GLU HXT  H N N 157 
GLY N    N N N 158 
GLY CA   C N N 159 
GLY C    C N N 160 
GLY O    O N N 161 
GLY OXT  O N N 162 
GLY H    H N N 163 
GLY H2   H N N 164 
GLY HA2  H N N 165 
GLY HA3  H N N 166 
GLY HXT  H N N 167 
HIS N    N N N 168 
HIS CA   C N S 169 
HIS C    C N N 170 
HIS O    O N N 171 
HIS CB   C N N 172 
HIS CG   C Y N 173 
HIS ND1  N Y N 174 
HIS CD2  C Y N 175 
HIS CE1  C Y N 176 
HIS NE2  N Y N 177 
HIS OXT  O N N 178 
HIS H    H N N 179 
HIS H2   H N N 180 
HIS HA   H N N 181 
HIS HB2  H N N 182 
HIS HB3  H N N 183 
HIS HD1  H N N 184 
HIS HD2  H N N 185 
HIS HE1  H N N 186 
HIS HE2  H N N 187 
HIS HXT  H N N 188 
HOH O    O N N 189 
HOH H1   H N N 190 
HOH H2   H N N 191 
ILE N    N N N 192 
ILE CA   C N S 193 
ILE C    C N N 194 
ILE O    O N N 195 
ILE CB   C N S 196 
ILE CG1  C N N 197 
ILE CG2  C N N 198 
ILE CD1  C N N 199 
ILE OXT  O N N 200 
ILE H    H N N 201 
ILE H2   H N N 202 
ILE HA   H N N 203 
ILE HB   H N N 204 
ILE HG12 H N N 205 
ILE HG13 H N N 206 
ILE HG21 H N N 207 
ILE HG22 H N N 208 
ILE HG23 H N N 209 
ILE HD11 H N N 210 
ILE HD12 H N N 211 
ILE HD13 H N N 212 
ILE HXT  H N N 213 
LEU N    N N N 214 
LEU CA   C N S 215 
LEU C    C N N 216 
LEU O    O N N 217 
LEU CB   C N N 218 
LEU CG   C N N 219 
LEU CD1  C N N 220 
LEU CD2  C N N 221 
LEU OXT  O N N 222 
LEU H    H N N 223 
LEU H2   H N N 224 
LEU HA   H N N 225 
LEU HB2  H N N 226 
LEU HB3  H N N 227 
LEU HG   H N N 228 
LEU HD11 H N N 229 
LEU HD12 H N N 230 
LEU HD13 H N N 231 
LEU HD21 H N N 232 
LEU HD22 H N N 233 
LEU HD23 H N N 234 
LEU HXT  H N N 235 
LYS N    N N N 236 
LYS CA   C N S 237 
LYS C    C N N 238 
LYS O    O N N 239 
LYS CB   C N N 240 
LYS CG   C N N 241 
LYS CD   C N N 242 
LYS CE   C N N 243 
LYS NZ   N N N 244 
LYS OXT  O N N 245 
LYS H    H N N 246 
LYS H2   H N N 247 
LYS HA   H N N 248 
LYS HB2  H N N 249 
LYS HB3  H N N 250 
LYS HG2  H N N 251 
LYS HG3  H N N 252 
LYS HD2  H N N 253 
LYS HD3  H N N 254 
LYS HE2  H N N 255 
LYS HE3  H N N 256 
LYS HZ1  H N N 257 
LYS HZ2  H N N 258 
LYS HZ3  H N N 259 
LYS HXT  H N N 260 
MET N    N N N 261 
MET CA   C N S 262 
MET C    C N N 263 
MET O    O N N 264 
MET CB   C N N 265 
MET CG   C N N 266 
MET SD   S N N 267 
MET CE   C N N 268 
MET OXT  O N N 269 
MET H    H N N 270 
MET H2   H N N 271 
MET HA   H N N 272 
MET HB2  H N N 273 
MET HB3  H N N 274 
MET HG2  H N N 275 
MET HG3  H N N 276 
MET HE1  H N N 277 
MET HE2  H N N 278 
MET HE3  H N N 279 
MET HXT  H N N 280 
PHE N    N N N 281 
PHE CA   C N S 282 
PHE C    C N N 283 
PHE O    O N N 284 
PHE CB   C N N 285 
PHE CG   C Y N 286 
PHE CD1  C Y N 287 
PHE CD2  C Y N 288 
PHE CE1  C Y N 289 
PHE CE2  C Y N 290 
PHE CZ   C Y N 291 
PHE OXT  O N N 292 
PHE H    H N N 293 
PHE H2   H N N 294 
PHE HA   H N N 295 
PHE HB2  H N N 296 
PHE HB3  H N N 297 
PHE HD1  H N N 298 
PHE HD2  H N N 299 
PHE HE1  H N N 300 
PHE HE2  H N N 301 
PHE HZ   H N N 302 
PHE HXT  H N N 303 
PRO N    N N N 304 
PRO CA   C N S 305 
PRO C    C N N 306 
PRO O    O N N 307 
PRO CB   C N N 308 
PRO CG   C N N 309 
PRO CD   C N N 310 
PRO OXT  O N N 311 
PRO H    H N N 312 
PRO HA   H N N 313 
PRO HB2  H N N 314 
PRO HB3  H N N 315 
PRO HG2  H N N 316 
PRO HG3  H N N 317 
PRO HD2  H N N 318 
PRO HD3  H N N 319 
PRO HXT  H N N 320 
SER N    N N N 321 
SER CA   C N S 322 
SER C    C N N 323 
SER O    O N N 324 
SER CB   C N N 325 
SER OG   O N N 326 
SER OXT  O N N 327 
SER H    H N N 328 
SER H2   H N N 329 
SER HA   H N N 330 
SER HB2  H N N 331 
SER HB3  H N N 332 
SER HG   H N N 333 
SER HXT  H N N 334 
THR N    N N N 335 
THR CA   C N S 336 
THR C    C N N 337 
THR O    O N N 338 
THR CB   C N R 339 
THR OG1  O N N 340 
THR CG2  C N N 341 
THR OXT  O N N 342 
THR H    H N N 343 
THR H2   H N N 344 
THR HA   H N N 345 
THR HB   H N N 346 
THR HG1  H N N 347 
THR HG21 H N N 348 
THR HG22 H N N 349 
THR HG23 H N N 350 
THR HXT  H N N 351 
TRP N    N N N 352 
TRP CA   C N S 353 
TRP C    C N N 354 
TRP O    O N N 355 
TRP CB   C N N 356 
TRP CG   C Y N 357 
TRP CD1  C Y N 358 
TRP CD2  C Y N 359 
TRP NE1  N Y N 360 
TRP CE2  C Y N 361 
TRP CE3  C Y N 362 
TRP CZ2  C Y N 363 
TRP CZ3  C Y N 364 
TRP CH2  C Y N 365 
TRP OXT  O N N 366 
TRP H    H N N 367 
TRP H2   H N N 368 
TRP HA   H N N 369 
TRP HB2  H N N 370 
TRP HB3  H N N 371 
TRP HD1  H N N 372 
TRP HE1  H N N 373 
TRP HE3  H N N 374 
TRP HZ2  H N N 375 
TRP HZ3  H N N 376 
TRP HH2  H N N 377 
TRP HXT  H N N 378 
TYR N    N N N 379 
TYR CA   C N S 380 
TYR C    C N N 381 
TYR O    O N N 382 
TYR CB   C N N 383 
TYR CG   C Y N 384 
TYR CD1  C Y N 385 
TYR CD2  C Y N 386 
TYR CE1  C Y N 387 
TYR CE2  C Y N 388 
TYR CZ   C Y N 389 
TYR OH   O N N 390 
TYR OXT  O N N 391 
TYR H    H N N 392 
TYR H2   H N N 393 
TYR HA   H N N 394 
TYR HB2  H N N 395 
TYR HB3  H N N 396 
TYR HD1  H N N 397 
TYR HD2  H N N 398 
TYR HE1  H N N 399 
TYR HE2  H N N 400 
TYR HH   H N N 401 
TYR HXT  H N N 402 
VAL N    N N N 403 
VAL CA   C N S 404 
VAL C    C N N 405 
VAL O    O N N 406 
VAL CB   C N N 407 
VAL CG1  C N N 408 
VAL CG2  C N N 409 
VAL OXT  O N N 410 
VAL H    H N N 411 
VAL H2   H N N 412 
VAL HA   H N N 413 
VAL HB   H N N 414 
VAL HG11 H N N 415 
VAL HG12 H N N 416 
VAL HG13 H N N 417 
VAL HG21 H N N 418 
VAL HG22 H N N 419 
VAL HG23 H N N 420 
VAL HXT  H N N 421 
# 
loop_
_chem_comp_bond.comp_id 
_chem_comp_bond.atom_id_1 
_chem_comp_bond.atom_id_2 
_chem_comp_bond.value_order 
_chem_comp_bond.pdbx_aromatic_flag 
_chem_comp_bond.pdbx_stereo_config 
_chem_comp_bond.pdbx_ordinal 
ALA N   CA   sing N N 1   
ALA N   H    sing N N 2   
ALA N   H2   sing N N 3   
ALA CA  C    sing N N 4   
ALA CA  CB   sing N N 5   
ALA CA  HA   sing N N 6   
ALA C   O    doub N N 7   
ALA C   OXT  sing N N 8   
ALA CB  HB1  sing N N 9   
ALA CB  HB2  sing N N 10  
ALA CB  HB3  sing N N 11  
ALA OXT HXT  sing N N 12  
ARG N   CA   sing N N 13  
ARG N   H    sing N N 14  
ARG N   H2   sing N N 15  
ARG CA  C    sing N N 16  
ARG CA  CB   sing N N 17  
ARG CA  HA   sing N N 18  
ARG C   O    doub N N 19  
ARG C   OXT  sing N N 20  
ARG CB  CG   sing N N 21  
ARG CB  HB2  sing N N 22  
ARG CB  HB3  sing N N 23  
ARG CG  CD   sing N N 24  
ARG CG  HG2  sing N N 25  
ARG CG  HG3  sing N N 26  
ARG CD  NE   sing N N 27  
ARG CD  HD2  sing N N 28  
ARG CD  HD3  sing N N 29  
ARG NE  CZ   sing N N 30  
ARG NE  HE   sing N N 31  
ARG CZ  NH1  sing N N 32  
ARG CZ  NH2  doub N N 33  
ARG NH1 HH11 sing N N 34  
ARG NH1 HH12 sing N N 35  
ARG NH2 HH21 sing N N 36  
ARG NH2 HH22 sing N N 37  
ARG OXT HXT  sing N N 38  
ASN N   CA   sing N N 39  
ASN N   H    sing N N 40  
ASN N   H2   sing N N 41  
ASN CA  C    sing N N 42  
ASN CA  CB   sing N N 43  
ASN CA  HA   sing N N 44  
ASN C   O    doub N N 45  
ASN C   OXT  sing N N 46  
ASN CB  CG   sing N N 47  
ASN CB  HB2  sing N N 48  
ASN CB  HB3  sing N N 49  
ASN CG  OD1  doub N N 50  
ASN CG  ND2  sing N N 51  
ASN ND2 HD21 sing N N 52  
ASN ND2 HD22 sing N N 53  
ASN OXT HXT  sing N N 54  
ASP N   CA   sing N N 55  
ASP N   H    sing N N 56  
ASP N   H2   sing N N 57  
ASP CA  C    sing N N 58  
ASP CA  CB   sing N N 59  
ASP CA  HA   sing N N 60  
ASP C   O    doub N N 61  
ASP C   OXT  sing N N 62  
ASP CB  CG   sing N N 63  
ASP CB  HB2  sing N N 64  
ASP CB  HB3  sing N N 65  
ASP CG  OD1  doub N N 66  
ASP CG  OD2  sing N N 67  
ASP OD2 HD2  sing N N 68  
ASP OXT HXT  sing N N 69  
CYS N   CA   sing N N 70  
CYS N   H    sing N N 71  
CYS N   H2   sing N N 72  
CYS CA  C    sing N N 73  
CYS CA  CB   sing N N 74  
CYS CA  HA   sing N N 75  
CYS C   O    doub N N 76  
CYS C   OXT  sing N N 77  
CYS CB  SG   sing N N 78  
CYS CB  HB2  sing N N 79  
CYS CB  HB3  sing N N 80  
CYS SG  HG   sing N N 81  
CYS OXT HXT  sing N N 82  
FI9 N15 C16  sing N N 83  
FI9 N15 C13  sing N N 84  
FI9 C16 C10  doub N N 85  
FI9 O14 C13  doub N N 86  
FI9 C13 C12  sing N N 87  
FI9 O09 C08  doub N N 88  
FI9 C10 C08  sing N N 89  
FI9 C10 C11  sing N N 90  
FI9 C08 N05  sing N N 91  
FI9 C12 C11  doub N N 92  
FI9 C07 C06  sing N N 93  
FI9 C07 C02  sing N N 94  
FI9 N05 C04  sing N N 95  
FI9 N05 C06  sing N N 96  
FI9 C04 C03  sing N N 97  
FI9 N01 C02  sing N N 98  
FI9 C02 C03  sing N N 99  
FI9 C02 H1   sing N N 100 
FI9 C03 H2   sing N N 101 
FI9 C03 H3   sing N N 102 
FI9 C04 H4   sing N N 103 
FI9 C04 H5   sing N N 104 
FI9 C06 H6   sing N N 105 
FI9 C06 H7   sing N N 106 
FI9 C07 H8   sing N N 107 
FI9 C07 H9   sing N N 108 
FI9 C11 H10  sing N N 109 
FI9 C12 H11  sing N N 110 
FI9 C16 H13  sing N N 111 
FI9 N01 H14  sing N N 112 
FI9 N01 H15  sing N N 113 
FI9 N15 H12  sing N N 114 
GLN N   CA   sing N N 115 
GLN N   H    sing N N 116 
GLN N   H2   sing N N 117 
GLN CA  C    sing N N 118 
GLN CA  CB   sing N N 119 
GLN CA  HA   sing N N 120 
GLN C   O    doub N N 121 
GLN C   OXT  sing N N 122 
GLN CB  CG   sing N N 123 
GLN CB  HB2  sing N N 124 
GLN CB  HB3  sing N N 125 
GLN CG  CD   sing N N 126 
GLN CG  HG2  sing N N 127 
GLN CG  HG3  sing N N 128 
GLN CD  OE1  doub N N 129 
GLN CD  NE2  sing N N 130 
GLN NE2 HE21 sing N N 131 
GLN NE2 HE22 sing N N 132 
GLN OXT HXT  sing N N 133 
GLU N   CA   sing N N 134 
GLU N   H    sing N N 135 
GLU N   H2   sing N N 136 
GLU CA  C    sing N N 137 
GLU CA  CB   sing N N 138 
GLU CA  HA   sing N N 139 
GLU C   O    doub N N 140 
GLU C   OXT  sing N N 141 
GLU CB  CG   sing N N 142 
GLU CB  HB2  sing N N 143 
GLU CB  HB3  sing N N 144 
GLU CG  CD   sing N N 145 
GLU CG  HG2  sing N N 146 
GLU CG  HG3  sing N N 147 
GLU CD  OE1  doub N N 148 
GLU CD  OE2  sing N N 149 
GLU OE2 HE2  sing N N 150 
GLU OXT HXT  sing N N 151 
GLY N   CA   sing N N 152 
GLY N   H    sing N N 153 
GLY N   H2   sing N N 154 
GLY CA  C    sing N N 155 
GLY CA  HA2  sing N N 156 
GLY CA  HA3  sing N N 157 
GLY C   O    doub N N 158 
GLY C   OXT  sing N N 159 
GLY OXT HXT  sing N N 160 
HIS N   CA   sing N N 161 
HIS N   H    sing N N 162 
HIS N   H2   sing N N 163 
HIS CA  C    sing N N 164 
HIS CA  CB   sing N N 165 
HIS CA  HA   sing N N 166 
HIS C   O    doub N N 167 
HIS C   OXT  sing N N 168 
HIS CB  CG   sing N N 169 
HIS CB  HB2  sing N N 170 
HIS CB  HB3  sing N N 171 
HIS CG  ND1  sing Y N 172 
HIS CG  CD2  doub Y N 173 
HIS ND1 CE1  doub Y N 174 
HIS ND1 HD1  sing N N 175 
HIS CD2 NE2  sing Y N 176 
HIS CD2 HD2  sing N N 177 
HIS CE1 NE2  sing Y N 178 
HIS CE1 HE1  sing N N 179 
HIS NE2 HE2  sing N N 180 
HIS OXT HXT  sing N N 181 
HOH O   H1   sing N N 182 
HOH O   H2   sing N N 183 
ILE N   CA   sing N N 184 
ILE N   H    sing N N 185 
ILE N   H2   sing N N 186 
ILE CA  C    sing N N 187 
ILE CA  CB   sing N N 188 
ILE CA  HA   sing N N 189 
ILE C   O    doub N N 190 
ILE C   OXT  sing N N 191 
ILE CB  CG1  sing N N 192 
ILE CB  CG2  sing N N 193 
ILE CB  HB   sing N N 194 
ILE CG1 CD1  sing N N 195 
ILE CG1 HG12 sing N N 196 
ILE CG1 HG13 sing N N 197 
ILE CG2 HG21 sing N N 198 
ILE CG2 HG22 sing N N 199 
ILE CG2 HG23 sing N N 200 
ILE CD1 HD11 sing N N 201 
ILE CD1 HD12 sing N N 202 
ILE CD1 HD13 sing N N 203 
ILE OXT HXT  sing N N 204 
LEU N   CA   sing N N 205 
LEU N   H    sing N N 206 
LEU N   H2   sing N N 207 
LEU CA  C    sing N N 208 
LEU CA  CB   sing N N 209 
LEU CA  HA   sing N N 210 
LEU C   O    doub N N 211 
LEU C   OXT  sing N N 212 
LEU CB  CG   sing N N 213 
LEU CB  HB2  sing N N 214 
LEU CB  HB3  sing N N 215 
LEU CG  CD1  sing N N 216 
LEU CG  CD2  sing N N 217 
LEU CG  HG   sing N N 218 
LEU CD1 HD11 sing N N 219 
LEU CD1 HD12 sing N N 220 
LEU CD1 HD13 sing N N 221 
LEU CD2 HD21 sing N N 222 
LEU CD2 HD22 sing N N 223 
LEU CD2 HD23 sing N N 224 
LEU OXT HXT  sing N N 225 
LYS N   CA   sing N N 226 
LYS N   H    sing N N 227 
LYS N   H2   sing N N 228 
LYS CA  C    sing N N 229 
LYS CA  CB   sing N N 230 
LYS CA  HA   sing N N 231 
LYS C   O    doub N N 232 
LYS C   OXT  sing N N 233 
LYS CB  CG   sing N N 234 
LYS CB  HB2  sing N N 235 
LYS CB  HB3  sing N N 236 
LYS CG  CD   sing N N 237 
LYS CG  HG2  sing N N 238 
LYS CG  HG3  sing N N 239 
LYS CD  CE   sing N N 240 
LYS CD  HD2  sing N N 241 
LYS CD  HD3  sing N N 242 
LYS CE  NZ   sing N N 243 
LYS CE  HE2  sing N N 244 
LYS CE  HE3  sing N N 245 
LYS NZ  HZ1  sing N N 246 
LYS NZ  HZ2  sing N N 247 
LYS NZ  HZ3  sing N N 248 
LYS OXT HXT  sing N N 249 
MET N   CA   sing N N 250 
MET N   H    sing N N 251 
MET N   H2   sing N N 252 
MET CA  C    sing N N 253 
MET CA  CB   sing N N 254 
MET CA  HA   sing N N 255 
MET C   O    doub N N 256 
MET C   OXT  sing N N 257 
MET CB  CG   sing N N 258 
MET CB  HB2  sing N N 259 
MET CB  HB3  sing N N 260 
MET CG  SD   sing N N 261 
MET CG  HG2  sing N N 262 
MET CG  HG3  sing N N 263 
MET SD  CE   sing N N 264 
MET CE  HE1  sing N N 265 
MET CE  HE2  sing N N 266 
MET CE  HE3  sing N N 267 
MET OXT HXT  sing N N 268 
PHE N   CA   sing N N 269 
PHE N   H    sing N N 270 
PHE N   H2   sing N N 271 
PHE CA  C    sing N N 272 
PHE CA  CB   sing N N 273 
PHE CA  HA   sing N N 274 
PHE C   O    doub N N 275 
PHE C   OXT  sing N N 276 
PHE CB  CG   sing N N 277 
PHE CB  HB2  sing N N 278 
PHE CB  HB3  sing N N 279 
PHE CG  CD1  doub Y N 280 
PHE CG  CD2  sing Y N 281 
PHE CD1 CE1  sing Y N 282 
PHE CD1 HD1  sing N N 283 
PHE CD2 CE2  doub Y N 284 
PHE CD2 HD2  sing N N 285 
PHE CE1 CZ   doub Y N 286 
PHE CE1 HE1  sing N N 287 
PHE CE2 CZ   sing Y N 288 
PHE CE2 HE2  sing N N 289 
PHE CZ  HZ   sing N N 290 
PHE OXT HXT  sing N N 291 
PRO N   CA   sing N N 292 
PRO N   CD   sing N N 293 
PRO N   H    sing N N 294 
PRO CA  C    sing N N 295 
PRO CA  CB   sing N N 296 
PRO CA  HA   sing N N 297 
PRO C   O    doub N N 298 
PRO C   OXT  sing N N 299 
PRO CB  CG   sing N N 300 
PRO CB  HB2  sing N N 301 
PRO CB  HB3  sing N N 302 
PRO CG  CD   sing N N 303 
PRO CG  HG2  sing N N 304 
PRO CG  HG3  sing N N 305 
PRO CD  HD2  sing N N 306 
PRO CD  HD3  sing N N 307 
PRO OXT HXT  sing N N 308 
SER N   CA   sing N N 309 
SER N   H    sing N N 310 
SER N   H2   sing N N 311 
SER CA  C    sing N N 312 
SER CA  CB   sing N N 313 
SER CA  HA   sing N N 314 
SER C   O    doub N N 315 
SER C   OXT  sing N N 316 
SER CB  OG   sing N N 317 
SER CB  HB2  sing N N 318 
SER CB  HB3  sing N N 319 
SER OG  HG   sing N N 320 
SER OXT HXT  sing N N 321 
THR N   CA   sing N N 322 
THR N   H    sing N N 323 
THR N   H2   sing N N 324 
THR CA  C    sing N N 325 
THR CA  CB   sing N N 326 
THR CA  HA   sing N N 327 
THR C   O    doub N N 328 
THR C   OXT  sing N N 329 
THR CB  OG1  sing N N 330 
THR CB  CG2  sing N N 331 
THR CB  HB   sing N N 332 
THR OG1 HG1  sing N N 333 
THR CG2 HG21 sing N N 334 
THR CG2 HG22 sing N N 335 
THR CG2 HG23 sing N N 336 
THR OXT HXT  sing N N 337 
TRP N   CA   sing N N 338 
TRP N   H    sing N N 339 
TRP N   H2   sing N N 340 
TRP CA  C    sing N N 341 
TRP CA  CB   sing N N 342 
TRP CA  HA   sing N N 343 
TRP C   O    doub N N 344 
TRP C   OXT  sing N N 345 
TRP CB  CG   sing N N 346 
TRP CB  HB2  sing N N 347 
TRP CB  HB3  sing N N 348 
TRP CG  CD1  doub Y N 349 
TRP CG  CD2  sing Y N 350 
TRP CD1 NE1  sing Y N 351 
TRP CD1 HD1  sing N N 352 
TRP CD2 CE2  doub Y N 353 
TRP CD2 CE3  sing Y N 354 
TRP NE1 CE2  sing Y N 355 
TRP NE1 HE1  sing N N 356 
TRP CE2 CZ2  sing Y N 357 
TRP CE3 CZ3  doub Y N 358 
TRP CE3 HE3  sing N N 359 
TRP CZ2 CH2  doub Y N 360 
TRP CZ2 HZ2  sing N N 361 
TRP CZ3 CH2  sing Y N 362 
TRP CZ3 HZ3  sing N N 363 
TRP CH2 HH2  sing N N 364 
TRP OXT HXT  sing N N 365 
TYR N   CA   sing N N 366 
TYR N   H    sing N N 367 
TYR N   H2   sing N N 368 
TYR CA  C    sing N N 369 
TYR CA  CB   sing N N 370 
TYR CA  HA   sing N N 371 
TYR C   O    doub N N 372 
TYR C   OXT  sing N N 373 
TYR CB  CG   sing N N 374 
TYR CB  HB2  sing N N 375 
TYR CB  HB3  sing N N 376 
TYR CG  CD1  doub Y N 377 
TYR CG  CD2  sing Y N 378 
TYR CD1 CE1  sing Y N 379 
TYR CD1 HD1  sing N N 380 
TYR CD2 CE2  doub Y N 381 
TYR CD2 HD2  sing N N 382 
TYR CE1 CZ   doub Y N 383 
TYR CE1 HE1  sing N N 384 
TYR CE2 CZ   sing Y N 385 
TYR CE2 HE2  sing N N 386 
TYR CZ  OH   sing N N 387 
TYR OH  HH   sing N N 388 
TYR OXT HXT  sing N N 389 
VAL N   CA   sing N N 390 
VAL N   H    sing N N 391 
VAL N   H2   sing N N 392 
VAL CA  C    sing N N 393 
VAL CA  CB   sing N N 394 
VAL CA  HA   sing N N 395 
VAL C   O    doub N N 396 
VAL C   OXT  sing N N 397 
VAL CB  CG1  sing N N 398 
VAL CB  CG2  sing N N 399 
VAL CB  HB   sing N N 400 
VAL CG1 HG11 sing N N 401 
VAL CG1 HG12 sing N N 402 
VAL CG1 HG13 sing N N 403 
VAL CG2 HG21 sing N N 404 
VAL CG2 HG22 sing N N 405 
VAL CG2 HG23 sing N N 406 
VAL OXT HXT  sing N N 407 
# 
_pdbx_audit_support.funding_organization   'Italian Association for Cancer Research' 
_pdbx_audit_support.country                Italy 
_pdbx_audit_support.grant_number           'MFAG 2017 - ID. 19882' 
_pdbx_audit_support.ordinal                1 
# 
_pdbx_entity_instance_feature.ordinal        1 
_pdbx_entity_instance_feature.comp_id        FI9 
_pdbx_entity_instance_feature.asym_id        ? 
_pdbx_entity_instance_feature.seq_num        ? 
_pdbx_entity_instance_feature.auth_comp_id   FI9 
_pdbx_entity_instance_feature.auth_asym_id   ? 
_pdbx_entity_instance_feature.auth_seq_num   ? 
_pdbx_entity_instance_feature.feature_type   'SUBJECT OF INVESTIGATION' 
_pdbx_entity_instance_feature.details        ? 
# 
_pdbx_initial_refinement_model.id               1 
_pdbx_initial_refinement_model.entity_id_list   ? 
_pdbx_initial_refinement_model.type             'experimental model' 
_pdbx_initial_refinement_model.source_name      PDB 
_pdbx_initial_refinement_model.accession_code   5MGJ 
_pdbx_initial_refinement_model.details          ? 
# 
_atom_sites.entry_id                    7QVV 
_atom_sites.Cartn_transf_matrix[1][1]   ? 
_atom_sites.Cartn_transf_matrix[1][2]   ? 
_atom_sites.Cartn_transf_matrix[1][3]   ? 
_atom_sites.Cartn_transf_matrix[2][1]   ? 
_atom_sites.Cartn_transf_matrix[2][2]   ? 
_atom_sites.Cartn_transf_matrix[2][3]   ? 
_atom_sites.Cartn_transf_matrix[3][1]   ? 
_atom_sites.Cartn_transf_matrix[3][2]   ? 
_atom_sites.Cartn_transf_matrix[3][3]   ? 
_atom_sites.Cartn_transf_vector[1]      ? 
_atom_sites.Cartn_transf_vector[2]      ? 
_atom_sites.Cartn_transf_vector[3]      ? 
_atom_sites.fract_transf_matrix[1][1]   -0.00564473 
_atom_sites.fract_transf_matrix[1][2]   -0.00851710 
_atom_sites.fract_transf_matrix[1][3]   -0.00741868 
_atom_sites.fract_transf_matrix[2][1]   -0.01259180 
_atom_sites.fract_transf_matrix[2][2]   -0.00021685 
_atom_sites.fract_transf_matrix[2][3]   -0.00091695 
_atom_sites.fract_transf_matrix[3][1]   0.00137645 
_atom_sites.fract_transf_matrix[3][2]   0.01958645 
_atom_sites.fract_transf_matrix[3][3]   -0.02353375 
_atom_sites.fract_transf_vector[1]      -0.147672 
_atom_sites.fract_transf_vector[2]      0.359124 
_atom_sites.fract_transf_vector[3]      0.009178 
_atom_sites.solution_primary            ? 
_atom_sites.solution_secondary          ? 
_atom_sites.solution_hydrogens          ? 
_atom_sites.special_details             ? 
# 
loop_
_atom_type.symbol 
C 
N 
O 
S 
# 
loop_
_atom_site.group_PDB 
_atom_site.id 
_atom_site.type_symbol 
_atom_site.label_atom_id 
_atom_site.label_alt_id 
_atom_site.label_comp_id 
_atom_site.label_asym_id 
_atom_site.label_entity_id 
_atom_site.label_seq_id 
_atom_site.pdbx_PDB_ins_code 
_atom_site.Cartn_x 
_atom_site.Cartn_y 
_atom_site.Cartn_z 
_atom_site.occupancy 
_atom_site.B_iso_or_equiv 
_atom_site.pdbx_formal_charge 
_atom_site.auth_seq_id 
_atom_site.auth_comp_id 
_atom_site.auth_asym_id 
_atom_site.auth_atom_id 
_atom_site.pdbx_PDB_model_num 
ATOM   1   N N   . HIS A 1 3   ? 21.107  1.309   -5.347  1.00 89.95  ? 1796 HIS A N   1 
ATOM   2   C CA  . HIS A 1 3   ? 20.719  2.571   -4.732  1.00 93.32  ? 1796 HIS A CA  1 
ATOM   3   C C   . HIS A 1 3   ? 19.484  3.098   -5.458  1.00 95.79  ? 1796 HIS A C   1 
ATOM   4   O O   . HIS A 1 3   ? 18.510  3.498   -4.822  1.00 95.17  ? 1796 HIS A O   1 
ATOM   5   C CB  . HIS A 1 3   ? 21.906  3.562   -4.780  1.00 105.76 ? 1796 HIS A CB  1 
ATOM   6   C CG  . HIS A 1 3   ? 21.652  4.890   -4.120  1.00 108.64 ? 1796 HIS A CG  1 
ATOM   7   N ND1 . HIS A 1 3   ? 21.364  5.015   -2.777  1.00 105.66 ? 1796 HIS A ND1 1 
ATOM   8   C CD2 . HIS A 1 3   ? 21.735  6.155   -4.600  1.00 108.01 ? 1796 HIS A CD2 1 
ATOM   9   C CE1 . HIS A 1 3   ? 21.217  6.294   -2.474  1.00 104.35 ? 1796 HIS A CE1 1 
ATOM   10  N NE2 . HIS A 1 3   ? 21.430  7.006   -3.565  1.00 106.02 ? 1796 HIS A NE2 1 
ATOM   11  N N   . SER A 1 4   ? 19.519  3.060   -6.795  1.00 105.44 ? 1797 SER A N   1 
ATOM   12  C CA  . SER A 1 4   ? 18.402  3.583   -7.581  1.00 105.46 ? 1797 SER A CA  1 
ATOM   13  C C   . SER A 1 4   ? 17.106  2.831   -7.304  1.00 98.65  ? 1797 SER A C   1 
ATOM   14  O O   . SER A 1 4   ? 16.021  3.431   -7.326  1.00 92.21  ? 1797 SER A O   1 
ATOM   15  C CB  . SER A 1 4   ? 18.741  3.544   -9.078  1.00 103.33 ? 1797 SER A CB  1 
ATOM   16  O OG  . SER A 1 4   ? 18.860  2.217   -9.561  1.00 105.54 ? 1797 SER A OG  1 
ATOM   17  N N   . ASP A 1 5   ? 17.203  1.532   -7.002  1.00 100.63 ? 1798 ASP A N   1 
ATOM   18  C CA  . ASP A 1 5   ? 16.023  0.751   -6.642  1.00 89.92  ? 1798 ASP A CA  1 
ATOM   19  C C   . ASP A 1 5   ? 15.286  1.360   -5.451  1.00 80.92  ? 1798 ASP A C   1 
ATOM   20  O O   . ASP A 1 5   ? 14.108  1.737   -5.557  1.00 87.20  ? 1798 ASP A O   1 
ATOM   21  C CB  . ASP A 1 5   ? 16.438  -0.693  -6.338  1.00 82.08  ? 1798 ASP A CB  1 
ATOM   22  C CG  . ASP A 1 5   ? 16.323  -1.608  -7.550  1.00 79.23  ? 1798 ASP A CG  1 
ATOM   23  O OD1 . ASP A 1 5   ? 16.205  -1.082  -8.677  1.00 81.00  ? 1798 ASP A OD1 1 
ATOM   24  O OD2 . ASP A 1 5   ? 16.372  -2.848  -7.383  1.00 76.75  ? 1798 ASP A OD2 1 
ATOM   25  N N   . LEU A 1 6   ? 15.991  1.546   -4.329  1.00 68.42  ? 1799 LEU A N   1 
ATOM   26  C CA  . LEU A 1 6   ? 15.316  2.074   -3.152  1.00 71.32  ? 1799 LEU A CA  1 
ATOM   27  C C   . LEU A 1 6   ? 15.018  3.563   -3.261  1.00 79.53  ? 1799 LEU A C   1 
ATOM   28  O O   . LEU A 1 6   ? 14.128  4.049   -2.552  1.00 80.38  ? 1799 LEU A O   1 
ATOM   29  C CB  . LEU A 1 6   ? 16.159  1.808   -1.901  1.00 72.27  ? 1799 LEU A CB  1 
ATOM   30  C CG  . LEU A 1 6   ? 16.244  0.358   -1.438  1.00 69.46  ? 1799 LEU A CG  1 
ATOM   31  C CD1 . LEU A 1 6   ? 17.194  0.236   -0.248  1.00 72.19  ? 1799 LEU A CD1 1 
ATOM   32  C CD2 . LEU A 1 6   ? 14.867  -0.186  -1.099  1.00 60.25  ? 1799 LEU A CD2 1 
ATOM   33  N N   . THR A 1 7   ? 15.768  4.306   -4.084  1.00 81.69  ? 1800 THR A N   1 
ATOM   34  C CA  . THR A 1 7   ? 15.452  5.717   -4.268  1.00 76.94  ? 1800 THR A CA  1 
ATOM   35  C C   . THR A 1 7   ? 14.137  5.910   -5.006  1.00 70.20  ? 1800 THR A C   1 
ATOM   36  O O   . THR A 1 7   ? 13.295  6.715   -4.586  1.00 61.15  ? 1800 THR A O   1 
ATOM   37  C CB  . THR A 1 7   ? 16.578  6.427   -5.028  1.00 74.60  ? 1800 THR A CB  1 
ATOM   38  O OG1 . THR A 1 7   ? 17.698  6.640   -4.157  1.00 84.31  ? 1800 THR A OG1 1 
ATOM   39  C CG2 . THR A 1 7   ? 16.098  7.757   -5.632  1.00 67.13  ? 1800 THR A CG2 1 
ATOM   40  N N   . PHE A 1 8   ? 13.929  5.168   -6.100  1.00 68.02  ? 1801 PHE A N   1 
ATOM   41  C CA  . PHE A 1 8   ? 12.611  5.202   -6.716  1.00 70.60  ? 1801 PHE A CA  1 
ATOM   42  C C   . PHE A 1 8   ? 11.551  4.701   -5.747  1.00 70.32  ? 1801 PHE A C   1 
ATOM   43  O O   . PHE A 1 8   ? 10.443  5.246   -5.703  1.00 71.03  ? 1801 PHE A O   1 
ATOM   44  C CB  . PHE A 1 8   ? 12.571  4.414   -8.019  1.00 80.14  ? 1801 PHE A CB  1 
ATOM   45  C CG  . PHE A 1 8   ? 11.289  4.623   -8.776  1.00 92.21  ? 1801 PHE A CG  1 
ATOM   46  C CD1 . PHE A 1 8   ? 11.066  5.823   -9.445  1.00 87.15  ? 1801 PHE A CD1 1 
ATOM   47  C CD2 . PHE A 1 8   ? 10.282  3.670   -8.760  1.00 102.21 ? 1801 PHE A CD2 1 
ATOM   48  C CE1 . PHE A 1 8   ? 9.892   6.052   -10.133 1.00 84.97  ? 1801 PHE A CE1 1 
ATOM   49  C CE2 . PHE A 1 8   ? 9.095   3.894   -9.445  1.00 103.60 ? 1801 PHE A CE2 1 
ATOM   50  C CZ  . PHE A 1 8   ? 8.901   5.094   -10.132 1.00 92.88  ? 1801 PHE A CZ  1 
ATOM   51  N N   . CYS A 1 9   ? 11.851  3.635   -4.988  1.00 66.97  ? 1802 CYS A N   1 
ATOM   52  C CA  . CYS A 1 9   ? 10.871  3.167   -4.010  1.00 64.25  ? 1802 CYS A CA  1 
ATOM   53  C C   . CYS A 1 9   ? 10.487  4.294   -3.063  1.00 69.48  ? 1802 CYS A C   1 
ATOM   54  O O   . CYS A 1 9   ? 9.317   4.442   -2.690  1.00 69.64  ? 1802 CYS A O   1 
ATOM   55  C CB  . CYS A 1 9   ? 11.411  1.970   -3.226  1.00 70.02  ? 1802 CYS A CB  1 
ATOM   56  S SG  . CYS A 1 9   ? 11.616  0.442   -4.185  1.00 78.68  ? 1802 CYS A SG  1 
ATOM   57  N N   . GLU A 1 10  ? 11.460  5.117   -2.685  1.00 69.24  ? 1803 GLU A N   1 
ATOM   58  C CA  . GLU A 1 10  ? 11.168  6.261   -1.839  1.00 64.03  ? 1803 GLU A CA  1 
ATOM   59  C C   . GLU A 1 10  ? 10.304  7.275   -2.590  1.00 63.48  ? 1803 GLU A C   1 
ATOM   60  O O   . GLU A 1 10  ? 9.389   7.871   -2.008  1.00 71.99  ? 1803 GLU A O   1 
ATOM   61  C CB  . GLU A 1 10  ? 12.478  6.873   -1.347  1.00 67.29  ? 1803 GLU A CB  1 
ATOM   62  C CG  . GLU A 1 10  ? 12.298  8.174   -0.629  1.00 71.84  ? 1803 GLU A CG  1 
ATOM   63  C CD  . GLU A 1 10  ? 11.413  8.033   0.585   1.00 74.38  ? 1803 GLU A CD  1 
ATOM   64  O OE1 . GLU A 1 10  ? 11.659  7.098   1.382   1.00 71.61  ? 1803 GLU A OE1 1 
ATOM   65  O OE2 . GLU A 1 10  ? 10.468  8.843   0.734   1.00 77.84  ? 1803 GLU A OE2 1 
ATOM   66  N N   . ILE A 1 11  ? 10.578  7.478   -3.886  1.00 56.80  ? 1804 ILE A N   1 
ATOM   67  C CA  . ILE A 1 11  ? 9.855   8.482   -4.672  1.00 63.07  ? 1804 ILE A CA  1 
ATOM   68  C C   . ILE A 1 11  ? 8.387   8.105   -4.763  1.00 56.86  ? 1804 ILE A C   1 
ATOM   69  O O   . ILE A 1 11  ? 7.482   8.910   -4.492  1.00 63.23  ? 1804 ILE A O   1 
ATOM   70  C CB  . ILE A 1 11  ? 10.462  8.595   -6.086  1.00 65.87  ? 1804 ILE A CB  1 
ATOM   71  C CG1 . ILE A 1 11  ? 11.870  9.187   -6.061  1.00 63.80  ? 1804 ILE A CG1 1 
ATOM   72  C CG2 . ILE A 1 11  ? 9.560   9.430   -6.995  1.00 59.72  ? 1804 ILE A CG2 1 
ATOM   73  C CD1 . ILE A 1 11  ? 12.506  9.273   -7.423  1.00 64.18  ? 1804 ILE A CD1 1 
ATOM   74  N N   . ILE A 1 12  ? 8.140   6.843   -5.087  1.00 54.66  ? 1805 ILE A N   1 
ATOM   75  C CA  . ILE A 1 12  ? 6.785   6.366   -5.283  1.00 57.31  ? 1805 ILE A CA  1 
ATOM   76  C C   . ILE A 1 12  ? 6.070   6.278   -3.943  1.00 53.54  ? 1805 ILE A C   1 
ATOM   77  O O   . ILE A 1 12  ? 4.882   6.594   -3.844  1.00 58.64  ? 1805 ILE A O   1 
ATOM   78  C CB  . ILE A 1 12  ? 6.815   5.020   -6.038  1.00 61.35  ? 1805 ILE A CB  1 
ATOM   79  C CG1 . ILE A 1 12  ? 5.429   4.634   -6.536  1.00 63.60  ? 1805 ILE A CG1 1 
ATOM   80  C CG2 . ILE A 1 12  ? 7.433   3.907   -5.196  1.00 61.12  ? 1805 ILE A CG2 1 
ATOM   81  C CD1 . ILE A 1 12  ? 5.472   3.468   -7.504  1.00 71.99  ? 1805 ILE A CD1 1 
ATOM   82  N N   . LEU A 1 13  ? 6.765   5.814   -2.899  1.00 50.63  ? 1806 LEU A N   1 
ATOM   83  C CA  . LEU A 1 13  ? 6.145   5.764   -1.582  1.00 51.94  ? 1806 LEU A CA  1 
ATOM   84  C C   . LEU A 1 13  ? 5.712   7.148   -1.121  1.00 56.11  ? 1806 LEU A C   1 
ATOM   85  O O   . LEU A 1 13  ? 4.593   7.323   -0.629  1.00 47.11  ? 1806 LEU A O   1 
ATOM   86  C CB  . LEU A 1 13  ? 7.094   5.145   -0.557  1.00 52.26  ? 1806 LEU A CB  1 
ATOM   87  C CG  . LEU A 1 13  ? 6.412   4.952   0.805   1.00 51.71  ? 1806 LEU A CG  1 
ATOM   88  C CD1 . LEU A 1 13  ? 5.053   4.284   0.648   1.00 56.40  ? 1806 LEU A CD1 1 
ATOM   89  C CD2 . LEU A 1 13  ? 7.289   4.166   1.756   1.00 55.67  ? 1806 LEU A CD2 1 
ATOM   90  N N   . MET A 1 14  ? 6.599   8.139   -1.244  1.00 53.89  ? 1807 MET A N   1 
ATOM   91  C CA  . MET A 1 14  ? 6.228   9.504   -0.886  1.00 55.33  ? 1807 MET A CA  1 
ATOM   92  C C   . MET A 1 14  ? 5.029   9.974   -1.706  1.00 49.59  ? 1807 MET A C   1 
ATOM   93  O O   . MET A 1 14  ? 4.105   10.595  -1.168  1.00 53.56  ? 1807 MET A O   1 
ATOM   94  C CB  . MET A 1 14  ? 7.433   10.449  -1.030  1.00 66.27  ? 1807 MET A CB  1 
ATOM   95  C CG  . MET A 1 14  ? 7.114   11.947  -1.220  1.00 68.26  ? 1807 MET A CG  1 
ATOM   96  S SD  . MET A 1 14  ? 6.899   12.655  -2.856  1.00 81.73  ? 1807 MET A SD  1 
ATOM   97  C CE  . MET A 1 14  ? 8.443   12.200  -3.636  1.00 91.39  ? 1807 MET A CE  1 
ATOM   98  N N   . GLU A 1 15  ? 5.000   9.650   -3.001  1.00 50.53  ? 1808 GLU A N   1 
ATOM   99  C CA  . GLU A 1 15  ? 3.883   10.091  -3.838  1.00 53.21  ? 1808 GLU A CA  1 
ATOM   100 C C   . GLU A 1 15  ? 2.574   9.376   -3.501  1.00 48.70  ? 1808 GLU A C   1 
ATOM   101 O O   . GLU A 1 15  ? 1.502   9.979   -3.592  1.00 48.32  ? 1808 GLU A O   1 
ATOM   102 C CB  . GLU A 1 15  ? 4.232   9.868   -5.313  1.00 54.11  ? 1808 GLU A CB  1 
ATOM   103 C CG  . GLU A 1 15  ? 5.239   10.866  -5.887  1.00 60.05  ? 1808 GLU A CG  1 
ATOM   104 C CD  . GLU A 1 15  ? 5.503   10.652  -7.376  1.00 65.58  ? 1808 GLU A CD  1 
ATOM   105 O OE1 . GLU A 1 15  ? 4.949   9.688   -7.949  1.00 66.20  ? 1808 GLU A OE1 1 
ATOM   106 O OE2 . GLU A 1 15  ? 6.279   11.436  -7.971  1.00 68.63  ? 1808 GLU A OE2 1 
ATOM   107 N N   . MET A 1 16  ? 2.641   8.128   -3.046  1.00 47.68  ? 1809 MET A N   1 
ATOM   108 C CA  . MET A 1 16  ? 1.437   7.431   -2.602  1.00 46.01  ? 1809 MET A CA  1 
ATOM   109 C C   . MET A 1 16  ? 0.961   7.965   -1.261  1.00 44.82  ? 1809 MET A C   1 
ATOM   110 O O   . MET A 1 16  ? -0.240  8.144   -1.051  1.00 55.04  ? 1809 MET A O   1 
ATOM   111 C CB  . MET A 1 16  ? 1.698   5.932   -2.504  1.00 45.88  ? 1809 MET A CB  1 
ATOM   112 C CG  . MET A 1 16  ? 1.926   5.243   -3.825  1.00 47.66  ? 1809 MET A CG  1 
ATOM   113 S SD  . MET A 1 16  ? 1.759   3.458   -3.656  1.00 48.66  ? 1809 MET A SD  1 
ATOM   114 C CE  . MET A 1 16  ? 3.317   3.062   -2.866  1.00 59.08  ? 1809 MET A CE  1 
ATOM   115 N N   . GLU A 1 17  ? 1.888   8.202   -0.336  1.00 44.94  ? 1810 GLU A N   1 
ATOM   116 C CA  . GLU A 1 17  ? 1.524   8.739   0.968   1.00 50.62  ? 1810 GLU A CA  1 
ATOM   117 C C   . GLU A 1 17  ? 0.785   10.067  0.848   1.00 47.34  ? 1810 GLU A C   1 
ATOM   118 O O   . GLU A 1 17  ? -0.143  10.329  1.624   1.00 43.37  ? 1810 GLU A O   1 
ATOM   119 C CB  . GLU A 1 17  ? 2.783   8.916   1.817   1.00 50.85  ? 1810 GLU A CB  1 
ATOM   120 C CG  . GLU A 1 17  ? 3.449   7.613   2.230   1.00 46.38  ? 1810 GLU A CG  1 
ATOM   121 C CD  . GLU A 1 17  ? 4.795   7.836   2.892   1.00 45.38  ? 1810 GLU A CD  1 
ATOM   122 O OE1 . GLU A 1 17  ? 5.580   8.667   2.388   1.00 46.72  ? 1810 GLU A OE1 1 
ATOM   123 O OE2 . GLU A 1 17  ? 5.074   7.165   3.906   1.00 57.69  ? 1810 GLU A OE2 1 
ATOM   124 N N   . SER A 1 18  ? 1.123   10.880  -0.155  1.00 45.70  ? 1811 SER A N   1 
ATOM   125 C CA  . SER A 1 18  ? 0.526   12.200  -0.307  1.00 46.29  ? 1811 SER A CA  1 
ATOM   126 C C   . SER A 1 18  ? -0.636  12.235  -1.291  1.00 47.35  ? 1811 SER A C   1 
ATOM   127 O O   . SER A 1 18  ? -1.158  13.322  -1.577  1.00 47.25  ? 1811 SER A O   1 
ATOM   128 C CB  . SER A 1 18  ? 1.606   13.197  -0.729  1.00 52.90  ? 1811 SER A CB  1 
ATOM   129 O OG  . SER A 1 18  ? 2.041   12.926  -2.045  1.00 62.72  ? 1811 SER A OG  1 
ATOM   130 N N   . HIS A 1 19  ? -1.016  11.087  -1.846  1.00 52.96  ? 1812 HIS A N   1 
ATOM   131 C CA  . HIS A 1 19  ? -2.121  11.002  -2.791  1.00 47.34  ? 1812 HIS A CA  1 
ATOM   132 C C   . HIS A 1 19  ? -3.469  11.265  -2.114  1.00 48.00  ? 1812 HIS A C   1 
ATOM   133 O O   . HIS A 1 19  ? -3.683  10.904  -0.953  1.00 43.77  ? 1812 HIS A O   1 
ATOM   134 C CB  . HIS A 1 19  ? -2.128  9.631   -3.470  1.00 45.77  ? 1812 HIS A CB  1 
ATOM   135 C CG  . HIS A 1 19  ? -2.934  9.585   -4.731  1.00 46.61  ? 1812 HIS A CG  1 
ATOM   136 N ND1 . HIS A 1 19  ? -4.310  9.659   -4.734  1.00 46.11  ? 1812 HIS A ND1 1 
ATOM   137 C CD2 . HIS A 1 19  ? -2.562  9.489   -6.029  1.00 48.11  ? 1812 HIS A CD2 1 
ATOM   138 C CE1 . HIS A 1 19  ? -4.754  9.600   -5.977  1.00 47.25  ? 1812 HIS A CE1 1 
ATOM   139 N NE2 . HIS A 1 19  ? -3.713  9.500   -6.783  1.00 48.48  ? 1812 HIS A NE2 1 
ATOM   140 N N   . ASP A 1 20  ? -4.358  11.962  -2.832  1.00 48.84  ? 1813 ASP A N   1 
ATOM   141 C CA  . ASP A 1 20  ? -5.723  12.176  -2.346  1.00 56.11  ? 1813 ASP A CA  1 
ATOM   142 C C   . ASP A 1 20  ? -6.399  10.868  -1.942  1.00 58.82  ? 1813 ASP A C   1 
ATOM   143 O O   . ASP A 1 20  ? -7.143  10.822  -0.955  1.00 58.23  ? 1813 ASP A O   1 
ATOM   144 C CB  . ASP A 1 20  ? -6.579  12.892  -3.394  1.00 61.23  ? 1813 ASP A CB  1 
ATOM   145 C CG  . ASP A 1 20  ? -6.276  14.369  -3.498  1.00 57.63  ? 1813 ASP A CG  1 
ATOM   146 O OD1 . ASP A 1 20  ? -5.507  14.893  -2.670  1.00 54.08  ? 1813 ASP A OD1 1 
ATOM   147 O OD2 . ASP A 1 20  ? -6.857  15.016  -4.388  1.00 60.96  ? 1813 ASP A OD2 1 
ATOM   148 N N   . ALA A 1 21  ? -6.138  9.790   -2.680  1.00 52.31  ? 1814 ALA A N   1 
ATOM   149 C CA  . ALA A 1 21  ? -6.807  8.517   -2.462  1.00 50.88  ? 1814 ALA A CA  1 
ATOM   150 C C   . ALA A 1 21  ? -6.080  7.640   -1.451  1.00 41.38  ? 1814 ALA A C   1 
ATOM   151 O O   . ALA A 1 21  ? -6.412  6.458   -1.320  1.00 40.59  ? 1814 ALA A O   1 
ATOM   152 C CB  . ALA A 1 21  ? -6.955  7.768   -3.791  1.00 44.35  ? 1814 ALA A CB  1 
ATOM   153 N N   . ALA A 1 22  ? -5.093  8.194   -0.745  1.00 48.93  ? 1815 ALA A N   1 
ATOM   154 C CA  . ALA A 1 22  ? -4.233  7.411   0.127   1.00 40.73  ? 1815 ALA A CA  1 
ATOM   155 C C   . ALA A 1 22  ? -4.870  7.150   1.480   1.00 47.03  ? 1815 ALA A C   1 
ATOM   156 O O   . ALA A 1 22  ? -4.433  6.239   2.191   1.00 63.81  ? 1815 ALA A O   1 
ATOM   157 C CB  . ALA A 1 22  ? -2.905  8.127   0.341   1.00 41.50  ? 1815 ALA A CB  1 
ATOM   158 N N   . TRP A 1 23  ? -5.912  7.897   1.832   1.00 39.41  ? 1816 TRP A N   1 
ATOM   159 C CA  . TRP A 1 23  ? -6.456  7.927   3.182   1.00 38.63  ? 1816 TRP A CA  1 
ATOM   160 C C   . TRP A 1 23  ? -6.780  6.562   3.802   1.00 40.97  ? 1816 TRP A C   1 
ATOM   161 O O   . TRP A 1 23  ? -6.694  6.438   5.031   1.00 47.02  ? 1816 TRP A O   1 
ATOM   162 C CB  . TRP A 1 23  ? -7.700  8.813   3.215   1.00 38.87  ? 1816 TRP A CB  1 
ATOM   163 C CG  . TRP A 1 23  ? -8.782  8.383   2.301   1.00 38.95  ? 1816 TRP A CG  1 
ATOM   164 C CD1 . TRP A 1 23  ? -8.954  8.750   1.000   1.00 45.82  ? 1816 TRP A CD1 1 
ATOM   165 C CD2 . TRP A 1 23  ? -9.853  7.494   2.612   1.00 40.83  ? 1816 TRP A CD2 1 
ATOM   166 N NE1 . TRP A 1 23  ? -10.071 8.148   0.481   1.00 39.81  ? 1816 TRP A NE1 1 
ATOM   167 C CE2 . TRP A 1 23  ? -10.634 7.358   1.446   1.00 38.81  ? 1816 TRP A CE2 1 
ATOM   168 C CE3 . TRP A 1 23  ? -10.216 6.777   3.758   1.00 42.84  ? 1816 TRP A CE3 1 
ATOM   169 C CZ2 . TRP A 1 23  ? -11.770 6.556   1.396   1.00 46.01  ? 1816 TRP A CZ2 1 
ATOM   170 C CZ3 . TRP A 1 23  ? -11.345 5.975   3.707   1.00 47.37  ? 1816 TRP A CZ3 1 
ATOM   171 C CH2 . TRP A 1 23  ? -12.111 5.873   2.533   1.00 49.77  ? 1816 TRP A CH2 1 
ATOM   172 N N   . PRO A 1 24  ? -7.161  5.516   3.057   1.00 37.48  ? 1817 PRO A N   1 
ATOM   173 C CA  . PRO A 1 24  ? -7.402  4.240   3.741   1.00 36.73  ? 1817 PRO A CA  1 
ATOM   174 C C   . PRO A 1 24  ? -6.138  3.483   4.079   1.00 36.73  ? 1817 PRO A C   1 
ATOM   175 O O   . PRO A 1 24  ? -6.205  2.460   4.773   1.00 36.30  ? 1817 PRO A O   1 
ATOM   176 C CB  . PRO A 1 24  ? -8.186  3.417   2.708   1.00 36.74  ? 1817 PRO A CB  1 
ATOM   177 C CG  . PRO A 1 24  ? -8.690  4.401   1.705   1.00 43.09  ? 1817 PRO A CG  1 
ATOM   178 C CD  . PRO A 1 24  ? -7.627  5.456   1.658   1.00 42.51  ? 1817 PRO A CD  1 
ATOM   179 N N   . PHE A 1 25  ? -4.990  3.972   3.637   1.00 37.40  ? 1818 PHE A N   1 
ATOM   180 C CA  . PHE A 1 25  ? -3.772  3.187   3.626   1.00 46.29  ? 1818 PHE A CA  1 
ATOM   181 C C   . PHE A 1 25  ? -2.644  3.881   4.369   1.00 38.16  ? 1818 PHE A C   1 
ATOM   182 O O   . PHE A 1 25  ? -1.526  3.351   4.393   1.00 38.68  ? 1818 PHE A O   1 
ATOM   183 C CB  . PHE A 1 25  ? -3.360  2.820   2.193   1.00 44.81  ? 1818 PHE A CB  1 
ATOM   184 C CG  . PHE A 1 25  ? -4.511  2.310   1.370   1.00 38.17  ? 1818 PHE A CG  1 
ATOM   185 C CD1 . PHE A 1 25  ? -5.098  1.095   1.678   1.00 37.58  ? 1818 PHE A CD1 1 
ATOM   186 C CD2 . PHE A 1 25  ? -5.032  3.057   0.328   1.00 40.02  ? 1818 PHE A CD2 1 
ATOM   187 C CE1 . PHE A 1 25  ? -6.165  0.613   0.945   1.00 37.48  ? 1818 PHE A CE1 1 
ATOM   188 C CE2 . PHE A 1 25  ? -6.104  2.585   -0.410  1.00 38.63  ? 1818 PHE A CE2 1 
ATOM   189 C CZ  . PHE A 1 25  ? -6.672  1.361   -0.098  1.00 39.25  ? 1818 PHE A CZ  1 
ATOM   190 N N   . LEU A 1 26  ? -2.900  5.057   4.954   1.00 38.91  ? 1819 LEU A N   1 
ATOM   191 C CA  . LEU A 1 26  ? -1.844  5.798   5.640   1.00 47.23  ? 1819 LEU A CA  1 
ATOM   192 C C   . LEU A 1 26  ? -1.437  5.125   6.944   1.00 42.57  ? 1819 LEU A C   1 
ATOM   193 O O   . LEU A 1 26  ? -0.258  5.136   7.305   1.00 51.30  ? 1819 LEU A O   1 
ATOM   194 C CB  . LEU A 1 26  ? -2.280  7.240   5.894   1.00 53.30  ? 1819 LEU A CB  1 
ATOM   195 C CG  . LEU A 1 26  ? -2.660  8.078   4.672   1.00 43.62  ? 1819 LEU A CG  1 
ATOM   196 C CD1 . LEU A 1 26  ? -3.189  9.431   5.112   1.00 46.32  ? 1819 LEU A CD1 1 
ATOM   197 C CD2 . LEU A 1 26  ? -1.449  8.257   3.797   1.00 40.46  ? 1819 LEU A CD2 1 
ATOM   198 N N   . GLU A 1 27  ? -2.387  4.547   7.668   1.00 45.51  ? 1820 GLU A N   1 
ATOM   199 C CA  A GLU A 1 27  ? -2.103  3.855   8.918   0.56 47.08  ? 1820 GLU A CA  1 
ATOM   200 C CA  B GLU A 1 27  ? -2.070  3.842   8.899   0.44 46.96  ? 1820 GLU A CA  1 
ATOM   201 C C   . GLU A 1 27  ? -2.689  2.451   8.888   1.00 43.73  ? 1820 GLU A C   1 
ATOM   202 O O   . GLU A 1 27  ? -3.692  2.211   8.206   1.00 39.88  ? 1820 GLU A O   1 
ATOM   203 C CB  A GLU A 1 27  ? -2.666  4.626   10.124  0.56 47.82  ? 1820 GLU A CB  1 
ATOM   204 C CB  B GLU A 1 27  ? -2.552  4.633   10.128  0.44 47.58  ? 1820 GLU A CB  1 
ATOM   205 C CG  A GLU A 1 27  ? -3.990  5.333   9.870   0.56 48.94  ? 1820 GLU A CG  1 
ATOM   206 C CG  B GLU A 1 27  ? -1.864  5.993   10.308  0.44 44.61  ? 1820 GLU A CG  1 
ATOM   207 C CD  A GLU A 1 27  ? -4.781  5.556   11.142  0.56 43.84  ? 1820 GLU A CD  1 
ATOM   208 C CD  B GLU A 1 27  ? -0.365  5.883   10.567  0.44 39.25  ? 1820 GLU A CD  1 
ATOM   209 O OE1 A GLU A 1 27  ? -5.994  5.248   11.151  0.56 39.55  ? 1820 GLU A OE1 1 
ATOM   210 O OE1 B GLU A 1 27  ? 0.066   4.894   11.196  0.44 39.44  ? 1820 GLU A OE1 1 
ATOM   211 O OE2 A GLU A 1 27  ? -4.183  6.023   12.132  0.56 37.59  ? 1820 GLU A OE2 1 
ATOM   212 O OE2 B GLU A 1 27  ? 0.383   6.791   10.140  0.44 39.92  ? 1820 GLU A OE2 1 
ATOM   213 N N   . PRO A 1 28  ? -2.083  1.502   9.609   1.00 45.96  ? 1821 PRO A N   1 
ATOM   214 C CA  . PRO A 1 28  ? -2.604  0.127   9.625   1.00 37.40  ? 1821 PRO A CA  1 
ATOM   215 C C   . PRO A 1 28  ? -4.090  0.092   9.947   1.00 36.68  ? 1821 PRO A C   1 
ATOM   216 O O   . PRO A 1 28  ? -4.579  0.859   10.776  1.00 57.44  ? 1821 PRO A O   1 
ATOM   217 C CB  . PRO A 1 28  ? -1.787  -0.541  10.733  1.00 38.12  ? 1821 PRO A CB  1 
ATOM   218 C CG  . PRO A 1 28  ? -0.510  0.224   10.777  1.00 38.88  ? 1821 PRO A CG  1 
ATOM   219 C CD  . PRO A 1 28  ? -0.895  1.643   10.478  1.00 45.23  ? 1821 PRO A CD  1 
ATOM   220 N N   . VAL A 1 29  ? -4.823  -0.802  9.283   1.00 36.33  ? 1822 VAL A N   1 
ATOM   221 C CA  . VAL A 1 29  ? -6.225  -0.965  9.634   1.00 36.99  ? 1822 VAL A CA  1 
ATOM   222 C C   . VAL A 1 29  ? -6.312  -1.459  11.070  1.00 46.10  ? 1822 VAL A C   1 
ATOM   223 O O   . VAL A 1 29  ? -5.614  -2.403  11.465  1.00 50.56  ? 1822 VAL A O   1 
ATOM   224 C CB  . VAL A 1 29  ? -6.892  -1.956  8.668   1.00 35.63  ? 1822 VAL A CB  1 
ATOM   225 C CG1 . VAL A 1 29  ? -8.294  -2.326  9.146   1.00 35.35  ? 1822 VAL A CG1 1 
ATOM   226 C CG2 . VAL A 1 29  ? -6.933  -1.391  7.270   1.00 35.52  ? 1822 VAL A CG2 1 
ATOM   227 N N   . ASN A 1 30  ? -7.200  -0.838  11.857  1.00 44.43  ? 1823 ASN A N   1 
ATOM   228 C CA  . ASN A 1 30  ? -7.403  -1.230  13.250  1.00 41.40  ? 1823 ASN A CA  1 
ATOM   229 C C   . ASN A 1 30  ? -8.511  -2.272  13.339  1.00 44.44  ? 1823 ASN A C   1 
ATOM   230 O O   . ASN A 1 30  ? -9.697  -1.930  13.252  1.00 36.16  ? 1823 ASN A O   1 
ATOM   231 C CB  . ASN A 1 30  ? -7.704  -0.016  14.129  1.00 43.28  ? 1823 ASN A CB  1 
ATOM   232 C CG  . ASN A 1 30  ? -7.664  -0.334  15.621  1.00 50.30  ? 1823 ASN A CG  1 
ATOM   233 O OD1 . ASN A 1 30  ? -7.649  -1.496  16.037  1.00 63.22  ? 1823 ASN A OD1 1 
ATOM   234 N ND2 . ASN A 1 30  ? -7.602  0.713   16.434  1.00 58.90  ? 1823 ASN A ND2 1 
ATOM   235 N N   . PRO A 1 31  ? -8.165  -3.545  13.539  1.00 46.33  ? 1824 PRO A N   1 
ATOM   236 C CA  . PRO A 1 31  ? -9.181  -4.607  13.484  1.00 43.20  ? 1824 PRO A CA  1 
ATOM   237 C C   . PRO A 1 31  ? -10.242 -4.473  14.554  1.00 38.02  ? 1824 PRO A C   1 
ATOM   238 O O   . PRO A 1 31  ? -11.338 -5.023  14.395  1.00 50.68  ? 1824 PRO A O   1 
ATOM   239 C CB  . PRO A 1 31  ? -8.357  -5.885  13.660  1.00 37.64  ? 1824 PRO A CB  1 
ATOM   240 C CG  . PRO A 1 31  ? -7.197  -5.441  14.483  1.00 38.23  ? 1824 PRO A CG  1 
ATOM   241 C CD  . PRO A 1 31  ? -6.857  -4.062  13.974  1.00 37.60  ? 1824 PRO A CD  1 
ATOM   242 N N   . ARG A 1 32  ? -9.970  -3.723  15.620  1.00 37.71  ? 1825 ARG A N   1 
ATOM   243 C CA  . ARG A 1 32  ? -10.991 -3.509  16.638  1.00 50.64  ? 1825 ARG A CA  1 
ATOM   244 C C   . ARG A 1 32  ? -12.151 -2.668  16.110  1.00 55.98  ? 1825 ARG A C   1 
ATOM   245 O O   . ARG A 1 32  ? -13.282 -2.817  16.583  1.00 62.91  ? 1825 ARG A O   1 
ATOM   246 C CB  . ARG A 1 32  ? -10.387 -2.837  17.876  1.00 40.77  ? 1825 ARG A CB  1 
ATOM   247 C CG  . ARG A 1 32  ? -9.476  -3.705  18.741  1.00 40.00  ? 1825 ARG A CG  1 
ATOM   248 C CD  . ARG A 1 32  ? -8.645  -2.814  19.667  1.00 50.33  ? 1825 ARG A CD  1 
ATOM   249 N NE  . ARG A 1 32  ? -7.882  -3.565  20.660  1.00 49.14  ? 1825 ARG A NE  1 
ATOM   250 C CZ  . ARG A 1 32  ? -7.163  -3.009  21.637  1.00 56.18  ? 1825 ARG A CZ  1 
ATOM   251 N NH1 . ARG A 1 32  ? -7.098  -1.688  21.758  1.00 46.56  ? 1825 ARG A NH1 1 
ATOM   252 N NH2 . ARG A 1 32  ? -6.511  -3.772  22.510  1.00 52.37  ? 1825 ARG A NH2 1 
ATOM   253 N N   . LEU A 1 33  ? -11.905 -1.829  15.105  1.00 46.15  ? 1826 LEU A N   1 
ATOM   254 C CA  . LEU A 1 33  ? -12.925 -0.972  14.509  1.00 41.33  ? 1826 LEU A CA  1 
ATOM   255 C C   . LEU A 1 33  ? -13.500 -1.546  13.224  1.00 43.10  ? 1826 LEU A C   1 
ATOM   256 O O   . LEU A 1 33  ? -14.597 -1.147  12.818  1.00 38.92  ? 1826 LEU A O   1 
ATOM   257 C CB  . LEU A 1 33  ? -12.382 0.437   14.212  1.00 36.37  ? 1826 LEU A CB  1 
ATOM   258 C CG  . LEU A 1 33  ? -11.887 1.372   15.328  1.00 44.98  ? 1826 LEU A CG  1 
ATOM   259 C CD1 . LEU A 1 33  ? -12.965 1.555   16.344  1.00 37.57  ? 1826 LEU A CD1 1 
ATOM   260 C CD2 . LEU A 1 33  ? -10.650 0.894   16.013  1.00 49.59  ? 1826 LEU A CD2 1 
ATOM   261 N N   . VAL A 1 34  ? -12.814 -2.485  12.595  1.00 51.85  ? 1827 VAL A N   1 
ATOM   262 C CA  . VAL A 1 34  ? -13.259 -3.050  11.331  1.00 54.94  ? 1827 VAL A CA  1 
ATOM   263 C C   . VAL A 1 34  ? -13.589 -4.524  11.537  1.00 57.60  ? 1827 VAL A C   1 
ATOM   264 O O   . VAL A 1 34  ? -12.698 -5.379  11.624  1.00 59.46  ? 1827 VAL A O   1 
ATOM   265 C CB  . VAL A 1 34  ? -12.198 -2.870  10.242  1.00 47.14  ? 1827 VAL A CB  1 
ATOM   266 C CG1 . VAL A 1 34  ? -12.721 -3.341  8.935   1.00 38.01  ? 1827 VAL A CG1 1 
ATOM   267 C CG2 . VAL A 1 34  ? -11.763 -1.411  10.161  1.00 50.04  ? 1827 VAL A CG2 1 
ATOM   268 N N   . SER A 1 35  ? -14.886 -4.799  11.689  1.00 54.47  ? 1828 SER A N   1 
ATOM   269 C CA  . SER A 1 35  ? -15.380 -6.144  11.944  1.00 52.61  ? 1828 SER A CA  1 
ATOM   270 C C   . SER A 1 35  ? -14.963 -7.103  10.833  1.00 56.82  ? 1828 SER A C   1 
ATOM   271 O O   . SER A 1 35  ? -15.156 -6.821  9.647   1.00 60.86  ? 1828 SER A O   1 
ATOM   272 C CB  . SER A 1 35  ? -16.901 -6.119  12.051  1.00 59.03  ? 1828 SER A CB  1 
ATOM   273 O OG  . SER A 1 35  ? -17.408 -7.420  12.287  1.00 71.90  ? 1828 SER A OG  1 
ATOM   274 N N   . GLY A 1 36  ? -14.410 -8.248  11.214  1.00 61.03  ? 1829 GLY A N   1 
ATOM   275 C CA  . GLY A 1 36  ? -14.033 -9.265  10.257  1.00 49.40  ? 1829 GLY A CA  1 
ATOM   276 C C   . GLY A 1 36  ? -12.663 -9.103  9.633   1.00 44.92  ? 1829 GLY A C   1 
ATOM   277 O O   . GLY A 1 36  ? -12.229 -10.004 8.901   1.00 47.28  ? 1829 GLY A O   1 
ATOM   278 N N   . TYR A 1 37  ? -12.001 -7.958  9.828   1.00 42.96  ? 1830 TYR A N   1 
ATOM   279 C CA  . TYR A 1 37  ? -10.746 -7.703  9.121   1.00 53.01  ? 1830 TYR A CA  1 
ATOM   280 C C   . TYR A 1 37  ? -9.673  -8.708  9.538   1.00 52.54  ? 1830 TYR A C   1 
ATOM   281 O O   . TYR A 1 37  ? -8.954  -9.262  8.695   1.00 50.36  ? 1830 TYR A O   1 
ATOM   282 C CB  . TYR A 1 37  ? -10.264 -6.278  9.369   1.00 44.33  ? 1830 TYR A CB  1 
ATOM   283 C CG  . TYR A 1 37  ? -9.222  -5.829  8.366   1.00 47.20  ? 1830 TYR A CG  1 
ATOM   284 C CD1 . TYR A 1 37  ? -9.598  -5.373  7.116   1.00 36.31  ? 1830 TYR A CD1 1 
ATOM   285 C CD2 . TYR A 1 37  ? -7.864  -5.881  8.662   1.00 49.30  ? 1830 TYR A CD2 1 
ATOM   286 C CE1 . TYR A 1 37  ? -8.660  -4.958  6.202   1.00 36.01  ? 1830 TYR A CE1 1 
ATOM   287 C CE2 . TYR A 1 37  ? -6.911  -5.474  7.739   1.00 37.81  ? 1830 TYR A CE2 1 
ATOM   288 C CZ  . TYR A 1 37  ? -7.312  -5.013  6.512   1.00 36.75  ? 1830 TYR A CZ  1 
ATOM   289 O OH  . TYR A 1 37  ? -6.370  -4.599  5.573   1.00 36.61  ? 1830 TYR A OH  1 
ATOM   290 N N   . ARG A 1 38  ? -9.527  -8.908  10.852  1.00 48.93  ? 1831 ARG A N   1 
ATOM   291 C CA  . ARG A 1 38  ? -8.557  -9.851  11.403  1.00 43.52  ? 1831 ARG A CA  1 
ATOM   292 C C   . ARG A 1 38  ? -8.698  -11.224 10.759  1.00 46.49  ? 1831 ARG A C   1 
ATOM   293 O O   . ARG A 1 38  ? -7.708  -11.858 10.383  1.00 54.76  ? 1831 ARG A O   1 
ATOM   294 C CB  . ARG A 1 38  ? -8.768  -9.959  12.912  1.00 44.69  ? 1831 ARG A CB  1 
ATOM   295 C CG  . ARG A 1 38  ? -7.696  -10.694 13.690  1.00 49.86  ? 1831 ARG A CG  1 
ATOM   296 C CD  . ARG A 1 38  ? -8.186  -10.968 15.116  1.00 53.21  ? 1831 ARG A CD  1 
ATOM   297 N NE  . ARG A 1 38  ? -8.603  -9.765  15.842  1.00 59.33  ? 1831 ARG A NE  1 
ATOM   298 C CZ  . ARG A 1 38  ? -7.796  -8.953  16.521  1.00 63.23  ? 1831 ARG A CZ  1 
ATOM   299 N NH1 . ARG A 1 38  ? -6.491  -9.197  16.589  1.00 56.99  ? 1831 ARG A NH1 1 
ATOM   300 N NH2 . ARG A 1 38  ? -8.304  -7.899  17.149  1.00 67.46  ? 1831 ARG A NH2 1 
ATOM   301 N N   . ARG A 1 39  ? -9.930  -11.727 10.708  1.00 39.75  ? 1832 ARG A N   1 
ATOM   302 C CA  . ARG A 1 39  ? -10.214 -13.041 10.147  1.00 39.38  ? 1832 ARG A CA  1 
ATOM   303 C C   . ARG A 1 39  ? -9.964  -13.099 8.642   1.00 40.49  ? 1832 ARG A C   1 
ATOM   304 O O   . ARG A 1 39  ? -9.410  -14.082 8.135   1.00 43.60  ? 1832 ARG A O   1 
ATOM   305 C CB  . ARG A 1 39  ? -11.663 -13.406 10.492  1.00 48.70  ? 1832 ARG A CB  1 
ATOM   306 C CG  . ARG A 1 39  ? -12.311 -14.509 9.674   1.00 54.81  ? 1832 ARG A CG  1 
ATOM   307 C CD  . ARG A 1 39  ? -13.734 -14.805 10.183  1.00 53.52  ? 1832 ARG A CD  1 
ATOM   308 N NE  . ARG A 1 39  ? -14.584 -13.611 10.130  1.00 57.79  ? 1832 ARG A NE  1 
ATOM   309 C CZ  . ARG A 1 39  ? -15.187 -13.151 9.033   1.00 62.14  ? 1832 ARG A CZ  1 
ATOM   310 N NH1 . ARG A 1 39  ? -15.041 -13.777 7.871   1.00 55.60  ? 1832 ARG A NH1 1 
ATOM   311 N NH2 . ARG A 1 39  ? -15.928 -12.049 9.089   1.00 65.36  ? 1832 ARG A NH2 1 
ATOM   312 N N   . ILE A 1 40  ? -10.336 -12.044 7.915   1.00 40.36  ? 1833 ILE A N   1 
ATOM   313 C CA  . ILE A 1 40  ? -10.268 -12.060 6.453   1.00 48.26  ? 1833 ILE A CA  1 
ATOM   314 C C   . ILE A 1 40  ? -8.884  -11.702 5.917   1.00 47.55  ? 1833 ILE A C   1 
ATOM   315 O O   . ILE A 1 40  ? -8.418  -12.304 4.941   1.00 38.68  ? 1833 ILE A O   1 
ATOM   316 C CB  . ILE A 1 40  ? -11.357 -11.135 5.876   1.00 47.65  ? 1833 ILE A CB  1 
ATOM   317 C CG1 . ILE A 1 40  ? -12.743 -11.723 6.137   1.00 51.98  ? 1833 ILE A CG1 1 
ATOM   318 C CG2 . ILE A 1 40  ? -11.172 -10.941 4.392   1.00 40.87  ? 1833 ILE A CG2 1 
ATOM   319 C CD1 . ILE A 1 40  ? -13.879 -10.811 5.741   1.00 42.21  ? 1833 ILE A CD1 1 
ATOM   320 N N   . ILE A 1 41  ? -8.192  -10.740 6.520   1.00 43.45  ? 1834 ILE A N   1 
ATOM   321 C CA  . ILE A 1 41  ? -6.905  -10.295 5.995   1.00 45.01  ? 1834 ILE A CA  1 
ATOM   322 C C   . ILE A 1 41  ? -5.796  -10.927 6.819   1.00 43.31  ? 1834 ILE A C   1 
ATOM   323 O O   . ILE A 1 41  ? -5.605  -10.585 7.989   1.00 38.89  ? 1834 ILE A O   1 
ATOM   324 C CB  . ILE A 1 41  ? -6.786  -8.767  6.013   1.00 36.33  ? 1834 ILE A CB  1 
ATOM   325 C CG1 . ILE A 1 41  ? -7.746  -8.132  5.007   1.00 35.12  ? 1834 ILE A CG1 1 
ATOM   326 C CG2 . ILE A 1 41  ? -5.354  -8.358  5.717   1.00 36.91  ? 1834 ILE A CG2 1 
ATOM   327 C CD1 . ILE A 1 41  ? -7.571  -8.616  3.572   1.00 34.30  ? 1834 ILE A CD1 1 
ATOM   328 N N   . LYS A 1 42  ? -5.019  -11.803 6.178   1.00 43.02  ? 1835 LYS A N   1 
ATOM   329 C CA  . LYS A 1 42  ? -3.995  -12.558 6.886   1.00 42.17  ? 1835 LYS A CA  1 
ATOM   330 C C   . LYS A 1 42  ? -2.744  -11.721 7.159   1.00 42.02  ? 1835 LYS A C   1 
ATOM   331 O O   . LYS A 1 42  ? -2.175  -11.771 8.257   1.00 50.14  ? 1835 LYS A O   1 
ATOM   332 C CB  . LYS A 1 42  ? -3.604  -13.784 6.063   1.00 46.86  ? 1835 LYS A CB  1 
ATOM   333 C CG  . LYS A 1 42  ? -4.695  -14.815 5.874   1.00 51.37  ? 1835 LYS A CG  1 
ATOM   334 C CD  . LYS A 1 42  ? -5.259  -15.345 7.169   1.00 48.77  ? 1835 LYS A CD  1 
ATOM   335 C CE  . LYS A 1 42  ? -6.497  -16.191 6.872   1.00 48.94  ? 1835 LYS A CE  1 
ATOM   336 N NZ  . LYS A 1 42  ? -7.508  -16.127 7.953   1.00 64.33  ? 1835 LYS A NZ  1 
ATOM   337 N N   . ASN A 1 43  ? -2.309  -10.942 6.173   1.00 39.86  ? 1836 ASN A N   1 
ATOM   338 C CA  . ASN A 1 43  ? -1.109  -10.113 6.257   1.00 40.71  ? 1836 ASN A CA  1 
ATOM   339 C C   . ASN A 1 43  ? -1.439  -8.651  6.006   1.00 39.95  ? 1836 ASN A C   1 
ATOM   340 O O   . ASN A 1 43  ? -1.356  -8.181  4.865   1.00 39.19  ? 1836 ASN A O   1 
ATOM   341 C CB  . ASN A 1 43  ? -0.054  -10.612 5.280   1.00 49.23  ? 1836 ASN A CB  1 
ATOM   342 C CG  . ASN A 1 43  ? 0.274   -12.059 5.500   1.00 45.88  ? 1836 ASN A CG  1 
ATOM   343 O OD1 . ASN A 1 43  ? 0.327   -12.843 4.559   1.00 46.93  ? 1836 ASN A OD1 1 
ATOM   344 N ND2 . ASN A 1 43  ? 0.505   -12.427 6.760   1.00 43.44  ? 1836 ASN A ND2 1 
ATOM   345 N N   . PRO A 1 44  ? -1.844  -7.905  7.031   1.00 43.90  ? 1837 PRO A N   1 
ATOM   346 C CA  . PRO A 1 44  ? -2.121  -6.477  6.836   1.00 42.39  ? 1837 PRO A CA  1 
ATOM   347 C C   . PRO A 1 44  ? -0.887  -5.738  6.344   1.00 40.47  ? 1837 PRO A C   1 
ATOM   348 O O   . PRO A 1 44  ? 0.251   -6.141  6.586   1.00 41.59  ? 1837 PRO A O   1 
ATOM   349 C CB  . PRO A 1 44  ? -2.523  -5.988  8.234   1.00 40.70  ? 1837 PRO A CB  1 
ATOM   350 C CG  . PRO A 1 44  ? -2.296  -7.138  9.157   1.00 41.70  ? 1837 PRO A CG  1 
ATOM   351 C CD  . PRO A 1 44  ? -2.258  -8.382  8.357   1.00 41.13  ? 1837 PRO A CD  1 
ATOM   352 N N   . MET A 1 45  ? -1.126  -4.655  5.624   1.00 39.89  ? 1838 MET A N   1 
ATOM   353 C CA  . MET A 1 45  ? -0.029  -3.835  5.150   1.00 40.59  ? 1838 MET A CA  1 
ATOM   354 C C   . MET A 1 45  ? -0.601  -2.457  4.884   1.00 40.77  ? 1838 MET A C   1 
ATOM   355 O O   . MET A 1 45  ? -1.779  -2.315  4.551   1.00 39.29  ? 1838 MET A O   1 
ATOM   356 C CB  . MET A 1 45  ? 0.640   -4.421  3.902   1.00 40.39  ? 1838 MET A CB  1 
ATOM   357 C CG  . MET A 1 45  ? 1.875   -3.645  3.445   1.00 41.40  ? 1838 MET A CG  1 
ATOM   358 S SD  . MET A 1 45  ? 3.142   -3.409  4.733   1.00 43.28  ? 1838 MET A SD  1 
ATOM   359 C CE  . MET A 1 45  ? 3.604   -5.100  5.076   1.00 43.81  ? 1838 MET A CE  1 
ATOM   360 N N   . ASP A 1 46  ? 0.240   -1.446  5.053   1.00 41.33  ? 1839 ASP A N   1 
ATOM   361 C CA  . ASP A 1 46  ? -0.186  -0.070  4.883   1.00 41.43  ? 1839 ASP A CA  1 
ATOM   362 C C   . ASP A 1 46  ? 1.039   0.788   4.611   1.00 50.15  ? 1839 ASP A C   1 
ATOM   363 O O   . ASP A 1 46  ? 2.178   0.330   4.725   1.00 55.22  ? 1839 ASP A O   1 
ATOM   364 C CB  . ASP A 1 46  ? -0.907  0.402   6.140   1.00 41.84  ? 1839 ASP A CB  1 
ATOM   365 C CG  . ASP A 1 46  ? 0.044   0.541   7.314   1.00 55.09  ? 1839 ASP A CG  1 
ATOM   366 O OD1 . ASP A 1 46  ? 0.278   -0.474  8.005   1.00 54.17  ? 1839 ASP A OD1 1 
ATOM   367 O OD2 . ASP A 1 46  ? 0.564   1.657   7.539   1.00 59.15  ? 1839 ASP A OD2 1 
ATOM   368 N N   . PHE A 1 47  ? 0.792   2.033   4.204   1.00 52.57  ? 1840 PHE A N   1 
ATOM   369 C CA  . PHE A 1 47  ? 1.891   2.883   3.766   1.00 53.05  ? 1840 PHE A CA  1 
ATOM   370 C C   . PHE A 1 47  ? 2.846   3.205   4.909   1.00 57.64  ? 1840 PHE A C   1 
ATOM   371 O O   . PHE A 1 47  ? 4.042   3.386   4.672   1.00 47.82  ? 1840 PHE A O   1 
ATOM   372 C CB  . PHE A 1 47  ? 1.357   4.156   3.129   1.00 44.85  ? 1840 PHE A CB  1 
ATOM   373 C CG  . PHE A 1 47  ? 0.622   3.914   1.867   1.00 43.14  ? 1840 PHE A CG  1 
ATOM   374 C CD1 . PHE A 1 47  ? 0.840   2.755   1.153   1.00 45.00  ? 1840 PHE A CD1 1 
ATOM   375 C CD2 . PHE A 1 47  ? -0.274  4.840   1.381   1.00 54.08  ? 1840 PHE A CD2 1 
ATOM   376 C CE1 . PHE A 1 47  ? 0.176   2.517   -0.023  1.00 49.80  ? 1840 PHE A CE1 1 
ATOM   377 C CE2 . PHE A 1 47  ? -0.944  4.611   0.202   1.00 65.23  ? 1840 PHE A CE2 1 
ATOM   378 C CZ  . PHE A 1 47  ? -0.719  3.447   -0.503  1.00 60.92  ? 1840 PHE A CZ  1 
ATOM   379 N N   . SER A 1 48  ? 2.334   3.367   6.131   1.00 64.34  ? 1841 SER A N   1 
ATOM   380 C CA  . SER A 1 48  ? 3.209   3.703   7.252   1.00 60.13  ? 1841 SER A CA  1 
ATOM   381 C C   . SER A 1 48  ? 4.108   2.528   7.629   1.00 62.57  ? 1841 SER A C   1 
ATOM   382 O O   . SER A 1 48  ? 5.255   2.732   8.041   1.00 59.43  ? 1841 SER A O   1 
ATOM   383 C CB  . SER A 1 48  ? 2.385   4.152   8.450   1.00 47.77  ? 1841 SER A CB  1 
ATOM   384 O OG  . SER A 1 48  ? 1.821   3.030   9.104   1.00 57.76  ? 1841 SER A OG  1 
ATOM   385 N N   . THR A 1 49  ? 3.594   1.295   7.516   1.00 46.66  ? 1842 THR A N   1 
ATOM   386 C CA  . THR A 1 49  ? 4.417   0.106   7.747   1.00 47.15  ? 1842 THR A CA  1 
ATOM   387 C C   . THR A 1 49  ? 5.499   -0.023  6.677   1.00 50.58  ? 1842 THR A C   1 
ATOM   388 O O   . THR A 1 49  ? 6.651   -0.374  6.981   1.00 51.63  ? 1842 THR A O   1 
ATOM   389 C CB  . THR A 1 49  ? 3.539   -1.143  7.787   1.00 45.99  ? 1842 THR A CB  1 
ATOM   390 O OG1 . THR A 1 49  ? 2.630   -1.047  8.886   1.00 46.01  ? 1842 THR A OG1 1 
ATOM   391 C CG2 . THR A 1 49  ? 4.399   -2.386  8.006   1.00 51.12  ? 1842 THR A CG2 1 
ATOM   392 N N   . MET A 1 50  ? 5.139   0.250   5.415   1.00 47.71  ? 1843 MET A N   1 
ATOM   393 C CA  . MET A 1 50  ? 6.121   0.260   4.333   1.00 53.37  ? 1843 MET A CA  1 
ATOM   394 C C   . MET A 1 50  ? 7.138   1.370   4.550   1.00 54.88  ? 1843 MET A C   1 
ATOM   395 O O   . MET A 1 50  ? 8.328   1.207   4.254   1.00 56.21  ? 1843 MET A O   1 
ATOM   396 C CB  . MET A 1 50  ? 5.410   0.453   2.998   1.00 45.80  ? 1843 MET A CB  1 
ATOM   397 C CG  . MET A 1 50  ? 4.392   -0.616  2.682   1.00 47.74  ? 1843 MET A CG  1 
ATOM   398 S SD  . MET A 1 50  ? 3.407   -0.127  1.270   1.00 45.81  ? 1843 MET A SD  1 
ATOM   399 C CE  . MET A 1 50  ? 4.665   -0.127  -0.014  1.00 44.06  ? 1843 MET A CE  1 
ATOM   400 N N   . ARG A 1 51  ? 6.683   2.501   5.094   1.00 53.11  ? 1844 ARG A N   1 
ATOM   401 C CA  . ARG A 1 51  ? 7.578   3.608   5.385   1.00 53.93  ? 1844 ARG A CA  1 
ATOM   402 C C   . ARG A 1 51  ? 8.571   3.170   6.443   1.00 61.80  ? 1844 ARG A C   1 
ATOM   403 O O   . ARG A 1 51  ? 9.774   3.423   6.331   1.00 56.31  ? 1844 ARG A O   1 
ATOM   404 C CB  . ARG A 1 51  ? 6.765   4.823   5.844   1.00 52.92  ? 1844 ARG A CB  1 
ATOM   405 C CG  . ARG A 1 51  ? 7.568   5.939   6.503   1.00 55.20  ? 1844 ARG A CG  1 
ATOM   406 C CD  . ARG A 1 51  ? 8.565   6.592   5.559   1.00 65.95  ? 1844 ARG A CD  1 
ATOM   407 N NE  . ARG A 1 51  ? 7.920   7.222   4.409   1.00 76.95  ? 1844 ARG A NE  1 
ATOM   408 C CZ  . ARG A 1 51  ? 8.562   7.617   3.313   1.00 78.07  ? 1844 ARG A CZ  1 
ATOM   409 N NH1 . ARG A 1 51  ? 9.874   7.440   3.208   1.00 81.92  ? 1844 ARG A NH1 1 
ATOM   410 N NH2 . ARG A 1 51  ? 7.894   8.178   2.313   1.00 74.29  ? 1844 ARG A NH2 1 
ATOM   411 N N   . GLU A 1 52  ? 8.069   2.519   7.491   1.00 54.56  ? 1845 GLU A N   1 
ATOM   412 C CA  . GLU A 1 52  ? 8.930   2.053   8.566   1.00 53.39  ? 1845 GLU A CA  1 
ATOM   413 C C   . GLU A 1 52  ? 9.986   1.085   8.042   1.00 53.82  ? 1845 GLU A C   1 
ATOM   414 O O   . GLU A 1 52  ? 11.173  1.219   8.359   1.00 55.59  ? 1845 GLU A O   1 
ATOM   415 C CB  . GLU A 1 52  ? 8.090   1.382   9.651   1.00 70.44  ? 1845 GLU A CB  1 
ATOM   416 C CG  . GLU A 1 52  ? 7.230   2.328   10.465  1.00 80.05  ? 1845 GLU A CG  1 
ATOM   417 C CD  . GLU A 1 52  ? 6.380   1.589   11.474  1.00 85.62  ? 1845 GLU A CD  1 
ATOM   418 O OE1 . GLU A 1 52  ? 6.646   0.388   11.694  1.00 97.32  ? 1845 GLU A OE1 1 
ATOM   419 O OE2 . GLU A 1 52  ? 5.454   2.204   12.050  1.00 81.07  ? 1845 GLU A OE2 1 
ATOM   420 N N   . ARG A 1 53  ? 9.573   0.106   7.216   1.00 52.53  ? 1846 ARG A N   1 
ATOM   421 C CA  . ARG A 1 53  ? 10.540  -0.868  6.706   1.00 53.30  ? 1846 ARG A CA  1 
ATOM   422 C C   . ARG A 1 53  ? 11.552  -0.229  5.768   1.00 67.01  ? 1846 ARG A C   1 
ATOM   423 O O   . ARG A 1 53  ? 12.744  -0.559  5.809   1.00 74.81  ? 1846 ARG A O   1 
ATOM   424 C CB  . ARG A 1 53  ? 9.820   -1.997  5.965   1.00 51.80  ? 1846 ARG A CB  1 
ATOM   425 C CG  . ARG A 1 53  ? 10.776  -3.041  5.404   1.00 52.75  ? 1846 ARG A CG  1 
ATOM   426 C CD  . ARG A 1 53  ? 10.062  -4.251  4.816   1.00 58.36  ? 1846 ARG A CD  1 
ATOM   427 N NE  . ARG A 1 53  ? 11.015  -5.150  4.163   1.00 63.53  ? 1846 ARG A NE  1 
ATOM   428 C CZ  . ARG A 1 53  ? 10.689  -6.154  3.351   1.00 60.33  ? 1846 ARG A CZ  1 
ATOM   429 N NH1 . ARG A 1 53  ? 9.420   -6.407  3.063   1.00 50.46  ? 1846 ARG A NH1 1 
ATOM   430 N NH2 . ARG A 1 53  ? 11.643  -6.907  2.821   1.00 63.65  ? 1846 ARG A NH2 1 
ATOM   431 N N   . LEU A 1 54  ? 11.089  0.688   4.921   1.00 67.68  ? 1847 LEU A N   1 
ATOM   432 C CA  . LEU A 1 54  ? 11.963  1.366   3.969   1.00 60.32  ? 1847 LEU A CA  1 
ATOM   433 C C   . LEU A 1 54  ? 12.973  2.241   4.707   1.00 70.28  ? 1847 LEU A C   1 
ATOM   434 O O   . LEU A 1 54  ? 14.157  2.288   4.345   1.00 76.09  ? 1847 LEU A O   1 
ATOM   435 C CB  . LEU A 1 54  ? 11.118  2.153   2.969   1.00 53.21  ? 1847 LEU A CB  1 
ATOM   436 C CG  . LEU A 1 54  ? 11.827  2.895   1.846   1.00 54.19  ? 1847 LEU A CG  1 
ATOM   437 C CD1 . LEU A 1 54  ? 12.582  1.911   0.973   1.00 54.71  ? 1847 LEU A CD1 1 
ATOM   438 C CD2 . LEU A 1 54  ? 10.794  3.629   1.019   1.00 53.03  ? 1847 LEU A CD2 1 
ATOM   439 N N   . LEU A 1 55  ? 12.514  2.923   5.761   1.00 60.55  ? 1848 LEU A N   1 
ATOM   440 C CA  . LEU A 1 55  ? 13.350  3.833   6.532   1.00 59.89  ? 1848 LEU A CA  1 
ATOM   441 C C   . LEU A 1 55  ? 14.410  3.049   7.275   1.00 64.28  ? 1848 LEU A C   1 
ATOM   442 O O   . LEU A 1 55  ? 15.523  3.542   7.495   1.00 67.76  ? 1848 LEU A O   1 
ATOM   443 C CB  . LEU A 1 55  ? 12.488  4.576   7.557   1.00 58.02  ? 1848 LEU A CB  1 
ATOM   444 C CG  . LEU A 1 55  ? 11.554  5.727   7.186   1.00 59.72  ? 1848 LEU A CG  1 
ATOM   445 C CD1 . LEU A 1 55  ? 10.818  6.179   8.450   1.00 57.29  ? 1848 LEU A CD1 1 
ATOM   446 C CD2 . LEU A 1 55  ? 12.204  6.892   6.414   1.00 58.33  ? 1848 LEU A CD2 1 
ATOM   447 N N   . ARG A 1 56  ? 14.059  1.839   7.688   1.00 69.54  ? 1849 ARG A N   1 
ATOM   448 C CA  . ARG A 1 56  ? 14.924  0.959   8.441   1.00 73.71  ? 1849 ARG A CA  1 
ATOM   449 C C   . ARG A 1 56  ? 15.743  0.083   7.509   1.00 76.28  ? 1849 ARG A C   1 
ATOM   450 O O   . ARG A 1 56  ? 16.368  -0.882  7.956   1.00 91.15  ? 1849 ARG A O   1 
ATOM   451 C CB  . ARG A 1 56  ? 14.081  0.094   9.380   1.00 60.21  ? 1849 ARG A CB  1 
ATOM   452 C CG  . ARG A 1 56  ? 14.841  -0.489  10.531  1.00 62.22  ? 1849 ARG A CG  1 
ATOM   453 C CD  . ARG A 1 56  ? 13.954  -1.354  11.385  1.00 63.09  ? 1849 ARG A CD  1 
ATOM   454 N NE  . ARG A 1 56  ? 14.740  -2.385  12.054  1.00 67.68  ? 1849 ARG A NE  1 
ATOM   455 C CZ  . ARG A 1 56  ? 14.278  -3.162  13.026  1.00 71.94  ? 1849 ARG A CZ  1 
ATOM   456 N NH1 . ARG A 1 56  ? 13.028  -3.020  13.450  1.00 69.54  ? 1849 ARG A NH1 1 
ATOM   457 N NH2 . ARG A 1 56  ? 15.067  -4.074  13.580  1.00 85.52  ? 1849 ARG A NH2 1 
ATOM   458 N N   . GLY A 1 57  ? 15.735  0.391   6.217   1.00 66.94  ? 1850 GLY A N   1 
ATOM   459 C CA  . GLY A 1 57  ? 16.590  -0.297  5.283   1.00 70.99  ? 1850 GLY A CA  1 
ATOM   460 C C   . GLY A 1 57  ? 16.094  -1.675  4.940   1.00 73.89  ? 1850 GLY A C   1 
ATOM   461 O O   . GLY A 1 57  ? 16.775  -2.402  4.210   1.00 83.44  ? 1850 GLY A O   1 
ATOM   462 N N   . GLY A 1 58  ? 14.922  -2.049  5.440   1.00 69.58  ? 1851 GLY A N   1 
ATOM   463 C CA  . GLY A 1 58  ? 14.439  -3.408  5.347   1.00 67.02  ? 1851 GLY A CA  1 
ATOM   464 C C   . GLY A 1 58  ? 14.048  -3.980  4.000   1.00 66.98  ? 1851 GLY A C   1 
ATOM   465 O O   . GLY A 1 58  ? 13.687  -5.159  3.932   1.00 73.66  ? 1851 GLY A O   1 
ATOM   466 N N   . TYR A 1 59  ? 14.108  -3.207  2.921   1.00 62.99  ? 1852 TYR A N   1 
ATOM   467 C CA  . TYR A 1 59  ? 13.889  -3.765  1.592   1.00 57.16  ? 1852 TYR A CA  1 
ATOM   468 C C   . TYR A 1 59  ? 15.173  -4.150  0.875   1.00 59.31  ? 1852 TYR A C   1 
ATOM   469 O O   . TYR A 1 59  ? 16.073  -3.321  0.713   1.00 74.07  ? 1852 TYR A O   1 
ATOM   470 C CB  . TYR A 1 59  ? 13.069  -2.772  0.767   1.00 59.28  ? 1852 TYR A CB  1 
ATOM   471 C CG  . TYR A 1 59  ? 11.626  -2.664  1.217   1.00 64.26  ? 1852 TYR A CG  1 
ATOM   472 C CD1 . TYR A 1 59  ? 10.737  -3.724  1.031   1.00 60.99  ? 1852 TYR A CD1 1 
ATOM   473 C CD2 . TYR A 1 59  ? 11.148  -1.503  1.820   1.00 60.39  ? 1852 TYR A CD2 1 
ATOM   474 C CE1 . TYR A 1 59  ? 9.412   -3.629  1.440   1.00 54.88  ? 1852 TYR A CE1 1 
ATOM   475 C CE2 . TYR A 1 59  ? 9.824   -1.401  2.235   1.00 57.03  ? 1852 TYR A CE2 1 
ATOM   476 C CZ  . TYR A 1 59  ? 8.960   -2.467  2.038   1.00 55.72  ? 1852 TYR A CZ  1 
ATOM   477 O OH  . TYR A 1 59  ? 7.648   -2.369  2.446   1.00 47.43  ? 1852 TYR A OH  1 
ATOM   478 N N   . THR A 1 60  ? 15.243  -5.406  0.437   1.00 60.83  ? 1853 THR A N   1 
ATOM   479 C CA  . THR A 1 60  ? 16.447  -5.918  -0.203  1.00 66.19  ? 1853 THR A CA  1 
ATOM   480 C C   . THR A 1 60  ? 16.483  -5.533  -1.673  1.00 75.38  ? 1853 THR A C   1 
ATOM   481 O O   . THR A 1 60  ? 17.547  -5.209  -2.211  1.00 79.93  ? 1853 THR A O   1 
ATOM   482 C CB  . THR A 1 60  ? 16.518  -7.434  -0.023  1.00 71.74  ? 1853 THR A CB  1 
ATOM   483 O OG1 . THR A 1 60  ? 16.583  -7.745  1.379   1.00 67.37  ? 1853 THR A OG1 1 
ATOM   484 C CG2 . THR A 1 60  ? 17.736  -8.014  -0.734  1.00 79.61  ? 1853 THR A CG2 1 
ATOM   485 N N   . SER A 1 61  ? 15.329  -5.574  -2.329  1.00 74.92  ? 1854 SER A N   1 
ATOM   486 C CA  . SER A 1 61  ? 15.192  -5.261  -3.739  1.00 71.64  ? 1854 SER A CA  1 
ATOM   487 C C   . SER A 1 61  ? 13.972  -4.371  -3.877  1.00 70.67  ? 1854 SER A C   1 
ATOM   488 O O   . SER A 1 61  ? 13.193  -4.209  -2.935  1.00 73.09  ? 1854 SER A O   1 
ATOM   489 C CB  . SER A 1 61  ? 15.030  -6.513  -4.610  1.00 72.75  ? 1854 SER A CB  1 
ATOM   490 O OG  . SER A 1 61  ? 13.977  -7.337  -4.133  1.00 70.09  ? 1854 SER A OG  1 
ATOM   491 N N   . SER A 1 62  ? 13.814  -3.771  -5.056  1.00 67.81  ? 1855 SER A N   1 
ATOM   492 C CA  . SER A 1 62  ? 12.589  -3.030  -5.321  1.00 63.48  ? 1855 SER A CA  1 
ATOM   493 C C   . SER A 1 62  ? 11.379  -3.959  -5.407  1.00 67.57  ? 1855 SER A C   1 
ATOM   494 O O   . SER A 1 62  ? 10.254  -3.532  -5.107  1.00 68.01  ? 1855 SER A O   1 
ATOM   495 C CB  . SER A 1 62  ? 12.757  -2.195  -6.596  1.00 62.47  ? 1855 SER A CB  1 
ATOM   496 O OG  . SER A 1 62  ? 12.885  -3.006  -7.751  1.00 59.93  ? 1855 SER A OG  1 
ATOM   497 N N   . GLU A 1 63  ? 11.638  -5.226  -5.743  1.00 66.66  ? 1856 GLU A N   1 
ATOM   498 C CA  . GLU A 1 63  ? 10.576  -6.260  -5.869  1.00 59.35  ? 1856 GLU A CA  1 
ATOM   499 C C   . GLU A 1 63  ? 9.847   -6.434  -4.530  1.00 56.01  ? 1856 GLU A C   1 
ATOM   500 O O   . GLU A 1 63  ? 8.602   -6.501  -4.550  1.00 51.38  ? 1856 GLU A O   1 
ATOM   501 C CB  . GLU A 1 63  ? 11.179  -7.586  -6.338  1.00 59.79  ? 1856 GLU A CB  1 
ATOM   502 C CG  . GLU A 1 63  ? 12.352  -7.416  -7.285  1.00 64.40  ? 1856 GLU A CG  1 
ATOM   503 C CD  . GLU A 1 63  ? 11.966  -7.116  -8.724  1.00 76.72  ? 1856 GLU A CD  1 
ATOM   504 O OE1 . GLU A 1 63  ? 11.545  -5.973  -8.995  1.00 80.56  ? 1856 GLU A OE1 1 
ATOM   505 O OE2 . GLU A 1 63  ? 12.086  -8.025  -9.569  1.00 73.71  ? 1856 GLU A OE2 1 
ATOM   506 N N   . GLU A 1 64  ? 10.585  -6.504  -3.415  1.00 55.09  ? 1857 GLU A N   1 
ATOM   507 C CA  . GLU A 1 64  ? 9.945   -6.693  -2.119  1.00 57.17  ? 1857 GLU A CA  1 
ATOM   508 C C   . GLU A 1 64  ? 9.069   -5.499  -1.770  1.00 60.89  ? 1857 GLU A C   1 
ATOM   509 O O   . GLU A 1 64  ? 7.994   -5.669  -1.171  1.00 66.94  ? 1857 GLU A O   1 
ATOM   510 C CB  . GLU A 1 64  ? 11.005  -6.956  -1.053  1.00 63.75  ? 1857 GLU A CB  1 
ATOM   511 C CG  . GLU A 1 64  ? 11.819  -8.196  -1.376  1.00 70.28  ? 1857 GLU A CG  1 
ATOM   512 C CD  . GLU A 1 64  ? 12.662  -8.667  -0.219  1.00 82.94  ? 1857 GLU A CD  1 
ATOM   513 O OE1 . GLU A 1 64  ? 13.864  -8.920  -0.424  1.00 90.91  ? 1857 GLU A OE1 1 
ATOM   514 O OE2 . GLU A 1 64  ? 12.119  -8.797  0.896   1.00 86.93  ? 1857 GLU A OE2 1 
ATOM   515 N N   . PHE A 1 65  ? 9.486   -4.296  -2.176  1.00 57.04  ? 1858 PHE A N   1 
ATOM   516 C CA  . PHE A 1 65  ? 8.689   -3.117  -1.867  1.00 50.89  ? 1858 PHE A CA  1 
ATOM   517 C C   . PHE A 1 65  ? 7.398   -3.200  -2.657  1.00 46.80  ? 1858 PHE A C   1 
ATOM   518 O O   . PHE A 1 65  ? 6.308   -2.932  -2.129  1.00 48.38  ? 1858 PHE A O   1 
ATOM   519 C CB  . PHE A 1 65  ? 9.476   -1.846  -2.192  1.00 54.91  ? 1858 PHE A CB  1 
ATOM   520 C CG  . PHE A 1 65  ? 8.674   -0.578  -2.091  1.00 55.50  ? 1858 PHE A CG  1 
ATOM   521 C CD1 . PHE A 1 65  ? 8.080   -0.021  -3.210  1.00 53.44  ? 1858 PHE A CD1 1 
ATOM   522 C CD2 . PHE A 1 65  ? 8.540   0.073   -0.876  1.00 57.20  ? 1858 PHE A CD2 1 
ATOM   523 C CE1 . PHE A 1 65  ? 7.351   1.149   -3.113  1.00 47.50  ? 1858 PHE A CE1 1 
ATOM   524 C CE2 . PHE A 1 65  ? 7.813   1.239   -0.776  1.00 52.27  ? 1858 PHE A CE2 1 
ATOM   525 C CZ  . PHE A 1 65  ? 7.218   1.776   -1.897  1.00 47.57  ? 1858 PHE A CZ  1 
ATOM   526 N N   . ALA A 1 66  ? 7.513   -3.587  -3.931  1.00 49.83  ? 1859 ALA A N   1 
ATOM   527 C CA  . ALA A 1 66  ? 6.330   -3.685  -4.772  1.00 46.83  ? 1859 ALA A CA  1 
ATOM   528 C C   . ALA A 1 66  ? 5.396   -4.740  -4.207  1.00 45.02  ? 1859 ALA A C   1 
ATOM   529 O O   . ALA A 1 66  ? 4.174   -4.630  -4.321  1.00 42.51  ? 1859 ALA A O   1 
ATOM   530 C CB  . ALA A 1 66  ? 6.726   -4.020  -6.208  1.00 55.60  ? 1859 ALA A CB  1 
ATOM   531 N N   . ALA A 1 67  ? 5.969   -5.804  -3.641  1.00 46.01  ? 1860 ALA A N   1 
ATOM   532 C CA  . ALA A 1 67  ? 5.162   -6.867  -3.062  1.00 43.22  ? 1860 ALA A CA  1 
ATOM   533 C C   . ALA A 1 67  ? 4.344   -6.346  -1.892  1.00 45.09  ? 1860 ALA A C   1 
ATOM   534 O O   . ALA A 1 67  ? 3.160   -6.676  -1.756  1.00 45.85  ? 1860 ALA A O   1 
ATOM   535 C CB  . ALA A 1 67  ? 6.049   -8.029  -2.624  1.00 44.46  ? 1860 ALA A CB  1 
ATOM   536 N N   . ASP A 1 68  ? 4.966   -5.547  -1.015  1.00 50.81  ? 1861 ASP A N   1 
ATOM   537 C CA  . ASP A 1 68  ? 4.202   -4.962  0.086   1.00 49.62  ? 1861 ASP A CA  1 
ATOM   538 C C   . ASP A 1 68  ? 3.107   -4.028  -0.425  1.00 50.07  ? 1861 ASP A C   1 
ATOM   539 O O   . ASP A 1 68  ? 1.977   -4.055  0.083   1.00 43.51  ? 1861 ASP A O   1 
ATOM   540 C CB  . ASP A 1 68  ? 5.131   -4.223  1.055   1.00 46.32  ? 1861 ASP A CB  1 
ATOM   541 C CG  . ASP A 1 68  ? 5.639   -5.119  2.179   1.00 48.61  ? 1861 ASP A CG  1 
ATOM   542 O OD1 . ASP A 1 68  ? 5.118   -6.250  2.332   1.00 44.21  ? 1861 ASP A OD1 1 
ATOM   543 O OD2 . ASP A 1 68  ? 6.563   -4.692  2.909   1.00 46.10  ? 1861 ASP A OD2 1 
ATOM   544 N N   . ALA A 1 69  ? 3.413   -3.207  -1.440  1.00 41.66  ? 1862 ALA A N   1 
ATOM   545 C CA  . ALA A 1 69  ? 2.405   -2.309  -1.994  1.00 40.84  ? 1862 ALA A CA  1 
ATOM   546 C C   . ALA A 1 69  ? 1.240   -3.105  -2.575  1.00 39.49  ? 1862 ALA A C   1 
ATOM   547 O O   . ALA A 1 69  ? 0.058   -2.864  -2.257  1.00 40.97  ? 1862 ALA A O   1 
ATOM   548 C CB  . ALA A 1 69  ? 3.038   -1.398  -3.044  1.00 41.76  ? 1862 ALA A CB  1 
ATOM   549 N N   . LEU A 1 70  ? 1.566   -4.117  -3.373  1.00 39.54  ? 1863 LEU A N   1 
ATOM   550 C CA  . LEU A 1 70  ? 0.523   -4.923  -3.973  1.00 45.71  ? 1863 LEU A CA  1 
ATOM   551 C C   . LEU A 1 70  ? -0.265  -5.607  -2.880  1.00 41.32  ? 1863 LEU A C   1 
ATOM   552 O O   . LEU A 1 70  ? -1.458  -5.849  -3.045  1.00 49.88  ? 1863 LEU A O   1 
ATOM   553 C CB  . LEU A 1 70  ? 1.121   -5.947  -4.938  1.00 38.89  ? 1863 LEU A CB  1 
ATOM   554 C CG  . LEU A 1 70  ? 1.794   -5.387  -6.191  1.00 48.09  ? 1863 LEU A CG  1 
ATOM   555 C CD1 . LEU A 1 70  ? 2.252   -6.529  -7.068  1.00 57.48  ? 1863 LEU A CD1 1 
ATOM   556 C CD2 . LEU A 1 70  ? 0.872   -4.431  -6.959  1.00 42.17  ? 1863 LEU A CD2 1 
ATOM   557 N N   . LEU A 1 71  ? 0.388   -5.930  -1.765  1.00 39.58  ? 1864 LEU A N   1 
ATOM   558 C CA  . LEU A 1 71  ? -0.322  -6.519  -0.638  1.00 41.01  ? 1864 LEU A CA  1 
ATOM   559 C C   . LEU A 1 71  ? -1.330  -5.532  -0.055  1.00 43.85  ? 1864 LEU A C   1 
ATOM   560 O O   . LEU A 1 71  ? -2.441  -5.919  0.329   1.00 39.56  ? 1864 LEU A O   1 
ATOM   561 C CB  . LEU A 1 71  ? 0.686   -6.930  0.426   1.00 38.92  ? 1864 LEU A CB  1 
ATOM   562 C CG  . LEU A 1 71  ? 0.155   -7.508  1.721   1.00 38.87  ? 1864 LEU A CG  1 
ATOM   563 C CD1 . LEU A 1 71  ? -0.583  -8.791  1.402   1.00 43.48  ? 1864 LEU A CD1 1 
ATOM   564 C CD2 . LEU A 1 71  ? 1.326   -7.750  2.633   1.00 40.38  ? 1864 LEU A CD2 1 
ATOM   565 N N   . VAL A 1 72  ? -0.953  -4.250  0.034   1.00 43.79  ? 1865 VAL A N   1 
ATOM   566 C CA  . VAL A 1 72  ? -1.903  -3.221  0.460   1.00 37.30  ? 1865 VAL A CA  1 
ATOM   567 C C   . VAL A 1 72  ? -3.170  -3.305  -0.375  1.00 39.45  ? 1865 VAL A C   1 
ATOM   568 O O   . VAL A 1 72  ? -4.294  -3.339  0.147   1.00 48.06  ? 1865 VAL A O   1 
ATOM   569 C CB  . VAL A 1 72  ? -1.271  -1.823  0.369   1.00 38.22  ? 1865 VAL A CB  1 
ATOM   570 C CG1 . VAL A 1 72  ? -2.307  -0.764  0.662   1.00 41.93  ? 1865 VAL A CG1 1 
ATOM   571 C CG2 . VAL A 1 72  ? -0.124  -1.710  1.329   1.00 48.20  ? 1865 VAL A CG2 1 
ATOM   572 N N   . PHE A 1 73  ? -2.998  -3.349  -1.696  1.00 36.07  ? 1866 PHE A N   1 
ATOM   573 C CA  . PHE A 1 73  ? -4.164  -3.279  -2.573  1.00 39.22  ? 1866 PHE A CA  1 
ATOM   574 C C   . PHE A 1 73  ? -4.899  -4.612  -2.731  1.00 35.63  ? 1866 PHE A C   1 
ATOM   575 O O   . PHE A 1 73  ? -6.130  -4.624  -2.853  1.00 33.61  ? 1866 PHE A O   1 
ATOM   576 C CB  . PHE A 1 73  ? -3.727  -2.718  -3.929  1.00 35.74  ? 1866 PHE A CB  1 
ATOM   577 C CG  . PHE A 1 73  ? -2.931  -1.435  -3.819  1.00 36.85  ? 1866 PHE A CG  1 
ATOM   578 C CD1 . PHE A 1 73  ? -3.370  -0.400  -3.008  1.00 42.83  ? 1866 PHE A CD1 1 
ATOM   579 C CD2 . PHE A 1 73  ? -1.729  -1.285  -4.482  1.00 37.81  ? 1866 PHE A CD2 1 
ATOM   580 C CE1 . PHE A 1 73  ? -2.647  0.782   -2.895  1.00 43.07  ? 1866 PHE A CE1 1 
ATOM   581 C CE2 . PHE A 1 73  ? -0.996  -0.103  -4.374  1.00 51.81  ? 1866 PHE A CE2 1 
ATOM   582 C CZ  . PHE A 1 73  ? -1.457  0.929   -3.579  1.00 39.16  ? 1866 PHE A CZ  1 
ATOM   583 N N   . ASP A 1 74  ? -4.185  -5.733  -2.675  1.00 37.94  ? 1867 ASP A N   1 
ATOM   584 C CA  . ASP A 1 74  ? -4.829  -7.044  -2.611  1.00 42.68  ? 1867 ASP A CA  1 
ATOM   585 C C   . ASP A 1 74  ? -5.690  -7.163  -1.362  1.00 36.99  ? 1867 ASP A C   1 
ATOM   586 O O   . ASP A 1 74  ? -6.825  -7.648  -1.414  1.00 32.76  ? 1867 ASP A O   1 
ATOM   587 C CB  . ASP A 1 74  ? -3.776  -8.157  -2.642  1.00 34.50  ? 1867 ASP A CB  1 
ATOM   588 C CG  . ASP A 1 74  ? -3.125  -8.314  -4.012  1.00 41.44  ? 1867 ASP A CG  1 
ATOM   589 O OD1 . ASP A 1 74  ? -3.746  -7.908  -5.018  1.00 47.66  ? 1867 ASP A OD1 1 
ATOM   590 O OD2 . ASP A 1 74  ? -1.998  -8.854  -4.084  1.00 35.83  ? 1867 ASP A OD2 1 
ATOM   591 N N   . ASN A 1 75  ? -5.134  -6.790  -0.213  1.00 43.39  ? 1868 ASN A N   1 
ATOM   592 C CA  . ASN A 1 75  ? -5.937  -6.709  0.999   1.00 38.75  ? 1868 ASN A CA  1 
ATOM   593 C C   . ASN A 1 75  ? -7.166  -5.843  0.793   1.00 33.52  ? 1868 ASN A C   1 
ATOM   594 O O   . ASN A 1 75  ? -8.288  -6.250  1.116   1.00 34.61  ? 1868 ASN A O   1 
ATOM   595 C CB  . ASN A 1 75  ? -5.083  -6.142  2.125   1.00 35.12  ? 1868 ASN A CB  1 
ATOM   596 C CG  . ASN A 1 75  ? -4.041  -7.118  2.593   1.00 38.44  ? 1868 ASN A CG  1 
ATOM   597 O OD1 . ASN A 1 75  ? -4.143  -8.317  2.327   1.00 44.47  ? 1868 ASN A OD1 1 
ATOM   598 N ND2 . ASN A 1 75  ? -3.005  -6.609  3.257   1.00 36.97  ? 1868 ASN A ND2 1 
ATOM   599 N N   . CYS A 1 76  ? -6.986  -4.682  0.165   1.00 33.71  ? 1869 CYS A N   1 
ATOM   600 C CA  . CYS A 1 76  ? -8.109  -3.766  -0.007  1.00 40.92  ? 1869 CYS A CA  1 
ATOM   601 C C   . CYS A 1 76  ? -9.232  -4.415  -0.807  1.00 42.35  ? 1869 CYS A C   1 
ATOM   602 O O   . CYS A 1 76  ? -10.406 -4.382  -0.408  1.00 32.35  ? 1869 CYS A O   1 
ATOM   603 C CB  . CYS A 1 76  ? -7.633  -2.489  -0.689  1.00 44.18  ? 1869 CYS A CB  1 
ATOM   604 S SG  . CYS A 1 76  ? -8.919  -1.254  -0.842  1.00 50.15  ? 1869 CYS A SG  1 
ATOM   605 N N   . GLN A 1 77  ? -8.873  -5.058  -1.918  1.00 45.55  ? 1870 GLN A N   1 
ATOM   606 C CA  . GLN A 1 77  ? -9.842  -5.699  -2.796  1.00 37.90  ? 1870 GLN A CA  1 
ATOM   607 C C   . GLN A 1 77  ? -10.440 -6.951  -2.171  1.00 31.11  ? 1870 GLN A C   1 
ATOM   608 O O   . GLN A 1 77  ? -11.592 -7.284  -2.458  1.00 30.97  ? 1870 GLN A O   1 
ATOM   609 C CB  . GLN A 1 77  ? -9.161  -6.038  -4.117  1.00 33.50  ? 1870 GLN A CB  1 
ATOM   610 C CG  . GLN A 1 77  ? -8.783  -4.819  -4.928  1.00 32.25  ? 1870 GLN A CG  1 
ATOM   611 C CD  . GLN A 1 77  ? -7.981  -5.186  -6.147  1.00 36.42  ? 1870 GLN A CD  1 
ATOM   612 O OE1 . GLN A 1 77  ? -8.529  -5.424  -7.215  1.00 54.20  ? 1870 GLN A OE1 1 
ATOM   613 N NE2 . GLN A 1 77  ? -6.664  -5.276  -5.982  1.00 34.63  ? 1870 GLN A NE2 1 
ATOM   614 N N   . THR A 1 78  ? -9.687  -7.637  -1.303  1.00 39.77  ? 1871 THR A N   1 
ATOM   615 C CA  . THR A 1 78  ? -10.226 -8.785  -0.578  1.00 31.26  ? 1871 THR A CA  1 
ATOM   616 C C   . THR A 1 78  ? -11.254 -8.367  0.465   1.00 34.71  ? 1871 THR A C   1 
ATOM   617 O O   . THR A 1 78  ? -12.273 -9.043  0.645   1.00 39.00  ? 1871 THR A O   1 
ATOM   618 C CB  . THR A 1 78  ? -9.093  -9.527  0.143   1.00 31.94  ? 1871 THR A CB  1 
ATOM   619 O OG1 . THR A 1 78  ? -8.114  -10.000 -0.781  1.00 32.12  ? 1871 THR A OG1 1 
ATOM   620 C CG2 . THR A 1 78  ? -9.636  -10.710 0.907   1.00 32.02  ? 1871 THR A CG2 1 
ATOM   621 N N   . PHE A 1 79  ? -11.006 -7.283  1.189   1.00 37.74  ? 1872 PHE A N   1 
ATOM   622 C CA  . PHE A 1 79  ? -11.942 -6.946  2.252   1.00 34.31  ? 1872 PHE A CA  1 
ATOM   623 C C   . PHE A 1 79  ? -13.071 -6.017  1.835   1.00 32.00  ? 1872 PHE A C   1 
ATOM   624 O O   . PHE A 1 79  ? -14.176 -6.123  2.380   1.00 32.09  ? 1872 PHE A O   1 
ATOM   625 C CB  . PHE A 1 79  ? -11.210 -6.275  3.415   1.00 35.60  ? 1872 PHE A CB  1 
ATOM   626 C CG  . PHE A 1 79  ? -12.078 -6.050  4.606   1.00 45.18  ? 1872 PHE A CG  1 
ATOM   627 C CD1 . PHE A 1 79  ? -12.375 -7.100  5.465   1.00 39.69  ? 1872 PHE A CD1 1 
ATOM   628 C CD2 . PHE A 1 79  ? -12.673 -4.816  4.822   1.00 52.84  ? 1872 PHE A CD2 1 
ATOM   629 C CE1 . PHE A 1 79  ? -13.185 -6.910  6.554   1.00 34.75  ? 1872 PHE A CE1 1 
ATOM   630 C CE2 . PHE A 1 79  ? -13.503 -4.627  5.910   1.00 54.05  ? 1872 PHE A CE2 1 
ATOM   631 C CZ  . PHE A 1 79  ? -13.758 -5.680  6.775   1.00 39.69  ? 1872 PHE A CZ  1 
ATOM   632 N N   . ASN A 1 80  ? -12.865 -5.171  0.835   1.00 47.34  ? 1873 ASN A N   1 
ATOM   633 C CA  . ASN A 1 80  ? -13.832 -4.143  0.482   1.00 40.90  ? 1873 ASN A CA  1 
ATOM   634 C C   . ASN A 1 80  ? -14.423 -4.371  -0.892  1.00 45.57  ? 1873 ASN A C   1 
ATOM   635 O O   . ASN A 1 80  ? -13.716 -4.742  -1.835  1.00 39.95  ? 1873 ASN A O   1 
ATOM   636 C CB  . ASN A 1 80  ? -13.208 -2.750  0.495   1.00 48.51  ? 1873 ASN A CB  1 
ATOM   637 C CG  . ASN A 1 80  ? -12.583 -2.389  1.812   1.00 48.77  ? 1873 ASN A CG  1 
ATOM   638 O OD1 . ASN A 1 80  ? -13.272 -1.947  2.734   1.00 41.23  ? 1873 ASN A OD1 1 
ATOM   639 N ND2 . ASN A 1 80  ? -11.272 -2.586  1.922   1.00 49.07  ? 1873 ASN A ND2 1 
ATOM   640 N N   . GLU A 1 81  ? -15.722 -4.108  -0.990  1.00 51.30  ? 1874 GLU A N   1 
ATOM   641 C CA  . GLU A 1 81  ? -16.402 -4.052  -2.272  1.00 58.71  ? 1874 GLU A CA  1 
ATOM   642 C C   . GLU A 1 81  ? -15.708 -3.039  -3.181  1.00 49.95  ? 1874 GLU A C   1 
ATOM   643 O O   . GLU A 1 81  ? -15.142 -2.039  -2.727  1.00 55.51  ? 1874 GLU A O   1 
ATOM   644 C CB  . GLU A 1 81  ? -17.869 -3.665  -2.079  1.00 60.29  ? 1874 GLU A CB  1 
ATOM   645 C CG  . GLU A 1 81  ? -18.642 -4.495  -1.087  1.00 59.19  ? 1874 GLU A CG  1 
ATOM   646 C CD  . GLU A 1 81  ? -19.243 -5.734  -1.717  1.00 77.09  ? 1874 GLU A CD  1 
ATOM   647 O OE1 . GLU A 1 81  ? -18.581 -6.367  -2.566  1.00 80.57  ? 1874 GLU A OE1 1 
ATOM   648 O OE2 . GLU A 1 81  ? -20.404 -6.055  -1.389  1.00 86.49  ? 1874 GLU A OE2 1 
ATOM   649 N N   . ASP A 1 82  ? -15.738 -3.318  -4.479  1.00 40.19  ? 1875 ASP A N   1 
ATOM   650 C CA  . ASP A 1 82  ? -15.089 -2.432  -5.430  1.00 48.49  ? 1875 ASP A CA  1 
ATOM   651 C C   . ASP A 1 82  ? -15.756 -1.066  -5.444  1.00 47.11  ? 1875 ASP A C   1 
ATOM   652 O O   . ASP A 1 82  ? -15.106 -0.061  -5.747  1.00 39.80  ? 1875 ASP A O   1 
ATOM   653 C CB  . ASP A 1 82  ? -15.133 -3.054  -6.817  1.00 48.84  ? 1875 ASP A CB  1 
ATOM   654 C CG  . ASP A 1 82  ? -14.344 -4.336  -6.893  1.00 39.31  ? 1875 ASP A CG  1 
ATOM   655 O OD1 . ASP A 1 82  ? -13.198 -4.373  -6.402  1.00 38.68  ? 1875 ASP A OD1 1 
ATOM   656 O OD2 . ASP A 1 82  ? -14.875 -5.302  -7.460  1.00 40.00  ? 1875 ASP A OD2 1 
ATOM   657 N N   . ASP A 1 83  ? -17.035 -1.000  -5.076  1.00 47.57  ? 1876 ASP A N   1 
ATOM   658 C CA  . ASP A 1 83  ? -17.763 0.259   -5.054  1.00 50.38  ? 1876 ASP A CA  1 
ATOM   659 C C   . ASP A 1 83  ? -17.817 0.870   -3.662  1.00 51.69  ? 1876 ASP A C   1 
ATOM   660 O O   . ASP A 1 83  ? -18.439 1.922   -3.479  1.00 51.87  ? 1876 ASP A O   1 
ATOM   661 C CB  . ASP A 1 83  ? -19.188 0.064   -5.592  1.00 49.26  ? 1876 ASP A CB  1 
ATOM   662 C CG  . ASP A 1 83  ? -19.992 -0.937  -4.797  1.00 62.02  ? 1876 ASP A CG  1 
ATOM   663 O OD1 . ASP A 1 83  ? -19.416 -1.636  -3.935  1.00 72.12  ? 1876 ASP A OD1 1 
ATOM   664 O OD2 . ASP A 1 83  ? -21.210 -1.038  -5.052  1.00 68.64  ? 1876 ASP A OD2 1 
ATOM   665 N N   . SER A 1 84  ? -17.187 0.241   -2.678  1.00 51.65  ? 1877 SER A N   1 
ATOM   666 C CA  . SER A 1 84  ? -17.055 0.882   -1.384  1.00 50.93  ? 1877 SER A CA  1 
ATOM   667 C C   . SER A 1 84  ? -16.105 2.065   -1.495  1.00 48.04  ? 1877 SER A C   1 
ATOM   668 O O   . SER A 1 84  ? -15.237 2.108   -2.369  1.00 55.24  ? 1877 SER A O   1 
ATOM   669 C CB  . SER A 1 84  ? -16.529 -0.110  -0.362  1.00 41.72  ? 1877 SER A CB  1 
ATOM   670 O OG  . SER A 1 84  ? -15.153 -0.331  -0.593  1.00 43.34  ? 1877 SER A OG  1 
ATOM   671 N N   . GLU A 1 85  ? -16.230 3.000   -0.546  1.00 43.13  ? 1878 GLU A N   1 
ATOM   672 C CA  . GLU A 1 85  ? -15.398 4.200   -0.583  1.00 40.61  ? 1878 GLU A CA  1 
ATOM   673 C C   . GLU A 1 85  ? -13.921 3.847   -0.456  1.00 48.47  ? 1878 GLU A C   1 
ATOM   674 O O   . GLU A 1 85  ? -13.082 4.320   -1.244  1.00 50.52  ? 1878 GLU A O   1 
ATOM   675 C CB  . GLU A 1 85  ? -15.828 5.146   0.541   1.00 41.68  ? 1878 GLU A CB  1 
ATOM   676 C CG  . GLU A 1 85  ? -15.721 6.619   0.229   1.00 41.78  ? 1878 GLU A CG  1 
ATOM   677 C CD  . GLU A 1 85  ? -16.516 7.014   -1.003  1.00 61.74  ? 1878 GLU A CD  1 
ATOM   678 O OE1 . GLU A 1 85  ? -15.897 7.399   -2.021  1.00 66.16  ? 1878 GLU A OE1 1 
ATOM   679 O OE2 . GLU A 1 85  ? -17.761 6.930   -0.954  1.00 70.36  ? 1878 GLU A OE2 1 
ATOM   680 N N   . VAL A 1 86  ? -13.602 2.927   0.456   1.00 39.62  ? 1879 VAL A N   1 
ATOM   681 C CA  . VAL A 1 86  ? -12.234 2.453   0.588   1.00 45.53  ? 1879 VAL A CA  1 
ATOM   682 C C   . VAL A 1 86  ? -11.828 1.686   -0.660  1.00 46.31  ? 1879 VAL A C   1 
ATOM   683 O O   . VAL A 1 86  ? -10.717 1.857   -1.160  1.00 37.47  ? 1879 VAL A O   1 
ATOM   684 C CB  . VAL A 1 86  ? -12.073 1.586   1.859   1.00 51.08  ? 1879 VAL A CB  1 
ATOM   685 C CG1 . VAL A 1 86  ? -10.706 0.910   1.890   1.00 38.75  ? 1879 VAL A CG1 1 
ATOM   686 C CG2 . VAL A 1 86  ? -12.268 2.418   3.118   1.00 50.96  ? 1879 VAL A CG2 1 
ATOM   687 N N   . GLY A 1 87  ? -12.706 0.808   -1.161  1.00 42.09  ? 1880 GLY A N   1 
ATOM   688 C CA  . GLY A 1 87  ? -12.395 0.069   -2.378  1.00 43.07  ? 1880 GLY A CA  1 
ATOM   689 C C   . GLY A 1 87  ? -12.124 0.975   -3.565  1.00 47.22  ? 1880 GLY A C   1 
ATOM   690 O O   . GLY A 1 87  ? -11.191 0.740   -4.339  1.00 57.33  ? 1880 GLY A O   1 
ATOM   691 N N   . LYS A 1 88  ? -12.922 2.031   -3.713  1.00 44.74  ? 1881 LYS A N   1 
ATOM   692 C CA  . LYS A 1 88  ? -12.725 2.949   -4.827  1.00 38.43  ? 1881 LYS A CA  1 
ATOM   693 C C   . LYS A 1 88  ? -11.384 3.658   -4.688  1.00 39.87  ? 1881 LYS A C   1 
ATOM   694 O O   . LYS A 1 88  ? -10.617 3.780   -5.659  1.00 43.81  ? 1881 LYS A O   1 
ATOM   695 C CB  . LYS A 1 88  ? -13.884 3.945   -4.871  1.00 38.49  ? 1881 LYS A CB  1 
ATOM   696 C CG  . LYS A 1 88  ? -15.221 3.312   -5.233  1.00 46.88  ? 1881 LYS A CG  1 
ATOM   697 C CD  . LYS A 1 88  ? -16.321 4.344   -5.464  1.00 55.89  ? 1881 LYS A CD  1 
ATOM   698 C CE  . LYS A 1 88  ? -16.937 4.794   -4.140  1.00 60.23  ? 1881 LYS A CE  1 
ATOM   699 N NZ  . LYS A 1 88  ? -18.159 5.632   -4.311  1.00 57.49  ? 1881 LYS A NZ  1 
ATOM   700 N N   . ALA A 1 89  ? -11.069 4.088   -3.463  1.00 47.12  ? 1882 ALA A N   1 
ATOM   701 C CA  . ALA A 1 89  ? -9.779  4.720   -3.215  1.00 43.57  ? 1882 ALA A CA  1 
ATOM   702 C C   . ALA A 1 89  ? -8.656  3.748   -3.522  1.00 36.92  ? 1882 ALA A C   1 
ATOM   703 O O   . ALA A 1 89  ? -7.637  4.121   -4.109  1.00 37.02  ? 1882 ALA A O   1 
ATOM   704 C CB  . ALA A 1 89  ? -9.691  5.214   -1.770  1.00 37.56  ? 1882 ALA A CB  1 
ATOM   705 N N   . GLY A 1 90  ? -8.829  2.496   -3.116  1.00 37.09  ? 1883 GLY A N   1 
ATOM   706 C CA  . GLY A 1 90  ? -7.826  1.488   -3.378  1.00 42.00  ? 1883 GLY A CA  1 
ATOM   707 C C   . GLY A 1 90  ? -7.609  1.251   -4.853  1.00 36.85  ? 1883 GLY A C   1 
ATOM   708 O O   . GLY A 1 90  ? -6.496  0.965   -5.277  1.00 54.59  ? 1883 GLY A O   1 
ATOM   709 N N   . HIS A 1 91  ? -8.672  1.323   -5.650  1.00 36.73  ? 1884 HIS A N   1 
ATOM   710 C CA  . HIS A 1 91  ? -8.481  1.172   -7.088  1.00 37.00  ? 1884 HIS A CA  1 
ATOM   711 C C   . HIS A 1 91  ? -7.699  2.348   -7.656  1.00 48.34  ? 1884 HIS A C   1 
ATOM   712 O O   . HIS A 1 91  ? -6.784  2.156   -8.470  1.00 55.92  ? 1884 HIS A O   1 
ATOM   713 C CB  . HIS A 1 91  ? -9.813  0.986   -7.799  1.00 37.20  ? 1884 HIS A CB  1 
ATOM   714 C CG  . HIS A 1 91  ? -10.375 -0.390  -7.638  1.00 37.21  ? 1884 HIS A CG  1 
ATOM   715 N ND1 . HIS A 1 91  ? -9.656  -1.522  -7.952  1.00 40.84  ? 1884 HIS A ND1 1 
ATOM   716 C CD2 . HIS A 1 91  ? -11.580 -0.820  -7.195  1.00 41.98  ? 1884 HIS A CD2 1 
ATOM   717 C CE1 . HIS A 1 91  ? -10.391 -2.593  -7.702  1.00 37.46  ? 1884 HIS A CE1 1 
ATOM   718 N NE2 . HIS A 1 91  ? -11.567 -2.193  -7.251  1.00 37.58  ? 1884 HIS A NE2 1 
ATOM   719 N N   . ILE A 1 92  ? -8.002  3.570   -7.206  1.00 49.16  ? 1885 ILE A N   1 
ATOM   720 C CA  . ILE A 1 92  ? -7.214  4.715   -7.662  1.00 38.01  ? 1885 ILE A CA  1 
ATOM   721 C C   . ILE A 1 92  ? -5.752  4.541   -7.258  1.00 45.66  ? 1885 ILE A C   1 
ATOM   722 O O   . ILE A 1 92  ? -4.836  4.781   -8.057  1.00 41.25  ? 1885 ILE A O   1 
ATOM   723 C CB  . ILE A 1 92  ? -7.800  6.031   -7.122  1.00 38.17  ? 1885 ILE A CB  1 
ATOM   724 C CG1 . ILE A 1 92  ? -9.149  6.317   -7.774  1.00 38.38  ? 1885 ILE A CG1 1 
ATOM   725 C CG2 . ILE A 1 92  ? -6.853  7.185   -7.418  1.00 38.96  ? 1885 ILE A CG2 1 
ATOM   726 C CD1 . ILE A 1 92  ? -9.910  7.421   -7.109  1.00 38.65  ? 1885 ILE A CD1 1 
ATOM   727 N N   . MET A 1 93  ? -5.516  4.142   -6.003  1.00 45.95  ? 1886 MET A N   1 
ATOM   728 C CA  . MET A 1 93  ? -4.153  3.974   -5.507  1.00 38.14  ? 1886 MET A CA  1 
ATOM   729 C C   . MET A 1 93  ? -3.428  2.837   -6.206  1.00 38.46  ? 1886 MET A C   1 
ATOM   730 O O   . MET A 1 93  ? -2.225  2.929   -6.464  1.00 47.41  ? 1886 MET A O   1 
ATOM   731 C CB  . MET A 1 93  ? -4.184  3.741   -4.002  1.00 37.76  ? 1886 MET A CB  1 
ATOM   732 C CG  . MET A 1 93  ? -4.504  4.970   -3.203  1.00 46.81  ? 1886 MET A CG  1 
ATOM   733 S SD  . MET A 1 93  ? -3.479  6.366   -3.730  1.00 42.95  ? 1886 MET A SD  1 
ATOM   734 C CE  . MET A 1 93  ? -1.825  5.694   -3.493  1.00 39.53  ? 1886 MET A CE  1 
ATOM   735 N N   . ARG A 1 94  ? -4.114  1.724   -6.436  1.00 43.61  ? 1887 ARG A N   1 
ATOM   736 C CA  . ARG A 1 94  ? -3.481  0.588   -7.090  1.00 44.69  ? 1887 ARG A CA  1 
ATOM   737 C C   . ARG A 1 94  ? -3.075  0.981   -8.504  1.00 41.27  ? 1887 ARG A C   1 
ATOM   738 O O   . ARG A 1 94  ? -1.927  0.785   -8.921  1.00 40.35  ? 1887 ARG A O   1 
ATOM   739 C CB  . ARG A 1 94  ? -4.408  -0.634  -7.091  1.00 37.94  ? 1887 ARG A CB  1 
ATOM   740 C CG  . ARG A 1 94  ? -3.761  -1.879  -7.682  1.00 38.53  ? 1887 ARG A CG  1 
ATOM   741 C CD  . ARG A 1 94  ? -4.752  -3.002  -7.823  1.00 38.26  ? 1887 ARG A CD  1 
ATOM   742 N NE  . ARG A 1 94  ? -6.041  -2.504  -8.289  1.00 37.91  ? 1887 ARG A NE  1 
ATOM   743 C CZ  . ARG A 1 94  ? -6.324  -2.230  -9.560  1.00 38.34  ? 1887 ARG A CZ  1 
ATOM   744 N NH1 . ARG A 1 94  ? -5.422  -2.433  -10.511 1.00 39.20  ? 1887 ARG A NH1 1 
ATOM   745 N NH2 . ARG A 1 94  ? -7.522  -1.772  -9.882  1.00 38.16  ? 1887 ARG A NH2 1 
ATOM   746 N N   . ARG A 1 95  ? -4.000  1.588   -9.247  1.00 41.76  ? 1888 ARG A N   1 
ATOM   747 C CA  . ARG A 1 95  ? -3.677  1.947   -10.621 1.00 42.96  ? 1888 ARG A CA  1 
ATOM   748 C C   . ARG A 1 95  ? -2.574  2.990   -10.650 1.00 41.41  ? 1888 ARG A C   1 
ATOM   749 O O   . ARG A 1 95  ? -1.679  2.930   -11.497 1.00 48.73  ? 1888 ARG A O   1 
ATOM   750 C CB  . ARG A 1 95  ? -4.928  2.455   -11.337 1.00 40.26  ? 1888 ARG A CB  1 
ATOM   751 C CG  . ARG A 1 95  ? -5.814  1.328   -11.819 1.00 48.54  ? 1888 ARG A CG  1 
ATOM   752 C CD  . ARG A 1 95  ? -6.954  1.830   -12.675 1.00 46.20  ? 1888 ARG A CD  1 
ATOM   753 N NE  . ARG A 1 95  ? -7.742  2.880   -12.039 1.00 39.73  ? 1888 ARG A NE  1 
ATOM   754 C CZ  . ARG A 1 95  ? -8.887  2.658   -11.409 1.00 39.05  ? 1888 ARG A CZ  1 
ATOM   755 N NH1 . ARG A 1 95  ? -9.377  1.429   -11.356 1.00 38.76  ? 1888 ARG A NH1 1 
ATOM   756 N NH2 . ARG A 1 95  ? -9.555  3.660   -10.870 1.00 38.90  ? 1888 ARG A NH2 1 
ATOM   757 N N   . PHE A 1 96  ? -2.602  3.926   -9.702  1.00 44.03  ? 1889 PHE A N   1 
ATOM   758 C CA  . PHE A 1 96  ? -1.522  4.898   -9.576  1.00 45.20  ? 1889 PHE A CA  1 
ATOM   759 C C   . PHE A 1 96  ? -0.182  4.202   -9.347  1.00 45.99  ? 1889 PHE A C   1 
ATOM   760 O O   . PHE A 1 96  ? 0.815   4.520   -10.005 1.00 44.55  ? 1889 PHE A O   1 
ATOM   761 C CB  . PHE A 1 96  ? -1.851  5.875   -8.449  1.00 43.15  ? 1889 PHE A CB  1 
ATOM   762 C CG  . PHE A 1 96  ? -0.756  6.848   -8.147  1.00 52.80  ? 1889 PHE A CG  1 
ATOM   763 C CD1 . PHE A 1 96  ? -0.611  8.003   -8.910  1.00 43.96  ? 1889 PHE A CD1 1 
ATOM   764 C CD2 . PHE A 1 96  ? 0.093   6.642   -7.062  1.00 43.47  ? 1889 PHE A CD2 1 
ATOM   765 C CE1 . PHE A 1 96  ? 0.388   8.919   -8.630  1.00 45.32  ? 1889 PHE A CE1 1 
ATOM   766 C CE2 . PHE A 1 96  ? 1.085   7.559   -6.770  1.00 45.22  ? 1889 PHE A CE2 1 
ATOM   767 C CZ  . PHE A 1 96  ? 1.233   8.701   -7.557  1.00 45.37  ? 1889 PHE A CZ  1 
ATOM   768 N N   . PHE A 1 97  ? -0.132  3.279   -8.378  1.00 42.05  ? 1890 PHE A N   1 
ATOM   769 C CA  . PHE A 1 97  ? 1.103   2.555   -8.077  1.00 42.91  ? 1890 PHE A CA  1 
ATOM   770 C C   . PHE A 1 97  ? 1.620   1.809   -9.295  1.00 44.12  ? 1890 PHE A C   1 
ATOM   771 O O   . PHE A 1 97  ? 2.816   1.845   -9.591  1.00 46.78  ? 1890 PHE A O   1 
ATOM   772 C CB  . PHE A 1 97  ? 0.920   1.575   -6.920  1.00 41.88  ? 1890 PHE A CB  1 
ATOM   773 C CG  . PHE A 1 97  ? 2.114   0.675   -6.722  1.00 43.40  ? 1890 PHE A CG  1 
ATOM   774 C CD1 . PHE A 1 97  ? 3.241   1.136   -6.060  1.00 44.89  ? 1890 PHE A CD1 1 
ATOM   775 C CD2 . PHE A 1 97  ? 2.121   -0.623  -7.216  1.00 45.18  ? 1890 PHE A CD2 1 
ATOM   776 C CE1 . PHE A 1 97  ? 4.346   0.320   -5.890  1.00 45.15  ? 1890 PHE A CE1 1 
ATOM   777 C CE2 . PHE A 1 97  ? 3.221   -1.446  -7.047  1.00 44.25  ? 1890 PHE A CE2 1 
ATOM   778 C CZ  . PHE A 1 97  ? 4.331   -0.974  -6.386  1.00 45.31  ? 1890 PHE A CZ  1 
ATOM   779 N N   . GLU A 1 98  ? 0.754   1.027   -9.938  1.00 43.50  ? 1891 GLU A N   1 
ATOM   780 C CA  . GLU A 1 98  ? 1.186   0.236   -11.082 1.00 48.05  ? 1891 GLU A CA  1 
ATOM   781 C C   . GLU A 1 98  ? 1.687   1.132   -12.200 1.00 53.85  ? 1891 GLU A C   1 
ATOM   782 O O   . GLU A 1 98  ? 2.718   0.846   -12.827 1.00 68.56  ? 1891 GLU A O   1 
ATOM   783 C CB  . GLU A 1 98  ? 0.029   -0.624  -11.574 1.00 60.83  ? 1891 GLU A CB  1 
ATOM   784 C CG  . GLU A 1 98  ? -0.364  -1.740  -10.630 1.00 60.50  ? 1891 GLU A CG  1 
ATOM   785 C CD  . GLU A 1 98  ? -1.461  -2.599  -11.216 1.00 55.94  ? 1891 GLU A CD  1 
ATOM   786 O OE1 . GLU A 1 98  ? -1.710  -3.709  -10.681 1.00 45.59  ? 1891 GLU A OE1 1 
ATOM   787 O OE2 . GLU A 1 98  ? -2.053  -2.152  -12.228 1.00 44.01  ? 1891 GLU A OE2 1 
ATOM   788 N N   . SER A 1 99  ? 0.992   2.249   -12.426 1.00 53.47  ? 1892 SER A N   1 
ATOM   789 C CA  . SER A 1 99  ? 1.422   3.203   -13.441 1.00 56.12  ? 1892 SER A CA  1 
ATOM   790 C C   . SER A 1 99  ? 2.803   3.749   -13.117 1.00 61.54  ? 1892 SER A C   1 
ATOM   791 O O   . SER A 1 99  ? 3.730   3.628   -13.924 1.00 71.53  ? 1892 SER A O   1 
ATOM   792 C CB  . SER A 1 99  ? 0.399   4.333   -13.568 1.00 54.16  ? 1892 SER A CB  1 
ATOM   793 O OG  . SER A 1 99  ? 0.183   4.964   -12.324 1.00 55.17  ? 1892 SER A OG  1 
ATOM   794 N N   . ARG A 1 100 ? 2.984   4.256   -11.899 1.00 61.83  ? 1893 ARG A N   1 
ATOM   795 C CA  . ARG A 1 100 ? 4.279   4.813   -11.522 1.00 56.20  ? 1893 ARG A CA  1 
ATOM   796 C C   . ARG A 1 100 ? 5.369   3.751   -11.609 1.00 55.04  ? 1893 ARG A C   1 
ATOM   797 O O   . ARG A 1 100 ? 6.483   4.026   -12.069 1.00 65.54  ? 1893 ARG A O   1 
ATOM   798 C CB  . ARG A 1 100 ? 4.209   5.432   -10.122 1.00 49.36  ? 1893 ARG A CB  1 
ATOM   799 C CG  . ARG A 1 100 ? 3.600   6.832   -10.122 1.00 50.42  ? 1893 ARG A CG  1 
ATOM   800 C CD  . ARG A 1 100 ? 4.350   7.739   -11.074 1.00 51.72  ? 1893 ARG A CD  1 
ATOM   801 N NE  . ARG A 1 100 ? 5.409   8.509   -10.438 1.00 58.75  ? 1893 ARG A NE  1 
ATOM   802 C CZ  . ARG A 1 100 ? 6.637   8.623   -10.933 1.00 67.26  ? 1893 ARG A CZ  1 
ATOM   803 N NH1 . ARG A 1 100 ? 6.936   8.046   -12.090 1.00 75.86  ? 1893 ARG A NH1 1 
ATOM   804 N NH2 . ARG A 1 100 ? 7.555   9.347   -10.303 1.00 57.37  ? 1893 ARG A NH2 1 
ATOM   805 N N   . TRP A 1 101 ? 5.071   2.538   -11.139 1.00 62.53  ? 1894 TRP A N   1 
ATOM   806 C CA  . TRP A 1 101 ? 6.075   1.480   -11.093 1.00 66.26  ? 1894 TRP A CA  1 
ATOM   807 C C   . TRP A 1 101 ? 6.554   1.160   -12.505 1.00 74.23  ? 1894 TRP A C   1 
ATOM   808 O O   . TRP A 1 101 ? 7.756   0.963   -12.737 1.00 76.70  ? 1894 TRP A O   1 
ATOM   809 C CB  . TRP A 1 101 ? 5.483   0.246   -10.426 1.00 58.47  ? 1894 TRP A CB  1 
ATOM   810 C CG  . TRP A 1 101 ? 6.467   -0.823  -10.204 1.00 56.33  ? 1894 TRP A CG  1 
ATOM   811 C CD1 . TRP A 1 101 ? 6.668   -1.931  -10.963 1.00 56.52  ? 1894 TRP A CD1 1 
ATOM   812 C CD2 . TRP A 1 101 ? 7.388   -0.907  -9.110  1.00 60.31  ? 1894 TRP A CD2 1 
ATOM   813 N NE1 . TRP A 1 101 ? 7.669   -2.702  -10.420 1.00 59.85  ? 1894 TRP A NE1 1 
ATOM   814 C CE2 . TRP A 1 101 ? 8.126   -2.093  -9.279  1.00 66.62  ? 1894 TRP A CE2 1 
ATOM   815 C CE3 . TRP A 1 101 ? 7.663   -0.090  -8.008  1.00 52.15  ? 1894 TRP A CE3 1 
ATOM   816 C CZ2 . TRP A 1 101 ? 9.125   -2.479  -8.389  1.00 67.65  ? 1894 TRP A CZ2 1 
ATOM   817 C CZ3 . TRP A 1 101 ? 8.657   -0.478  -7.125  1.00 52.48  ? 1894 TRP A CZ3 1 
ATOM   818 C CH2 . TRP A 1 101 ? 9.374   -1.659  -7.323  1.00 53.85  ? 1894 TRP A CH2 1 
ATOM   819 N N   . GLU A 1 102 ? 5.623   1.118   -13.468 1.00 74.79  ? 1895 GLU A N   1 
ATOM   820 C CA  . GLU A 1 102 ? 5.960   0.694   -14.822 1.00 73.43  ? 1895 GLU A CA  1 
ATOM   821 C C   . GLU A 1 102 ? 6.656   1.842   -15.543 1.00 82.21  ? 1895 GLU A C   1 
ATOM   822 O O   . GLU A 1 102 ? 7.510   1.597   -16.401 1.00 95.59  ? 1895 GLU A O   1 
ATOM   823 C CB  . GLU A 1 102 ? 4.755   0.117   -15.601 1.00 72.54  ? 1895 GLU A CB  1 
ATOM   824 C CG  . GLU A 1 102 ? 4.334   -1.330  -15.113 1.00 80.80  ? 1895 GLU A CG  1 
ATOM   825 C CD  . GLU A 1 102 ? 2.967   -1.856  -15.589 1.00 74.94  ? 1895 GLU A CD  1 
ATOM   826 O OE1 . GLU A 1 102 ? 2.450   -1.388  -16.625 1.00 78.33  ? 1895 GLU A OE1 1 
ATOM   827 O OE2 . GLU A 1 102 ? 2.454   -2.805  -14.959 1.00 73.56  ? 1895 GLU A OE2 1 
ATOM   828 N N   . GLU A 1 103 ? 6.298   3.096   -15.230 1.00 79.62  ? 1896 GLU A N   1 
ATOM   829 C CA  . GLU A 1 103 ? 6.941   4.216   -15.905 1.00 91.14  ? 1896 GLU A CA  1 
ATOM   830 C C   . GLU A 1 103 ? 8.411   4.370   -15.552 1.00 97.76  ? 1896 GLU A C   1 
ATOM   831 O O   . GLU A 1 103 ? 9.090   5.209   -16.153 1.00 96.45  ? 1896 GLU A O   1 
ATOM   832 C CB  . GLU A 1 103 ? 6.201   5.517   -15.581 1.00 95.15  ? 1896 GLU A CB  1 
ATOM   833 C CG  . GLU A 1 103 ? 4.720   5.599   -15.760 1.00 93.81  ? 1896 GLU A CG  1 
ATOM   834 C CD  . GLU A 1 103 ? 4.226   6.989   -15.425 1.00 88.12  ? 1896 GLU A CD  1 
ATOM   835 O OE1 . GLU A 1 103 ? 5.036   7.767   -14.877 1.00 86.57  ? 1896 GLU A OE1 1 
ATOM   836 O OE2 . GLU A 1 103 ? 3.038   7.293   -15.655 1.00 84.24  ? 1896 GLU A OE2 1 
ATOM   837 N N   . PHE A 1 104 ? 8.921   3.589   -14.603 1.00 97.63  ? 1897 PHE A N   1 
ATOM   838 C CA  . PHE A 1 104 ? 10.342  3.595   -14.299 1.00 96.54  ? 1897 PHE A CA  1 
ATOM   839 C C   . PHE A 1 104 ? 11.030  2.290   -14.685 1.00 98.51  ? 1897 PHE A C   1 
ATOM   840 O O   . PHE A 1 104 ? 12.072  2.264   -15.353 1.00 97.07  ? 1897 PHE A O   1 
ATOM   841 C CB  . PHE A 1 104 ? 10.463  3.893   -12.804 1.00 81.16  ? 1897 PHE A CB  1 
ATOM   842 C CG  . PHE A 1 104 ? 11.887  3.974   -12.305 1.00 88.00  ? 1897 PHE A CG  1 
ATOM   843 C CD1 . PHE A 1 104 ? 12.628  5.136   -12.497 1.00 91.17  ? 1897 PHE A CD1 1 
ATOM   844 C CD2 . PHE A 1 104 ? 12.486  2.914   -11.650 1.00 92.84  ? 1897 PHE A CD2 1 
ATOM   845 C CE1 . PHE A 1 104 ? 13.940  5.234   -12.041 1.00 91.21  ? 1897 PHE A CE1 1 
ATOM   846 C CE2 . PHE A 1 104 ? 13.802  3.005   -11.192 1.00 92.35  ? 1897 PHE A CE2 1 
ATOM   847 C CZ  . PHE A 1 104 ? 14.527  4.168   -11.391 1.00 90.70  ? 1897 PHE A CZ  1 
ATOM   848 N N   . TYR A 1 105 ? 10.403  1.196   -14.250 1.00 91.96  ? 1898 TYR A N   1 
ATOM   849 C CA  . TYR A 1 105 ? 10.806  -0.164  -14.557 1.00 85.90  ? 1898 TYR A CA  1 
ATOM   850 C C   . TYR A 1 105 ? 10.062  -0.688  -15.781 1.00 80.40  ? 1898 TYR A C   1 
ATOM   851 O O   . TYR A 1 105 ? 10.617  -0.780  -16.874 1.00 76.37  ? 1898 TYR A O   1 
ATOM   852 C CB  . TYR A 1 105 ? 10.504  -1.058  -13.356 1.00 82.26  ? 1898 TYR A CB  1 
ATOM   853 C CG  . TYR A 1 105 ? 11.138  -0.588  -12.057 1.00 86.19  ? 1898 TYR A CG  1 
ATOM   854 C CD1 . TYR A 1 105 ? 12.486  -0.784  -11.790 1.00 90.52  ? 1898 TYR A CD1 1 
ATOM   855 C CD2 . TYR A 1 105 ? 10.362  0.035   -11.079 1.00 81.72  ? 1898 TYR A CD2 1 
ATOM   856 C CE1 . TYR A 1 105 ? 13.052  -0.347  -10.589 1.00 86.28  ? 1898 TYR A CE1 1 
ATOM   857 C CE2 . TYR A 1 105 ? 10.915  0.468   -9.880  1.00 74.50  ? 1898 TYR A CE2 1 
ATOM   858 C CZ  . TYR A 1 105 ? 12.257  0.276   -9.642  1.00 77.37  ? 1898 TYR A CZ  1 
ATOM   859 O OH  . TYR A 1 105 ? 12.797  0.713   -8.455  1.00 77.54  ? 1898 TYR A OH  1 
HETATM 860 C C02 . FI9 B 2 .   ? -8.182  5.399   8.097   0.98 54.11  ? 1901 FI9 A C02 1 
HETATM 861 C C03 . FI9 B 2 .   ? -9.686  5.590   8.068   0.98 48.64  ? 1901 FI9 A C03 1 
HETATM 862 C C04 . FI9 B 2 .   ? -10.573 4.325   7.858   0.98 48.16  ? 1901 FI9 A C04 1 
HETATM 863 C C06 . FI9 B 2 .   ? -8.479  3.272   6.906   0.98 56.89  ? 1901 FI9 A C06 1 
HETATM 864 C C07 . FI9 B 2 .   ? -7.775  3.962   8.095   0.98 52.00  ? 1901 FI9 A C07 1 
HETATM 865 C C08 . FI9 B 2 .   ? -10.860 1.945   6.634   0.98 46.24  ? 1901 FI9 A C08 1 
HETATM 866 C C10 . FI9 B 2 .   ? -10.370 0.715   5.876   0.98 35.42  ? 1901 FI9 A C10 1 
HETATM 867 C C11 . FI9 B 2 .   ? -9.200  0.712   5.129   0.98 30.54  ? 1901 FI9 A C11 1 
HETATM 868 C C12 . FI9 B 2 .   ? -8.841  -0.477  4.461   0.98 31.11  ? 1901 FI9 A C12 1 
HETATM 869 C C13 . FI9 B 2 .   ? -9.685  -1.593  4.564   0.98 33.17  ? 1901 FI9 A C13 1 
HETATM 870 C C16 . FI9 B 2 .   ? -11.171 -0.434  5.924   0.98 29.21  ? 1901 FI9 A C16 1 
HETATM 871 N N01 . FI9 B 2 .   ? -7.611  6.037   9.344   0.98 56.08  ? 1901 FI9 A N01 1 
HETATM 872 N N05 . FI9 B 2 .   ? -9.984  3.125   7.106   0.98 50.88  ? 1901 FI9 A N05 1 
HETATM 873 N N15 . FI9 B 2 .   ? -10.820 -1.550  5.285   0.98 24.66  ? 1901 FI9 A N15 1 
HETATM 874 O O09 . FI9 B 2 .   ? -12.032 1.985   6.885   0.98 55.99  ? 1901 FI9 A O09 1 
HETATM 875 O O14 . FI9 B 2 .   ? -9.395  -2.578  4.007   0.98 42.01  ? 1901 FI9 A O14 1 
HETATM 876 O O   . HOH C 3 .   ? -8.295  -17.834 9.376   1.00 50.55  ? 2001 HOH A O   1 
HETATM 877 O O   . HOH C 3 .   ? -17.155 -5.996  -7.415  1.00 39.24  ? 2002 HOH A O   1 
HETATM 878 O O   . HOH C 3 .   ? -7.416  -3.813  3.409   1.00 25.90  ? 2003 HOH A O   1 
HETATM 879 O O   . HOH C 3 .   ? -19.775 5.361   -2.418  1.00 46.10  ? 2004 HOH A O   1 
HETATM 880 O O   . HOH C 3 .   ? 7.153   2.290   13.887  1.00 48.26  ? 2005 HOH A O   1 
HETATM 881 O O   . HOH C 3 .   ? -4.413  0.765   6.162   1.00 28.87  ? 2006 HOH A O   1 
HETATM 882 O O   . HOH C 3 .   ? -4.964  6.335   -10.158 1.00 35.70  ? 2007 HOH A O   1 
HETATM 883 O O   . HOH C 3 .   ? -6.721  -6.185  18.465  1.00 33.62  ? 2008 HOH A O   1 
HETATM 884 O O   . HOH C 3 .   ? -21.094 -5.192  1.151   1.00 47.77  ? 2009 HOH A O   1 
HETATM 885 O O   . HOH C 3 .   ? -3.538  13.541  -4.996  1.00 37.83  ? 2010 HOH A O   1 
HETATM 886 O O   . HOH C 3 .   ? -2.758  -5.352  -5.823  1.00 39.34  ? 2011 HOH A O   1 
HETATM 887 O O   . HOH C 3 .   ? -12.264 -3.265  -3.933  1.00 18.48  ? 2012 HOH A O   1 
HETATM 888 O O   . HOH C 3 .   ? 1.916   -8.491  6.766   1.00 32.34  ? 2013 HOH A O   1 
HETATM 889 O O   . HOH C 3 .   ? -16.663 8.525   -4.616  1.00 33.15  ? 2014 HOH A O   1 
HETATM 890 O O   . HOH C 3 .   ? 3.183   10.985  -9.944  1.00 43.07  ? 2015 HOH A O   1 
HETATM 891 O O   . HOH C 3 .   ? -8.183  2.052   10.972  1.00 25.96  ? 2016 HOH A O   1 
HETATM 892 O O   . HOH C 3 .   ? -4.970  -10.337 -0.003  1.00 41.71  ? 2017 HOH A O   1 
HETATM 893 O O   . HOH C 3 .   ? -2.185  -6.335  -8.708  1.00 30.33  ? 2018 HOH A O   1 
HETATM 894 O O   . HOH C 3 .   ? -10.872 2.432   10.693  1.00 26.82  ? 2019 HOH A O   1 
HETATM 895 O O   . HOH C 3 .   ? -3.237  -7.649  18.621  1.00 38.91  ? 2020 HOH A O   1 
HETATM 896 O O   . HOH C 3 .   ? -11.691 4.726   11.958  1.00 44.68  ? 2021 HOH A O   1 
# 
loop_
_atom_site_anisotrop.id 
_atom_site_anisotrop.type_symbol 
_atom_site_anisotrop.pdbx_label_atom_id 
_atom_site_anisotrop.pdbx_label_alt_id 
_atom_site_anisotrop.pdbx_label_comp_id 
_atom_site_anisotrop.pdbx_label_asym_id 
_atom_site_anisotrop.pdbx_label_seq_id 
_atom_site_anisotrop.pdbx_PDB_ins_code 
_atom_site_anisotrop.U[1][1] 
_atom_site_anisotrop.U[2][2] 
_atom_site_anisotrop.U[3][3] 
_atom_site_anisotrop.U[1][2] 
_atom_site_anisotrop.U[1][3] 
_atom_site_anisotrop.U[2][3] 
_atom_site_anisotrop.pdbx_auth_seq_id 
_atom_site_anisotrop.pdbx_auth_comp_id 
_atom_site_anisotrop.pdbx_auth_asym_id 
_atom_site_anisotrop.pdbx_auth_atom_id 
1   N N   . HIS A 3   ? 1.0835 1.1516 1.1828 -0.4005 0.2222  -0.4830 1796 HIS A N   
2   C CA  . HIS A 3   ? 1.1419 1.1907 1.2131 -0.4035 0.2006  -0.4609 1796 HIS A CA  
3   C C   . HIS A 3   ? 1.2155 1.2194 1.2046 -0.4224 0.2029  -0.4309 1796 HIS A C   
4   O O   . HIS A 3   ? 1.2295 1.2044 1.1822 -0.4092 0.1771  -0.4052 1796 HIS A O   
5   C CB  . HIS A 3   ? 1.2769 1.3541 1.3875 -0.4253 0.2121  -0.4798 1796 HIS A CB  
6   C CG  . HIS A 3   ? 1.3262 1.3863 1.4151 -0.4263 0.1905  -0.4586 1796 HIS A CG  
7   N ND1 . HIS A 3   ? 1.2859 1.3423 1.3865 -0.3970 0.1555  -0.4495 1796 HIS A ND1 
8   C CD2 . HIS A 3   ? 1.3320 1.3796 1.3922 -0.4513 0.1997  -0.4452 1796 HIS A CD2 
9   C CE1 . HIS A 3   ? 1.2817 1.3225 1.3607 -0.4072 0.1446  -0.4349 1796 HIS A CE1 
10  N NE2 . HIS A 3   ? 1.3130 1.3474 1.3678 -0.4382 0.1703  -0.4300 1796 HIS A NE2 
11  N N   . SER A 4   ? 1.3483 1.3486 1.3092 -0.4499 0.2333  -0.4320 1797 SER A N   
12  C CA  . SER A 4   ? 1.3877 1.3478 1.2715 -0.4663 0.2348  -0.4009 1797 SER A CA  
13  C C   . SER A 4   ? 1.3223 1.2549 1.1710 -0.4447 0.2155  -0.3815 1797 SER A C   
14  O O   . SER A 4   ? 1.2698 1.1686 1.0651 -0.4452 0.1999  -0.3515 1797 SER A O   
15  C CB  . SER A 4   ? 1.3675 1.3308 1.2275 -0.4997 0.2717  -0.4090 1797 SER A CB  
16  O OG  . SER A 4   ? 1.3853 1.3630 1.2618 -0.4960 0.2893  -0.4287 1797 SER A OG  
17  N N   . ASP A 5   ? 1.3321 1.2786 1.2127 -0.4244 0.2155  -0.3985 1798 ASP A N   
18  C CA  . ASP A 5   ? 1.2142 1.1361 1.0662 -0.4021 0.1972  -0.3815 1798 ASP A CA  
19  C C   . ASP A 5   ? 1.1117 1.0138 0.9491 -0.3814 0.1630  -0.3593 1798 ASP A C   
20  O O   . ASP A 5   ? 1.2191 1.0898 1.0042 -0.3813 0.1507  -0.3308 1798 ASP A O   
21  C CB  . ASP A 5   ? 1.0924 1.0349 0.9913 -0.3799 0.2011  -0.4047 1798 ASP A CB  
22  C CG  . ASP A 5   ? 1.0615 1.0034 0.9453 -0.3944 0.2287  -0.4146 1798 ASP A CG  
23  O OD1 . ASP A 5   ? 1.0992 1.0335 0.9447 -0.4237 0.2485  -0.4070 1798 ASP A OD1 
24  O OD2 . ASP A 5   ? 1.0190 0.9677 0.9294 -0.3761 0.2306  -0.4291 1798 ASP A OD2 
25  N N   . LEU A 6   ? 0.9300 0.8536 0.8159 -0.3610 0.1469  -0.3679 1799 LEU A N   
26  C CA  . LEU A 6   ? 0.9766 0.8836 0.8496 -0.3387 0.1151  -0.3466 1799 LEU A CA  
27  C C   . LEU A 6   ? 1.0984 0.9859 0.9373 -0.3590 0.1095  -0.3308 1799 LEU A C   
28  O O   . LEU A 6   ? 1.1259 0.9904 0.9378 -0.3456 0.0862  -0.3093 1799 LEU A O   
29  C CB  . LEU A 6   ? 0.9596 0.8947 0.8915 -0.3103 0.0977  -0.3600 1799 LEU A CB  
30  C CG  . LEU A 6   ? 0.9102 0.8565 0.8726 -0.2813 0.0924  -0.3686 1799 LEU A CG  
31  C CD1 . LEU A 6   ? 0.9157 0.8907 0.9365 -0.2559 0.0737  -0.3820 1799 LEU A CD1 
32  C CD2 . LEU A 6   ? 0.8191 0.7332 0.7370 -0.2643 0.0772  -0.3443 1799 LEU A CD2 
33  N N   . THR A 7   ? 1.1216 1.0183 0.9639 -0.3886 0.1303  -0.3398 1800 THR A N   
34  C CA  . THR A 7   ? 1.0798 0.9553 0.8884 -0.4044 0.1251  -0.3190 1800 THR A CA  
35  C C   . THR A 7   ? 1.0284 0.8670 0.7720 -0.4119 0.1234  -0.2900 1800 THR A C   
36  O O   . THR A 7   ? 0.9320 0.7450 0.6465 -0.4057 0.1032  -0.2671 1800 THR A O   
37  C CB  . THR A 7   ? 1.0382 0.9321 0.8642 -0.4333 0.1496  -0.3328 1800 THR A CB  
38  O OG1 . THR A 7   ? 1.1304 1.0563 1.0166 -0.4253 0.1440  -0.3549 1800 THR A OG1 
39  C CG2 . THR A 7   ? 0.9703 0.8338 0.7466 -0.4550 0.1503  -0.3083 1800 THR A CG2 
40  N N   . PHE A 8   ? 1.0086 0.8449 0.7307 -0.4248 0.1437  -0.2916 1801 PHE A N   
41  C CA  . PHE A 8   ? 1.0716 0.8753 0.7357 -0.4283 0.1384  -0.2650 1801 PHE A CA  
42  C C   . PHE A 8   ? 1.0746 0.8648 0.7327 -0.3977 0.1121  -0.2515 1801 PHE A C   
43  O O   . PHE A 8   ? 1.1051 0.8682 0.7255 -0.3940 0.0960  -0.2263 1801 PHE A O   
44  C CB  . PHE A 8   ? 1.1993 1.0041 0.8415 -0.4468 0.1639  -0.2705 1801 PHE A CB  
45  C CG  . PHE A 8   ? 1.3836 1.1555 0.9643 -0.4552 0.1585  -0.2431 1801 PHE A CG  
46  C CD1 . PHE A 8   ? 1.3410 1.0903 0.8802 -0.4784 0.1594  -0.2255 1801 PHE A CD1 
47  C CD2 . PHE A 8   ? 1.5185 1.2809 1.0840 -0.4391 0.1499  -0.2341 1801 PHE A CD2 
48  C CE1 . PHE A 8   ? 1.3419 1.0606 0.8258 -0.4861 0.1516  -0.2005 1801 PHE A CE1 
49  C CE2 . PHE A 8   ? 1.5628 1.2974 1.0761 -0.4468 0.1431  -0.2093 1801 PHE A CE2 
50  C CZ  . PHE A 8   ? 1.4479 1.1605 0.9204 -0.4701 0.1431  -0.1926 1801 PHE A CZ  
51  N N   . CYS A 9   ? 1.0138 0.8220 0.7087 -0.3756 0.1079  -0.2683 1802 CYS A N   
52  C CA  . CYS A 9   ? 0.9865 0.7809 0.6737 -0.3474 0.0839  -0.2557 1802 CYS A CA  
53  C C   . CYS A 9   ? 1.0595 0.8407 0.7397 -0.3378 0.0600  -0.2404 1802 CYS A C   
54  O O   . CYS A 9   ? 1.0782 0.8377 0.7302 -0.3250 0.0429  -0.2194 1802 CYS A O   
55  C CB  . CYS A 9   ? 1.0388 0.8534 0.7680 -0.3256 0.0816  -0.2769 1802 CYS A CB  
56  S SG  . CYS A 9   ? 1.1422 0.9673 0.8801 -0.3299 0.1065  -0.2944 1802 CYS A SG  
57  N N   . GLU A 10  ? 1.0425 0.8380 0.7503 -0.3443 0.0595  -0.2517 1803 GLU A N   
58  C CA  . GLU A 10  ? 0.9825 0.7655 0.6847 -0.3372 0.0385  -0.2391 1803 GLU A CA  
59  C C   . GLU A 10  ? 1.0004 0.7544 0.6572 -0.3527 0.0376  -0.2140 1803 GLU A C   
60  O O   . GLU A 10  ? 1.1211 0.8550 0.7591 -0.3405 0.0179  -0.1960 1803 GLU A O   
61  C CB  . GLU A 10  ? 1.0015 0.8086 0.7466 -0.3424 0.0397  -0.2588 1803 GLU A CB  
62  C CG  . GLU A 10  ? 1.0652 0.8594 0.8048 -0.3397 0.0215  -0.2475 1803 GLU A CG  
63  C CD  . GLU A 10  ? 1.1044 0.8864 0.8353 -0.3119 -0.0044 -0.2371 1803 GLU A CD  
64  O OE1 . GLU A 10  ? 1.0547 0.8546 0.8118 -0.2890 -0.0118 -0.2469 1803 GLU A OE1 
65  O OE2 . GLU A 10  ? 1.1665 0.9233 0.8678 -0.3090 -0.0168 -0.2162 1803 GLU A OE2 
66  N N   . ILE A 11  ? 0.9228 0.6741 0.5613 -0.3798 0.0589  -0.2133 1804 ILE A N   
67  C CA  . ILE A 11  ? 1.0270 0.7490 0.6203 -0.3971 0.0577  -0.1903 1804 ILE A CA  
68  C C   . ILE A 11  ? 0.9676 0.6669 0.5258 -0.3846 0.0445  -0.1691 1804 ILE A C   
69  O O   . ILE A 11  ? 1.0634 0.7394 0.5994 -0.3787 0.0267  -0.1493 1804 ILE A O   
70  C CB  . ILE A 11  ? 1.0678 0.7914 0.6435 -0.4297 0.0848  -0.1951 1804 ILE A CB  
71  C CG1 . ILE A 11  ? 1.0234 0.7681 0.6328 -0.4451 0.0990  -0.2141 1804 ILE A CG1 
72  C CG2 . ILE A 11  ? 1.0203 0.7089 0.5400 -0.4471 0.0818  -0.1693 1804 ILE A CG2 
73  C CD1 . ILE A 11  ? 1.0330 0.7808 0.6247 -0.4778 0.1283  -0.2206 1804 ILE A CD1 
74  N N   . ILE A 12  ? 0.9373 0.6450 0.4945 -0.3789 0.0529  -0.1745 1805 ILE A N   
75  C CA  . ILE A 12  ? 0.9869 0.6768 0.5141 -0.3689 0.0431  -0.1563 1805 ILE A CA  
76  C C   . ILE A 12  ? 0.9359 0.6227 0.4756 -0.3388 0.0196  -0.1498 1805 ILE A C   
77  O O   . ILE A 12  ? 1.0147 0.6821 0.5313 -0.3309 0.0051  -0.1302 1805 ILE A O   
78  C CB  . ILE A 12  ? 1.0350 0.7357 0.5602 -0.3729 0.0609  -0.1660 1805 ILE A CB  
79  C CG1 . ILE A 12  ? 1.0814 0.7634 0.5719 -0.3697 0.0538  -0.1463 1805 ILE A CG1 
80  C CG2 . ILE A 12  ? 1.0101 0.7346 0.5774 -0.3529 0.0627  -0.1873 1805 ILE A CG2 
81  C CD1 . ILE A 12  ? 1.1873 0.8773 0.6707 -0.3794 0.0733  -0.1550 1805 ILE A CD1 
82  N N   . LEU A 13  ? 0.8805 0.5864 0.4570 -0.3220 0.0158  -0.1667 1806 LEU A N   
83  C CA  . LEU A 13  ? 0.8955 0.5978 0.4801 -0.2950 -0.0057 -0.1610 1806 LEU A CA  
84  C C   . LEU A 13  ? 0.9569 0.6433 0.5316 -0.2936 -0.0216 -0.1471 1806 LEU A C   
85  O O   . LEU A 13  ? 0.8523 0.5245 0.4131 -0.2789 -0.0366 -0.1320 1806 LEU A O   
86  C CB  . LEU A 13  ? 0.8800 0.6035 0.5021 -0.2801 -0.0084 -0.1823 1806 LEU A CB  
87  C CG  . LEU A 13  ? 0.8746 0.5922 0.4981 -0.2527 -0.0298 -0.1761 1806 LEU A CG  
88  C CD1 . LEU A 13  ? 0.9473 0.6504 0.5454 -0.2427 -0.0330 -0.1594 1806 LEU A CD1 
89  C CD2 . LEU A 13  ? 0.9066 0.6443 0.5642 -0.2357 -0.0336 -0.1942 1806 LEU A CD2 
90  N N   . MET A 14  ? 0.9245 0.6137 0.5092 -0.3088 -0.0178 -0.1534 1807 MET A N   
91  C CA  . MET A 14  ? 0.9518 0.6234 0.5272 -0.3093 -0.0318 -0.1409 1807 MET A CA  
92  C C   . MET A 14  ? 0.9014 0.5455 0.4374 -0.3174 -0.0357 -0.1179 1807 MET A C   
93  O O   . MET A 14  ? 0.9602 0.5879 0.4868 -0.3053 -0.0527 -0.1046 1807 MET A O   
94  C CB  . MET A 14  ? 1.0824 0.7610 0.6748 -0.3276 -0.0245 -0.1518 1807 MET A CB  
95  C CG  . MET A 14  ? 1.1220 0.7758 0.6958 -0.3388 -0.0322 -0.1369 1807 MET A CG  
96  S SD  . MET A 14  ? 1.3153 0.9434 0.8466 -0.3710 -0.0196 -0.1206 1807 MET A SD  
97  C CE  . MET A 14  ? 1.4225 1.0771 0.9727 -0.3949 0.0089  -0.1425 1807 MET A CE  
98  N N   . GLU A 15  ? 0.9228 0.5618 0.4352 -0.3377 -0.0207 -0.1138 1808 GLU A N   
99  C CA  . GLU A 15  ? 0.9793 0.5909 0.4516 -0.3470 -0.0265 -0.0920 1808 GLU A CA  
100 C C   . GLU A 15  ? 0.9261 0.5333 0.3911 -0.3264 -0.0384 -0.0814 1808 GLU A C   
101 O O   . GLU A 15  ? 0.9354 0.5209 0.3797 -0.3237 -0.0528 -0.0640 1808 GLU A O   
102 C CB  . GLU A 15  ? 1.0008 0.6087 0.4463 -0.3753 -0.0069 -0.0914 1808 GLU A CB  
103 C CG  . GLU A 15  ? 1.0797 0.6827 0.5195 -0.4011 0.0043  -0.0951 1808 GLU A CG  
104 C CD  . GLU A 15  ? 1.1628 0.7598 0.5690 -0.4307 0.0246  -0.0938 1808 GLU A CD  
105 O OE1 . GLU A 15  ? 1.1756 0.7740 0.5658 -0.4307 0.0300  -0.0916 1808 GLU A OE1 
106 O OE2 . GLU A 15  ? 1.2068 0.7984 0.6026 -0.4545 0.0363  -0.0958 1808 GLU A OE2 
107 N N   . MET A 16  ? 0.9002 0.5271 0.3843 -0.3111 -0.0337 -0.0923 1809 MET A N   
108 C CA  . MET A 16  ? 0.8809 0.5052 0.3622 -0.2910 -0.0439 -0.0835 1809 MET A CA  
109 C C   . MET A 16  ? 0.8620 0.4837 0.3575 -0.2688 -0.0620 -0.0804 1809 MET A C   
110 O O   . MET A 16  ? 0.9988 0.6084 0.4841 -0.2587 -0.0741 -0.0671 1809 MET A O   
111 C CB  . MET A 16  ? 0.8678 0.5111 0.3641 -0.2823 -0.0328 -0.0961 1809 MET A CB  
112 C CG  . MET A 16  ? 0.8945 0.5404 0.3760 -0.3018 -0.0146 -0.0992 1809 MET A CG  
113 S SD  . MET A 16  ? 0.8975 0.5582 0.3931 -0.2873 -0.0063 -0.1097 1809 MET A SD  
114 C CE  . MET A 16  ? 1.0099 0.6923 0.5427 -0.2810 0.0009  -0.1352 1809 MET A CE  
115 N N   . GLU A 17  ? 0.8509 0.4851 0.3714 -0.2613 -0.0639 -0.0938 1810 GLU A N   
116 C CA  . GLU A 17  ? 0.9193 0.5519 0.4521 -0.2414 -0.0801 -0.0926 1810 GLU A CA  
117 C C   . GLU A 17  ? 0.8903 0.5003 0.4080 -0.2456 -0.0921 -0.0782 1810 GLU A C   
118 O O   . GLU A 17  ? 0.8420 0.4454 0.3604 -0.2290 -0.1049 -0.0718 1810 GLU A O   
119 C CB  . GLU A 17  ? 0.9078 0.5567 0.4678 -0.2374 -0.0806 -0.1102 1810 GLU A CB  
120 C CG  . GLU A 17  ? 0.8385 0.5074 0.4163 -0.2280 -0.0744 -0.1256 1810 GLU A CG  
121 C CD  . GLU A 17  ? 0.8113 0.4966 0.4165 -0.2278 -0.0755 -0.1443 1810 GLU A CD  
122 O OE1 . GLU A 17  ? 0.8255 0.5124 0.4373 -0.2459 -0.0695 -0.1494 1810 GLU A OE1 
123 O OE2 . GLU A 17  ? 0.9588 0.6547 0.5785 -0.2104 -0.0828 -0.1540 1810 GLU A OE2 
124 N N   . SER A 18  ? 0.8795 0.4757 0.3812 -0.2683 -0.0876 -0.0729 1811 SER A N   
125 C CA  . SER A 18  ? 0.9006 0.4712 0.3869 -0.2738 -0.1001 -0.0595 1811 SER A CA  
126 C C   . SER A 18  ? 0.9317 0.4807 0.3867 -0.2815 -0.1052 -0.0414 1811 SER A C   
127 O O   . SER A 18  ? 0.9443 0.4679 0.3829 -0.2879 -0.1173 -0.0290 1811 SER A O   
128 C CB  . SER A 18  ? 0.9864 0.5508 0.4729 -0.2945 -0.0945 -0.0636 1811 SER A CB  
129 O OG  . SER A 18  ? 1.1185 0.6801 0.5845 -0.3186 -0.0792 -0.0614 1811 SER A OG  
130 N N   . HIS A 19  ? 1.0025 0.5602 0.4494 -0.2818 -0.0970 -0.0399 1812 HIS A N   
131 C CA  . HIS A 19  ? 0.9467 0.4866 0.3655 -0.2891 -0.1023 -0.0239 1812 HIS A CA  
132 C C   . HIS A 19  ? 0.9567 0.4874 0.3795 -0.2697 -0.1207 -0.0149 1812 HIS A C   
133 O O   . HIS A 19  ? 0.8905 0.4356 0.3368 -0.2482 -0.1236 -0.0224 1812 HIS A O   
134 C CB  . HIS A 19  ? 0.9232 0.4782 0.3376 -0.2933 -0.0876 -0.0276 1812 HIS A CB  
135 C CG  . HIS A 19  ? 0.9502 0.4878 0.3329 -0.3087 -0.0894 -0.0130 1812 HIS A CG  
136 N ND1 . HIS A 19  ? 0.9501 0.4757 0.3262 -0.2993 -0.1050 -0.0003 1812 HIS A ND1 
137 C CD2 . HIS A 19  ? 0.9807 0.5109 0.3364 -0.3337 -0.0782 -0.0098 1812 HIS A CD2 
138 C CE1 . HIS A 19  ? 0.9785 0.4900 0.3268 -0.3169 -0.1050 0.0106  1812 HIS A CE1 
139 N NE2 . HIS A 19  ? 0.9988 0.5116 0.3317 -0.3385 -0.0886 0.0056  1812 HIS A NE2 
140 N N   . ASP A 20  ? 0.9840 0.4889 0.3828 -0.2782 -0.1339 0.0009  1813 ASP A N   
141 C CA  . ASP A 20  ? 1.0775 0.5736 0.4808 -0.2615 -0.1513 0.0086  1813 ASP A CA  
142 C C   . ASP A 20  ? 1.0994 0.6175 0.5179 -0.2454 -0.1456 0.0038  1813 ASP A C   
143 O O   . ASP A 20  ? 1.0844 0.6080 0.5202 -0.2258 -0.1536 0.0012  1813 ASP A O   
144 C CB  . ASP A 20  ? 1.1621 0.6281 0.5362 -0.2748 -0.1669 0.0262  1813 ASP A CB  
145 C CG  . ASP A 20  ? 1.1303 0.5678 0.4916 -0.2849 -0.1796 0.0331  1813 ASP A CG  
146 O OD1 . ASP A 20  ? 1.0773 0.5202 0.4571 -0.2795 -0.1767 0.0233  1813 ASP A OD1 
147 O OD2 . ASP A 20  ? 1.1913 0.5997 0.5251 -0.2977 -0.1942 0.0486  1813 ASP A OD2 
148 N N   . ALA A 21  ? 1.0149 0.5452 0.4274 -0.2542 -0.1310 0.0017  1814 ALA A N   
149 C CA  . ALA A 21  ? 0.9870 0.5348 0.4113 -0.2421 -0.1254 -0.0018 1814 ALA A CA  
150 C C   . ALA A 21  ? 0.8513 0.4222 0.2987 -0.2282 -0.1136 -0.0165 1814 ALA A C   
151 O O   . ALA A 21  ? 0.8343 0.4184 0.2894 -0.2207 -0.1063 -0.0204 1814 ALA A O   
152 C CB  . ALA A 21  ? 0.9104 0.4578 0.3169 -0.2585 -0.1164 0.0027  1814 ALA A CB  
153 N N   . ALA A 22  ? 0.9422 0.5165 0.4003 -0.2254 -0.1129 -0.0247 1815 ALA A N   
154 C CA  . ALA A 22  ? 0.8249 0.4195 0.3031 -0.2144 -0.1037 -0.0390 1815 ALA A CA  
155 C C   . ALA A 22  ? 0.8973 0.4987 0.3911 -0.1914 -0.1107 -0.0416 1815 ALA A C   
156 O O   . ALA A 22  ? 1.1010 0.7166 0.6070 -0.1808 -0.1046 -0.0510 1815 ALA A O   
157 C CB  . ALA A 22  ? 0.8315 0.4284 0.3169 -0.2213 -0.1010 -0.0480 1815 ALA A CB  
158 N N   . TRP A 23  ? 0.8053 0.3952 0.2971 -0.1842 -0.1236 -0.0340 1816 TRP A N   
159 C CA  . TRP A 23  ? 0.7895 0.3841 0.2943 -0.1646 -0.1301 -0.0378 1816 TRP A CA  
160 C C   . TRP A 23  ? 0.8122 0.4209 0.3237 -0.1522 -0.1226 -0.0422 1816 TRP A C   
161 O O   . TRP A 23  ? 0.8834 0.4988 0.4045 -0.1376 -0.1242 -0.0484 1816 TRP A O   
162 C CB  . TRP A 23  ? 0.7990 0.3785 0.2993 -0.1612 -0.1441 -0.0296 1816 TRP A CB  
163 C CG  . TRP A 23  ? 0.8053 0.3794 0.2952 -0.1670 -0.1459 -0.0203 1816 TRP A CG  
164 C CD1 . TRP A 23  ? 0.9023 0.4630 0.3757 -0.1834 -0.1498 -0.0105 1816 TRP A CD1 
165 C CD2 . TRP A 23  ? 0.8250 0.4070 0.3195 -0.1575 -0.1446 -0.0203 1816 TRP A CD2 
166 N NE1 . TRP A 23  ? 0.8274 0.3886 0.2968 -0.1837 -0.1520 -0.0047 1816 TRP A NE1 
167 C CE2 . TRP A 23  ? 0.8055 0.3804 0.2887 -0.1683 -0.1483 -0.0112 1816 TRP A CE2 
168 C CE3 . TRP A 23  ? 0.8429 0.4367 0.3480 -0.1421 -0.1404 -0.0272 1816 TRP A CE3 
169 C CZ2 . TRP A 23  ? 0.8940 0.4748 0.3794 -0.1639 -0.1483 -0.0099 1816 TRP A CZ2 
170 C CZ3 . TRP A 23  ? 0.8991 0.4968 0.4039 -0.1389 -0.1392 -0.0253 1816 TRP A CZ3 
171 C CH2 . TRP A 23  ? 0.9341 0.5263 0.4308 -0.1497 -0.1432 -0.0174 1816 TRP A CH2 
172 N N   . PRO A 24  ? 0.7687 0.3807 0.2745 -0.1576 -0.1147 -0.0392 1817 PRO A N   
173 C CA  . PRO A 24  ? 0.7541 0.3760 0.2653 -0.1461 -0.1080 -0.0436 1817 PRO A CA  
174 C C   . PRO A 24  ? 0.7490 0.3803 0.2664 -0.1435 -0.1002 -0.0537 1817 PRO A C   
175 O O   . PRO A 24  ? 0.7410 0.3768 0.2615 -0.1320 -0.0973 -0.0576 1817 PRO A O   
176 C CB  . PRO A 24  ? 0.7574 0.3780 0.2604 -0.1549 -0.1027 -0.0381 1817 PRO A CB  
177 C CG  . PRO A 24  ? 0.8449 0.4543 0.3381 -0.1671 -0.1106 -0.0290 1817 PRO A CG  
178 C CD  . PRO A 24  ? 0.8394 0.4440 0.3316 -0.1731 -0.1133 -0.0309 1817 PRO A CD  
179 N N   . PHE A 25  ? 0.7566 0.3894 0.2751 -0.1541 -0.0975 -0.0585 1818 PHE A N   
180 C CA  . PHE A 25  ? 0.8640 0.5060 0.3890 -0.1551 -0.0892 -0.0699 1818 PHE A CA  
181 C C   . PHE A 25  ? 0.7555 0.4027 0.2917 -0.1514 -0.0943 -0.0793 1818 PHE A C   
182 O O   . PHE A 25  ? 0.7567 0.4120 0.3009 -0.1530 -0.0892 -0.0910 1818 PHE A O   
183 C CB  . PHE A 25  ? 0.8473 0.4898 0.3653 -0.1738 -0.0779 -0.0711 1818 PHE A CB  
184 C CG  . PHE A 25  ? 0.7689 0.4061 0.2751 -0.1793 -0.0749 -0.0615 1818 PHE A CG  
185 C CD1 . PHE A 25  ? 0.7604 0.3998 0.2678 -0.1705 -0.0710 -0.0622 1818 PHE A CD1 
186 C CD2 . PHE A 25  ? 0.7998 0.4279 0.2929 -0.1935 -0.0773 -0.0516 1818 PHE A CD2 
187 C CE1 . PHE A 25  ? 0.7632 0.3988 0.2620 -0.1761 -0.0687 -0.0549 1818 PHE A CE1 
188 C CE2 . PHE A 25  ? 0.7869 0.4107 0.2701 -0.1983 -0.0767 -0.0436 1818 PHE A CE2 
189 C CZ  . PHE A 25  ? 0.7915 0.4205 0.2793 -0.1896 -0.0721 -0.0460 1818 PHE A CZ  
190 N N   . LEU A 26  ? 0.7658 0.4085 0.3041 -0.1470 -0.1047 -0.0760 1819 LEU A N   
191 C CA  . LEU A 26  ? 0.8655 0.5134 0.4154 -0.1447 -0.1101 -0.0855 1819 LEU A CA  
192 C C   . LEU A 26  ? 0.8010 0.4576 0.3591 -0.1274 -0.1141 -0.0938 1819 LEU A C   
193 O O   . LEU A 26  ? 0.9050 0.5700 0.4741 -0.1269 -0.1160 -0.1057 1819 LEU A O   
194 C CB  . LEU A 26  ? 0.9458 0.5841 0.4951 -0.1451 -0.1199 -0.0802 1819 LEU A CB  
195 C CG  . LEU A 26  ? 0.8321 0.4561 0.3692 -0.1623 -0.1199 -0.0706 1819 LEU A CG  
196 C CD1 . LEU A 26  ? 0.8707 0.4817 0.4076 -0.1592 -0.1320 -0.0662 1819 LEU A CD1 
197 C CD2 . LEU A 26  ? 0.7909 0.4176 0.3287 -0.1806 -0.1119 -0.0765 1819 LEU A CD2 
198 N N   . GLU A 27  ? 0.8410 0.4951 0.3930 -0.1139 -0.1161 -0.0882 1820 GLU A N   
199 C CA  A GLU A 27  ? 0.8591 0.5173 0.4125 -0.0979 -0.1204 -0.0935 1820 GLU A CA  
200 C CA  B GLU A 27  ? 0.8575 0.5159 0.4110 -0.0982 -0.1203 -0.0937 1820 GLU A CA  
201 C C   . GLU A 27  ? 0.8213 0.4754 0.3649 -0.0929 -0.1140 -0.0893 1820 GLU A C   
202 O O   . GLU A 27  ? 0.7764 0.4255 0.3133 -0.0984 -0.1081 -0.0810 1820 GLU A O   
203 C CB  A GLU A 27  ? 0.8688 0.5262 0.4220 -0.0860 -0.1291 -0.0914 1820 GLU A CB  
204 C CB  B GLU A 27  ? 0.8653 0.5232 0.4191 -0.0861 -0.1293 -0.0922 1820 GLU A CB  
205 C CG  A GLU A 27  ? 0.8872 0.5366 0.4354 -0.0883 -0.1293 -0.0821 1820 GLU A CG  
206 C CG  B GLU A 27  ? 0.8232 0.4843 0.3876 -0.0901 -0.1366 -0.0984 1820 GLU A CG  
207 C CD  A GLU A 27  ? 0.8242 0.4724 0.3691 -0.0746 -0.1338 -0.0814 1820 GLU A CD  
208 C CD  B GLU A 27  ? 0.7481 0.4193 0.3239 -0.0905 -0.1402 -0.1113 1820 GLU A CD  
209 O OE1 A GLU A 27  ? 0.7740 0.4170 0.3118 -0.0722 -0.1307 -0.0751 1820 GLU A OE1 
210 O OE1 B GLU A 27  ? 0.7497 0.4247 0.3240 -0.0805 -0.1426 -0.1157 1820 GLU A OE1 
211 O OE2 A GLU A 27  ? 0.7420 0.3951 0.2911 -0.0672 -0.1401 -0.0882 1820 GLU A OE2 
212 O OE2 B GLU A 27  ? 0.7523 0.4262 0.3383 -0.1014 -0.1416 -0.1174 1820 GLU A OE2 
213 N N   . PRO A 28  ? 0.8501 0.5042 0.3917 -0.0826 -0.1162 -0.0952 1821 PRO A N   
214 C CA  . PRO A 28  ? 0.7484 0.3940 0.2785 -0.0779 -0.1102 -0.0915 1821 PRO A CA  
215 C C   . PRO A 28  ? 0.7443 0.3845 0.2648 -0.0742 -0.1079 -0.0802 1821 PRO A C   
216 O O   . PRO A 28  ? 1.0069 0.6484 0.5272 -0.0676 -0.1135 -0.0774 1821 PRO A O   
217 C CB  . PRO A 28  ? 0.7599 0.4022 0.2862 -0.0636 -0.1189 -0.0979 1821 PRO A CB  
218 C CG  . PRO A 28  ? 0.7610 0.4136 0.3025 -0.0658 -0.1265 -0.1094 1821 PRO A CG  
219 C CD  . PRO A 28  ? 0.8365 0.4963 0.3856 -0.0743 -0.1261 -0.1057 1821 PRO A CD  
220 N N   . VAL A 29  ? 0.7443 0.3784 0.2578 -0.0794 -0.0991 -0.0754 1822 VAL A N   
221 C CA  . VAL A 29  ? 0.7569 0.3861 0.2624 -0.0763 -0.0967 -0.0669 1822 VAL A CA  
222 C C   . VAL A 29  ? 0.8781 0.5009 0.3727 -0.0619 -0.1001 -0.0662 1822 VAL A C   
223 O O   . VAL A 29  ? 0.9398 0.5550 0.4262 -0.0556 -0.1012 -0.0691 1822 VAL A O   
224 C CB  . VAL A 29  ? 0.7432 0.3670 0.2435 -0.0851 -0.0868 -0.0636 1822 VAL A CB  
225 C CG1 . VAL A 29  ? 0.7445 0.3626 0.2362 -0.0819 -0.0840 -0.0570 1822 VAL A CG1 
226 C CG2 . VAL A 29  ? 0.7376 0.3672 0.2449 -0.1000 -0.0840 -0.0627 1822 VAL A CG2 
227 N N   . ASN A 30  ? 0.8573 0.4813 0.3496 -0.0568 -0.1023 -0.0627 1823 ASN A N   
228 C CA  . ASN A 30  ? 0.8253 0.4436 0.3043 -0.0449 -0.1040 -0.0612 1823 ASN A CA  
229 C C   . ASN A 30  ? 0.8721 0.4797 0.3369 -0.0460 -0.0949 -0.0553 1823 ASN A C   
230 O O   . ASN A 30  ? 0.7663 0.3758 0.2320 -0.0498 -0.0907 -0.0531 1823 ASN A O   
231 C CB  . ASN A 30  ? 0.8455 0.4706 0.3282 -0.0398 -0.1096 -0.0633 1823 ASN A CB  
232 C CG  . ASN A 30  ? 0.9410 0.5616 0.4086 -0.0284 -0.1120 -0.0630 1823 ASN A CG  
233 O OD1 . ASN A 30  ? 1.1137 0.7232 0.5651 -0.0243 -0.1092 -0.0589 1823 ASN A OD1 
234 N ND2 . ASN A 30  ? 1.0465 0.6741 0.5174 -0.0239 -0.1176 -0.0675 1823 ASN A ND2 
235 N N   . PRO A 31  ? 0.9052 0.4996 0.3556 -0.0426 -0.0922 -0.0535 1824 PRO A N   
236 C CA  . PRO A 31  ? 0.8744 0.4562 0.3107 -0.0461 -0.0820 -0.0482 1824 PRO A CA  
237 C C   . PRO A 31  ? 0.8134 0.3928 0.2383 -0.0423 -0.0785 -0.0446 1824 PRO A C   
238 O O   . PRO A 31  ? 0.9781 0.5517 0.3957 -0.0484 -0.0691 -0.0417 1824 PRO A O   
239 C CB  . PRO A 31  ? 0.8155 0.3791 0.2355 -0.0409 -0.0827 -0.0478 1824 PRO A CB  
240 C CG  . PRO A 31  ? 0.8221 0.3885 0.2418 -0.0297 -0.0953 -0.0510 1824 PRO A CG  
241 C CD  . PRO A 31  ? 0.7991 0.3866 0.2428 -0.0342 -0.0998 -0.0567 1824 PRO A CD  
242 N N   . ARG A 32  ? 0.8081 0.3930 0.2315 -0.0340 -0.0849 -0.0462 1825 ARG A N   
243 C CA  . ARG A 32  ? 0.9761 0.5599 0.3881 -0.0318 -0.0799 -0.0451 1825 ARG A CA  
244 C C   . ARG A 32  ? 1.0361 0.6301 0.4605 -0.0390 -0.0760 -0.0485 1825 ARG A C   
245 O O   . ARG A 32  ? 1.1284 0.7193 0.5426 -0.0410 -0.0678 -0.0486 1825 ARG A O   
246 C CB  . ARG A 32  ? 0.8513 0.4395 0.2584 -0.0222 -0.0879 -0.0477 1825 ARG A CB  
247 C CG  . ARG A 32  ? 0.8522 0.4274 0.2400 -0.0135 -0.0934 -0.0433 1825 ARG A CG  
248 C CD  . ARG A 32  ? 0.9794 0.5638 0.3694 -0.0053 -0.1049 -0.0482 1825 ARG A CD  
249 N NE  . ARG A 32  ? 0.9755 0.5473 0.3441 0.0038  -0.1124 -0.0436 1825 ARG A NE  
250 C CZ  . ARG A 32  ? 1.0642 0.6415 0.4291 0.0111  -0.1233 -0.0469 1825 ARG A CZ  
251 N NH1 . ARG A 32  ? 0.9308 0.5259 0.3122 0.0100  -0.1265 -0.0555 1825 ARG A NH1 
252 N NH2 . ARG A 32  ? 1.0274 0.5915 0.3709 0.0195  -0.1319 -0.0415 1825 ARG A NH2 
253 N N   . LEU A 33  ? 0.9016 0.5058 0.3460 -0.0435 -0.0819 -0.0515 1826 LEU A N   
254 C CA  . LEU A 33  ? 0.8349 0.4455 0.2898 -0.0495 -0.0822 -0.0544 1826 LEU A CA  
255 C C   . LEU A 33  ? 0.8565 0.4655 0.3157 -0.0602 -0.0780 -0.0514 1826 LEU A C   
256 O O   . LEU A 33  ? 0.8016 0.4127 0.2644 -0.0655 -0.0779 -0.0531 1826 LEU A O   
257 C CB  . LEU A 33  ? 0.7638 0.3830 0.2351 -0.0487 -0.0927 -0.0585 1826 LEU A CB  
258 C CG  . LEU A 33  ? 0.8714 0.4946 0.3429 -0.0399 -0.0988 -0.0640 1826 LEU A CG  
259 C CD1 . LEU A 33  ? 0.7820 0.4033 0.2422 -0.0360 -0.0939 -0.0682 1826 LEU A CD1 
260 C CD2 . LEU A 33  ? 0.9320 0.5549 0.3975 -0.0332 -0.1016 -0.0633 1826 LEU A CD2 
261 N N   . VAL A 34  ? 0.9692 0.5738 0.4271 -0.0637 -0.0752 -0.0482 1827 VAL A N   
262 C CA  . VAL A 34  ? 1.0073 0.6110 0.4691 -0.0751 -0.0711 -0.0465 1827 VAL A CA  
263 C C   . VAL A 34  ? 1.0507 0.6414 0.4964 -0.0769 -0.0606 -0.0440 1827 VAL A C   
264 O O   . VAL A 34  ? 1.0799 0.6613 0.5181 -0.0742 -0.0587 -0.0430 1827 VAL A O   
265 C CB  . VAL A 34  ? 0.9033 0.5116 0.3761 -0.0802 -0.0749 -0.0469 1827 VAL A CB  
266 C CG1 . VAL A 34  ? 0.7866 0.3954 0.2624 -0.0928 -0.0708 -0.0454 1827 VAL A CG1 
267 C CG2 . VAL A 34  ? 0.9329 0.5502 0.4182 -0.0787 -0.0846 -0.0486 1827 VAL A CG2 
268 N N   . SER A 35  ? 1.0141 0.6024 0.4532 -0.0816 -0.0543 -0.0441 1828 SER A N   
269 C CA  . SER A 35  ? 1.0010 0.5749 0.4229 -0.0853 -0.0427 -0.0419 1828 SER A CA  
270 C C   . SER A 35  ? 1.0561 0.6236 0.4791 -0.0935 -0.0392 -0.0414 1828 SER A C   
271 O O   . SER A 35  ? 1.0996 0.6767 0.5361 -0.1025 -0.0418 -0.0432 1828 SER A O   
272 C CB  . SER A 35  ? 1.0831 0.6587 0.5011 -0.0923 -0.0363 -0.0446 1828 SER A CB  
273 O OG  . SER A 35  ? 1.2534 0.8176 0.6609 -0.0972 -0.0230 -0.0417 1828 SER A OG  
274 N N   . GLY A 36  ? 1.1207 0.6704 0.5277 -0.0907 -0.0335 -0.0393 1829 GLY A N   
275 C CA  . GLY A 36  ? 0.9766 0.5173 0.3829 -0.0980 -0.0284 -0.0409 1829 GLY A CA  
276 C C   . GLY A 36  ? 0.9160 0.4597 0.3311 -0.0957 -0.0345 -0.0445 1829 GLY A C   
277 O O   . GLY A 36  ? 0.9475 0.4842 0.3647 -0.1006 -0.0289 -0.0475 1829 GLY A O   
278 N N   . TYR A 37  ? 0.9179 0.3705 0.3439 -0.1882 -0.1338 0.0265  1830 TYR A N   
279 C CA  . TYR A 37  ? 1.0366 0.4984 0.4790 -0.1826 -0.1426 0.0276  1830 TYR A CA  
280 C C   . TYR A 37  ? 1.0306 0.4962 0.4695 -0.1858 -0.1623 0.0372  1830 TYR A C   
281 O O   . TYR A 37  ? 0.9958 0.4662 0.4516 -0.1771 -0.1735 0.0407  1830 TYR A O   
282 C CB  . TYR A 37  ? 0.9236 0.3930 0.3681 -0.1879 -0.1339 0.0177  1830 TYR A CB  
283 C CG  . TYR A 37  ? 0.9501 0.4290 0.4143 -0.1819 -0.1381 0.0168  1830 TYR A CG  
284 C CD1 . TYR A 37  ? 0.8053 0.2859 0.2884 -0.1713 -0.1303 0.0147  1830 TYR A CD1 
285 C CD2 . TYR A 37  ? 0.9729 0.4626 0.4379 -0.1876 -0.1499 0.0181  1830 TYR A CD2 
286 C CE1 . TYR A 37  ? 0.7934 0.2832 0.2918 -0.1690 -0.1330 0.0138  1830 TYR A CE1 
287 C CE2 . TYR A 37  ? 0.8178 0.3181 0.3008 -0.1843 -0.1524 0.0156  1830 TYR A CE2 
288 C CZ  . TYR A 37  ? 0.7999 0.2988 0.2978 -0.1761 -0.1434 0.0136  1830 TYR A CZ  
289 O OH  . TYR A 37  ? 0.7894 0.2990 0.3026 -0.1758 -0.1449 0.0112  1830 TYR A OH  
290 N N   . ARG A 38  ? 0.9900 0.4581 0.4109 -0.1975 -0.1663 0.0408  1831 ARG A N   
291 C CA  . ARG A 38  ? 0.9177 0.3948 0.3412 -0.1987 -0.1850 0.0514  1831 ARG A CA  
292 C C   . ARG A 38  ? 0.9521 0.4242 0.3900 -0.1873 -0.1962 0.0611  1831 ARG A C   
293 O O   . ARG A 38  ? 1.0482 0.5287 0.5037 -0.1793 -0.2119 0.0664  1831 ARG A O   
294 C CB  . ARG A 38  ? 0.9389 0.4185 0.3405 -0.2136 -0.1846 0.0549  1831 ARG A CB  
295 C CG  . ARG A 38  ? 0.9999 0.4912 0.4032 -0.2168 -0.2039 0.0658  1831 ARG A CG  
296 C CD  . ARG A 38  ? 1.0502 0.5420 0.4294 -0.2325 -0.2023 0.0709  1831 ARG A CD  
297 N NE  . ARG A 38  ? 1.1336 0.6282 0.4926 -0.2461 -0.1853 0.0587  1831 ARG A NE  
298 C CZ  . ARG A 38  ? 1.1805 0.6886 0.5332 -0.2551 -0.1862 0.0533  1831 ARG A CZ  
299 N NH1 . ARG A 38  ? 1.0938 0.6143 0.4573 -0.2523 -0.2040 0.0597  1831 ARG A NH1 
300 N NH2 . ARG A 38  ? 1.2389 0.7491 0.5753 -0.2669 -0.1692 0.0403  1831 ARG A NH2 
301 N N   . ARG A 39  ? 0.8722 0.3332 0.3049 -0.1865 -0.1881 0.0624  1832 ARG A N   
302 C CA  . ARG A 39  ? 0.8615 0.3220 0.3129 -0.1754 -0.1953 0.0691  1832 ARG A CA  
303 C C   . ARG A 39  ? 0.8664 0.3296 0.3424 -0.1602 -0.1958 0.0654  1832 ARG A C   
304 O O   . ARG A 39  ? 0.8965 0.3655 0.3944 -0.1498 -0.2077 0.0704  1832 ARG A O   
305 C CB  . ARG A 39  ? 0.9851 0.4390 0.4263 -0.1797 -0.1832 0.0683  1832 ARG A CB  
306 C CG  . ARG A 39  ? 1.0536 0.5113 0.5175 -0.1668 -0.1830 0.0703  1832 ARG A CG  
307 C CD  . ARG A 39  ? 1.0434 0.4963 0.4936 -0.1741 -0.1709 0.0698  1832 ARG A CD  
308 N NE  . ARG A 39  ? 1.1052 0.5510 0.5393 -0.1794 -0.1539 0.0596  1832 ARG A NE  
309 C CZ  . ARG A 39  ? 1.1537 0.6034 0.6039 -0.1678 -0.1431 0.0521  1832 ARG A CZ  
310 N NH1 . ARG A 39  ? 1.0564 0.5187 0.5374 -0.1517 -0.1466 0.0528  1832 ARG A NH1 
311 N NH2 . ARG A 39  ? 1.2005 0.6435 0.6392 -0.1721 -0.1282 0.0437  1832 ARG A NH2 
312 N N   . ILE A 40  ? 0.8669 0.3262 0.3404 -0.1591 -0.1830 0.0565  1833 ILE A N   
313 C CA  . ILE A 40  ? 0.9548 0.4235 0.4555 -0.1453 -0.1791 0.0518  1833 ILE A CA  
314 C C   . ILE A 40  ? 0.9401 0.4144 0.4522 -0.1444 -0.1880 0.0499  1833 ILE A C   
315 O O   . ILE A 40  ? 0.8165 0.3000 0.3531 -0.1342 -0.1927 0.0492  1833 ILE A O   
316 C CB  . ILE A 40  ? 0.9438 0.4181 0.4485 -0.1415 -0.1596 0.0433  1833 ILE A CB  
317 C CG1 . ILE A 40  ? 0.9995 0.4731 0.5026 -0.1397 -0.1515 0.0437  1833 ILE A CG1 
318 C CG2 . ILE A 40  ? 0.8445 0.3328 0.3755 -0.1299 -0.1551 0.0392  1833 ILE A CG2 
319 C CD1 . ILE A 40  ? 0.8732 0.3501 0.3804 -0.1365 -0.1342 0.0365  1833 ILE A CD1 
320 N N   . ILE A 41  ? 0.8903 0.3698 0.3908 -0.1539 -0.1886 0.0451  1834 ILE A N   
321 C CA  . ILE A 41  ? 0.8989 0.3953 0.4157 -0.1531 -0.1938 0.0393  1834 ILE A CA  
322 C C   . ILE A 41  ? 0.8733 0.3809 0.3914 -0.1550 -0.2126 0.0450  1834 ILE A C   
323 O O   . ILE A 41  ? 0.8245 0.3312 0.3222 -0.1657 -0.2164 0.0472  1834 ILE A O   
324 C CB  . ILE A 41  ? 0.7900 0.2896 0.3008 -0.1609 -0.1806 0.0310  1834 ILE A CB  
325 C CG1 . ILE A 41  ? 0.7729 0.2695 0.2921 -0.1544 -0.1634 0.0280  1834 ILE A CG1 
326 C CG2 . ILE A 41  ? 0.7863 0.3049 0.3111 -0.1637 -0.1871 0.0257  1834 ILE A CG2 
327 C CD1 . ILE A 41  ? 0.7521 0.2570 0.2938 -0.1447 -0.1640 0.0273  1834 ILE A CD1 
328 N N   . LYS A 42  ? 0.8558 0.3768 0.4018 -0.1443 -0.2236 0.0462  1835 LYS A N   
329 C CA  . LYS A 42  ? 0.8389 0.3704 0.3928 -0.1428 -0.2443 0.0526  1835 LYS A CA  
330 C C   . LYS A 42  ? 0.8294 0.3805 0.3866 -0.1505 -0.2497 0.0452  1835 LYS A C   
331 O O   . LYS A 42  ? 0.9349 0.4900 0.4799 -0.1575 -0.2637 0.0506  1835 LYS A O   
332 C CB  . LYS A 42  ? 0.8842 0.4237 0.4724 -0.1273 -0.2539 0.0536  1835 LYS A CB  
333 C CG  . LYS A 42  ? 0.9478 0.4685 0.5357 -0.1200 -0.2525 0.0616  1835 LYS A CG  
334 C CD  . LYS A 42  ? 0.9301 0.4321 0.4908 -0.1269 -0.2615 0.0767  1835 LYS A CD  
335 C CE  . LYS A 42  ? 0.9392 0.4224 0.4978 -0.1221 -0.2554 0.0827  1835 LYS A CE  
336 N NZ  . LYS A 42  ? 1.1430 0.6211 0.6800 -0.1336 -0.2453 0.0853  1835 LYS A NZ  
337 N N   . ASN A 43  ? 0.7927 0.3566 0.3650 -0.1506 -0.2391 0.0332  1836 ASN A N   
338 C CA  . ASN A 43  ? 0.7946 0.3790 0.3734 -0.1588 -0.2421 0.0244  1836 ASN A CA  
339 C C   . ASN A 43  ? 0.7927 0.3701 0.3551 -0.1702 -0.2239 0.0162  1836 ASN A C   
340 O O   . ASN A 43  ? 0.7772 0.3597 0.3524 -0.1693 -0.2132 0.0089  1836 ASN A O   
341 C CB  . ASN A 43  ? 0.8810 0.4913 0.4984 -0.1495 -0.2478 0.0169  1836 ASN A CB  
342 C CG  . ASN A 43  ? 0.8295 0.4451 0.4687 -0.1362 -0.2664 0.0240  1836 ASN A CG  
343 O OD1 . ASN A 43  ? 0.8311 0.4539 0.4982 -0.1239 -0.2661 0.0201  1836 ASN A OD1 
344 N ND2 . ASN A 43  ? 0.8042 0.4157 0.4305 -0.1392 -0.2836 0.0344  1836 ASN A ND2 
345 N N   . PRO A 44  ? 0.8530 0.4218 0.3932 -0.1791 -0.2163 0.0185  1837 PRO A N   
346 C CA  . PRO A 44  ? 0.8375 0.4022 0.3709 -0.1867 -0.1974 0.0116  1837 PRO A CA  
347 C C   . PRO A 44  ? 0.8011 0.3866 0.3501 -0.1927 -0.1971 0.0025  1837 PRO A C   
348 O O   . PRO A 44  ? 0.8043 0.4104 0.3654 -0.1942 -0.2115 0.0004  1837 PRO A O   
349 C CB  . PRO A 44  ? 0.8265 0.3834 0.3365 -0.1958 -0.1938 0.0133  1837 PRO A CB  
350 C CG  . PRO A 44  ? 0.8400 0.4003 0.3441 -0.1948 -0.2113 0.0226  1837 PRO A CG  
351 C CD  . PRO A 44  ? 0.8276 0.3876 0.3477 -0.1823 -0.2233 0.0279  1837 PRO A CD  
352 N N   . MET A 45  ? 0.7953 0.3757 0.3448 -0.1966 -0.1812 -0.0025 1838 MET A N   
353 C CA  . MET A 45  ? 0.7944 0.3922 0.3557 -0.2052 -0.1787 -0.0108 1838 MET A CA  
354 C C   . MET A 45  ? 0.8048 0.3875 0.3568 -0.2112 -0.1614 -0.0128 1838 MET A C   
355 O O   . MET A 45  ? 0.7949 0.3582 0.3398 -0.2051 -0.1522 -0.0086 1838 MET A O   
356 C CB  . MET A 45  ? 0.7787 0.3936 0.3624 -0.2013 -0.1831 -0.0147 1838 MET A CB  
357 C CG  . MET A 45  ? 0.7798 0.4169 0.3762 -0.2129 -0.1808 -0.0244 1838 MET A CG  
358 S SD  . MET A 45  ? 0.7952 0.4547 0.3943 -0.2223 -0.1931 -0.0297 1838 MET A SD  
359 C CE  . MET A 45  ? 0.7913 0.4667 0.4067 -0.2104 -0.2171 -0.0268 1838 MET A CE  
360 N N   . ASP A 46  ? 0.8083 0.4005 0.3617 -0.2229 -0.1581 -0.0195 1839 ASP A N   
361 C CA  . ASP A 46  ? 0.8173 0.3940 0.3631 -0.2292 -0.1439 -0.0218 1839 ASP A CA  
362 C C   . ASP A 46  ? 0.9198 0.5120 0.4736 -0.2424 -0.1425 -0.0291 1839 ASP A C   
363 O O   . ASP A 46  ? 0.9719 0.5890 0.5371 -0.2467 -0.1522 -0.0337 1839 ASP A O   
364 C CB  . ASP A 46  ? 0.8328 0.3953 0.3618 -0.2309 -0.1396 -0.0230 1839 ASP A CB  
365 C CG  . ASP A 46  ? 0.9967 0.5750 0.5216 -0.2411 -0.1469 -0.0287 1839 ASP A CG  
366 O OD1 . ASP A 46  ? 0.9824 0.5709 0.5047 -0.2384 -0.1593 -0.0252 1839 ASP A OD1 
367 O OD2 . ASP A 46  ? 1.0476 0.6280 0.5718 -0.2519 -0.1413 -0.0361 1839 ASP A OD2 
368 N N   . PHE A 47  ? 0.9567 0.5345 0.5063 -0.2487 -0.1309 -0.0304 1840 PHE A N   
369 C CA  . PHE A 47  ? 0.9564 0.5463 0.5129 -0.2627 -0.1281 -0.0362 1840 PHE A CA  
370 C C   . PHE A 47  ? 1.0092 0.6151 0.5657 -0.2728 -0.1331 -0.0446 1840 PHE A C   
371 O O   . PHE A 47  ? 0.8737 0.5020 0.4412 -0.2831 -0.1361 -0.0507 1840 PHE A O   
372 C CB  . PHE A 47  ? 0.8622 0.4294 0.4128 -0.2672 -0.1163 -0.0340 1840 PHE A CB  
373 C CG  . PHE A 47  ? 0.8437 0.4000 0.3953 -0.2597 -0.1130 -0.0255 1840 PHE A CG  
374 C CD1 . PHE A 47  ? 0.8594 0.4312 0.4193 -0.2548 -0.1186 -0.0232 1840 PHE A CD1 
375 C CD2 . PHE A 47  ? 0.9922 0.5243 0.5382 -0.2575 -0.1052 -0.0205 1840 PHE A CD2 
376 C CE1 . PHE A 47  ? 0.9230 0.4862 0.4827 -0.2494 -0.1154 -0.0161 1840 PHE A CE1 
377 C CE2 . PHE A 47  ? 1.1361 0.6601 0.6824 -0.2511 -0.1037 -0.0120 1840 PHE A CE2 
378 C CZ  . PHE A 47  ? 1.0745 0.6140 0.6263 -0.2479 -0.1082 -0.0097 1840 PHE A CZ  
379 N N   . SER A 48  ? 1.1014 0.6977 0.6454 -0.2715 -0.1333 -0.0461 1841 SER A N   
380 C CA  . SER A 48  ? 1.0436 0.6555 0.5854 -0.2820 -0.1383 -0.0542 1841 SER A CA  
381 C C   . SER A 48  ? 1.0618 0.7025 0.6131 -0.2800 -0.1546 -0.0541 1841 SER A C   
382 O O   . SER A 48  ? 1.0116 0.6757 0.5707 -0.2896 -0.1611 -0.0611 1841 SER A O   
383 C CB  . SER A 48  ? 0.8981 0.4937 0.4230 -0.2824 -0.1334 -0.0568 1841 SER A CB  
384 O OG  . SER A 48  ? 1.0272 0.6235 0.5440 -0.2737 -0.1411 -0.0510 1841 SER A OG  
385 N N   . THR A 49  ? 0.8603 0.5000 0.4124 -0.2672 -0.1624 -0.0463 1842 THR A N   
386 C CA  . THR A 49  ? 0.8538 0.5191 0.4185 -0.2629 -0.1802 -0.0452 1842 THR A CA  
387 C C   . THR A 49  ? 0.8808 0.5709 0.4699 -0.2658 -0.1833 -0.0513 1842 THR A C   
388 O O   . THR A 49  ? 0.8792 0.5987 0.4837 -0.2692 -0.1961 -0.0570 1842 THR A O   
389 C CB  . THR A 49  ? 0.8443 0.4983 0.4046 -0.2486 -0.1873 -0.0351 1842 THR A CB  
390 O OG1 . THR A 49  ? 0.8582 0.4941 0.3960 -0.2488 -0.1844 -0.0309 1842 THR A OG1 
391 C CG2 . THR A 49  ? 0.8960 0.5744 0.4718 -0.2429 -0.2081 -0.0333 1842 THR A CG2 
392 N N   . MET A 50  ? 0.8464 0.5268 0.4397 -0.2649 -0.1719 -0.0506 1843 MET A N   
393 C CA  . MET A 50  ? 0.9032 0.6074 0.5171 -0.2712 -0.1712 -0.0579 1843 MET A CA  
394 C C   . MET A 50  ? 0.9161 0.6352 0.5338 -0.2879 -0.1669 -0.0669 1843 MET A C   
395 O O   . MET A 50  ? 0.9153 0.6668 0.5536 -0.2946 -0.1726 -0.0759 1843 MET A O   
396 C CB  . MET A 50  ? 0.8137 0.5014 0.4252 -0.2693 -0.1587 -0.0535 1843 MET A CB  
397 C CG  . MET A 50  ? 0.8437 0.5175 0.4528 -0.2533 -0.1618 -0.0457 1843 MET A CG  
398 S SD  . MET A 50  ? 0.8297 0.4804 0.4306 -0.2527 -0.1465 -0.0392 1843 MET A SD  
399 C CE  . MET A 50  ? 0.7902 0.4731 0.4107 -0.2652 -0.1441 -0.0489 1843 MET A CE  
400 N N   . ARG A 51  ? 0.9072 0.6039 0.5068 -0.2947 -0.1572 -0.0658 1844 ARG A N   
401 C CA  . ARG A 51  ? 0.9136 0.6205 0.5149 -0.3110 -0.1529 -0.0743 1844 ARG A CA  
402 C C   . ARG A 51  ? 1.0003 0.7368 0.6111 -0.3134 -0.1677 -0.0811 1844 ARG A C   
403 O O   . ARG A 51  ? 0.9158 0.6809 0.5430 -0.3240 -0.1708 -0.0904 1844 ARG A O   
404 C CB  . ARG A 51  ? 0.9185 0.5928 0.4995 -0.3155 -0.1409 -0.0726 1844 ARG A CB  
405 C CG  . ARG A 51  ? 0.9454 0.6265 0.5253 -0.3312 -0.1380 -0.0820 1844 ARG A CG  
406 C CD  . ARG A 51  ? 1.0727 0.7683 0.6651 -0.3456 -0.1325 -0.0871 1844 ARG A CD  
407 N NE  . ARG A 51  ? 1.2228 0.8926 0.8084 -0.3473 -0.1202 -0.0800 1844 ARG A NE  
408 C CZ  . ARG A 51  ? 1.2315 0.9105 0.8244 -0.3591 -0.1144 -0.0806 1844 ARG A CZ  
409 N NH1 . ARG A 51  ? 1.2625 0.9778 0.8726 -0.3697 -0.1183 -0.0899 1844 ARG A NH1 
410 N NH2 . ARG A 51  ? 1.1954 0.8486 0.7786 -0.3606 -0.1050 -0.0720 1844 ARG A NH2 
411 N N   . GLU A 52  ? 0.9141 0.6448 0.5142 -0.3044 -0.1772 -0.0762 1845 GLU A N   
412 C CA  . GLU A 52  ? 0.8884 0.6455 0.4946 -0.3062 -0.1938 -0.0800 1845 GLU A CA  
413 C C   . GLU A 52  ? 0.8721 0.6652 0.5076 -0.3022 -0.2085 -0.0842 1845 GLU A C   
414 O O   . GLU A 52  ? 0.8787 0.7030 0.5305 -0.3102 -0.2172 -0.0932 1845 GLU A O   
415 C CB  . GLU A 52  ? 1.1156 0.8582 0.7027 -0.2971 -0.2017 -0.0709 1845 GLU A CB  
416 C CG  . GLU A 52  ? 1.2546 0.9709 0.8160 -0.3031 -0.1891 -0.0711 1845 GLU A CG  
417 C CD  . GLU A 52  ? 1.3354 1.0398 0.8779 -0.2960 -0.1955 -0.0625 1845 GLU A CD  
418 O OE1 . GLU A 52  ? 1.4769 1.1951 1.0256 -0.2878 -0.2124 -0.0555 1845 GLU A OE1 
419 O OE2 . GLU A 52  ? 1.2920 0.9739 0.8143 -0.2989 -0.1840 -0.0631 1845 GLU A OE2 
420 N N   . ARG A 53  ? 0.8536 0.6441 0.4983 -0.2898 -0.2116 -0.0791 1846 ARG A N   
421 C CA  . ARG A 53  ? 0.8411 0.6667 0.5174 -0.2850 -0.2263 -0.0852 1846 ARG A CA  
422 C C   . ARG A 53  ? 0.9990 0.8506 0.6966 -0.2982 -0.2176 -0.0986 1846 ARG A C   
423 O O   . ARG A 53  ? 1.0754 0.9660 0.8010 -0.3012 -0.2295 -0.1090 1846 ARG A O   
424 C CB  . ARG A 53  ? 0.8239 0.6388 0.5054 -0.2697 -0.2299 -0.0785 1846 ARG A CB  
425 C CG  . ARG A 53  ? 0.8118 0.6626 0.5299 -0.2639 -0.2456 -0.0868 1846 ARG A CG  
426 C CD  . ARG A 53  ? 0.8848 0.7237 0.6090 -0.2476 -0.2520 -0.0807 1846 ARG A CD  
427 N NE  . ARG A 53  ? 0.9220 0.8002 0.6918 -0.2378 -0.2605 -0.0908 1846 ARG A NE  
428 C CZ  . ARG A 53  ? 0.8736 0.7540 0.6646 -0.2207 -0.2589 -0.0903 1846 ARG A CZ  
429 N NH1 . ARG A 53  ? 0.7676 0.6132 0.5365 -0.2128 -0.2505 -0.0793 1846 ARG A NH1 
430 N NH2 . ARG A 53  ? 0.8873 0.8070 0.7242 -0.2117 -0.2654 -0.1026 1846 ARG A NH2 
431 N N   . LEU A 54  ? 1.0180 0.8497 0.7036 -0.3064 -0.1972 -0.0979 1847 LEU A N   
432 C CA  . LEU A 54  ? 0.9127 0.7657 0.6137 -0.3212 -0.1864 -0.1084 1847 LEU A CA  
433 C C   . LEU A 54  ? 1.0311 0.9028 0.7365 -0.3357 -0.1876 -0.1171 1847 LEU A C   
434 O O   . LEU A 54  ? 1.0837 0.9927 0.8148 -0.3451 -0.1896 -0.1294 1847 LEU A O   
435 C CB  . LEU A 54  ? 0.8393 0.6612 0.5214 -0.3266 -0.1664 -0.1017 1847 LEU A CB  
436 C CG  . LEU A 54  ? 0.8436 0.6807 0.5347 -0.3437 -0.1528 -0.1085 1847 LEU A CG  
437 C CD1 . LEU A 54  ? 0.8270 0.7037 0.5481 -0.3422 -0.1571 -0.1190 1847 LEU A CD1 
438 C CD2 . LEU A 54  ? 0.8497 0.6486 0.5166 -0.3470 -0.1370 -0.0973 1847 LEU A CD2 
439 N N   . LEU A 55  ? 0.9236 0.7715 0.6055 -0.3380 -0.1864 -0.1123 1848 LEU A N   
440 C CA  . LEU A 55  ? 0.9108 0.7718 0.5931 -0.3521 -0.1867 -0.1205 1848 LEU A CA  
441 C C   . LEU A 55  ? 0.9452 0.8466 0.6506 -0.3492 -0.2077 -0.1278 1848 LEU A C   
442 O O   . LEU A 55  ? 0.9748 0.9045 0.6955 -0.3613 -0.2103 -0.1387 1848 LEU A O   
443 C CB  . LEU A 55  ? 0.9086 0.7351 0.5607 -0.3532 -0.1815 -0.1146 1848 LEU A CB  
444 C CG  . LEU A 55  ? 0.9509 0.7373 0.5808 -0.3589 -0.1623 -0.1099 1848 LEU A CG  
445 C CD1 . LEU A 55  ? 0.9358 0.6984 0.5426 -0.3576 -0.1617 -0.1080 1848 LEU A CD1 
446 C CD2 . LEU A 55  ? 0.9310 0.7194 0.5658 -0.3765 -0.1493 -0.1159 1848 LEU A CD2 
447 N N   . ARG A 56  ? 1.0102 0.9137 0.7181 -0.3330 -0.2239 -0.1211 1849 ARG A N   
448 C CA  . ARG A 56  ? 1.0445 0.9825 0.7737 -0.3272 -0.2477 -0.1244 1849 ARG A CA  
449 C C   . ARG A 56  ? 1.0514 1.0265 0.8203 -0.3221 -0.2568 -0.1334 1849 ARG A C   
450 O O   . ARG A 56  ? 1.2222 1.2259 1.0152 -0.3129 -0.2797 -0.1350 1849 ARG A O   
451 C CB  . ARG A 56  ? 0.8865 0.8044 0.5966 -0.3129 -0.2613 -0.1102 1849 ARG A CB  
452 C CG  . ARG A 56  ? 0.9000 0.8444 0.6198 -0.3099 -0.2856 -0.1096 1849 ARG A CG  
453 C CD  . ARG A 56  ? 0.9256 0.8476 0.6239 -0.2974 -0.2975 -0.0931 1849 ARG A CD  
454 N NE  . ARG A 56  ? 0.9670 0.9183 0.6861 -0.2888 -0.3261 -0.0895 1849 ARG A NE  
455 C CZ  . ARG A 56  ? 1.0306 0.9696 0.7330 -0.2802 -0.3414 -0.0741 1849 ARG A CZ  
456 N NH1 . ARG A 56  ? 1.0255 0.9261 0.6906 -0.2802 -0.3296 -0.0631 1849 ARG A NH1 
457 N NH2 . ARG A 56  ? 1.1863 1.1521 0.9108 -0.2718 -0.3686 -0.0696 1849 ARG A NH2 
458 N N   . GLY A 57  ? 0.9301 0.9060 0.7072 -0.3281 -0.2397 -0.1390 1850 GLY A N   
459 C CA  . GLY A 57  ? 0.9545 0.9711 0.7715 -0.3269 -0.2445 -0.1516 1850 GLY A CA  
460 C C   . GLY A 57  ? 0.9877 1.0031 0.8167 -0.3087 -0.2571 -0.1467 1850 GLY A C   
461 O O   . GLY A 57  ? 1.0840 1.1357 0.9505 -0.3058 -0.2632 -0.1587 1850 GLY A O   
462 N N   . GLY A 58  ? 0.9561 0.9317 0.7561 -0.2967 -0.2605 -0.1304 1851 GLY A N   
463 C CA  . GLY A 58  ? 0.9222 0.8924 0.7319 -0.2780 -0.2765 -0.1231 1851 GLY A CA  
464 C C   . GLY A 58  ? 0.9195 0.8848 0.7405 -0.2693 -0.2629 -0.1248 1851 GLY A C   
465 O O   . GLY A 58  ? 1.0075 0.9587 0.8327 -0.2491 -0.2696 -0.1155 1851 GLY A O   
466 N N   . TYR A 59  ? 0.8632 0.8406 0.6895 -0.2833 -0.2428 -0.1359 1852 TYR A N   
467 C CA  . TYR A 59  ? 0.7832 0.7642 0.6243 -0.2747 -0.2292 -0.1393 1852 TYR A CA  
468 C C   . TYR A 59  ? 0.7754 0.8119 0.6662 -0.2758 -0.2287 -0.1597 1852 TYR A C   
469 O O   . TYR A 59  ? 0.9511 1.0139 0.8492 -0.2961 -0.2219 -0.1720 1852 TYR A O   
470 C CB  . TYR A 59  ? 0.8326 0.7816 0.6384 -0.2897 -0.2062 -0.1342 1852 TYR A CB  
471 C CG  . TYR A 59  ? 0.9265 0.8228 0.6924 -0.2825 -0.2051 -0.1159 1852 TYR A CG  
472 C CD1 . TYR A 59  ? 0.8899 0.7699 0.6574 -0.2611 -0.2087 -0.1070 1852 TYR A CD1 
473 C CD2 . TYR A 59  ? 0.8980 0.7644 0.6322 -0.2912 -0.1960 -0.1073 1852 TYR A CD2 
474 C CE1 . TYR A 59  ? 0.8390 0.6739 0.5721 -0.2554 -0.2069 -0.0917 1852 TYR A CE1 
475 C CE2 . TYR A 59  ? 0.8797 0.7032 0.5839 -0.2823 -0.1923 -0.0923 1852 TYR A CE2 
476 C CZ  . TYR A 59  ? 0.8689 0.6771 0.5712 -0.2661 -0.1985 -0.0850 1852 TYR A CZ  
477 O OH  . TYR A 59  ? 0.7860 0.5552 0.4609 -0.2579 -0.1938 -0.0715 1852 TYR A OH  
478 N N   . THR A 60  ? 0.7770 0.8315 0.7030 -0.2547 -0.2351 -0.1646 1853 THR A N   
479 C CA  . THR A 60  ? 0.8083 0.9184 0.7882 -0.2524 -0.2356 -0.1867 1853 THR A CA  
480 C C   . THR A 60  ? 0.9196 1.0437 0.9008 -0.2664 -0.2095 -0.1990 1853 THR A C   
481 O O   . THR A 60  ? 0.9532 1.1217 0.9618 -0.2807 -0.2011 -0.2184 1853 THR A O   
482 C CB  . THR A 60  ? 0.8612 0.9832 0.8813 -0.2233 -0.2543 -0.1881 1853 THR A CB  
483 O OG1 . THR A 60  ? 0.8106 0.9215 0.8276 -0.2133 -0.2805 -0.1752 1853 THR A OG1 
484 C CG2 . THR A 60  ? 0.9206 1.1018 1.0024 -0.2188 -0.2539 -0.2142 1853 THR A CG2 
485 N N   . SER A 61  ? 0.9356 1.0239 0.8872 -0.2636 -0.1967 -0.1879 1854 SER A N   
486 C CA  . SER A 61  ? 0.8933 0.9896 0.8392 -0.2770 -0.1732 -0.1960 1854 SER A CA  
487 C C   . SER A 61  ? 0.9174 0.9605 0.8072 -0.2875 -0.1621 -0.1758 1854 SER A C   
488 O O   . SER A 61  ? 0.9705 0.9738 0.8326 -0.2805 -0.1719 -0.1587 1854 SER A O   
489 C CB  . SER A 61  ? 0.8910 1.0047 0.8684 -0.2584 -0.1705 -0.2061 1854 SER A CB  
490 O OG  . SER A 61  ? 0.8735 0.9497 0.8400 -0.2353 -0.1824 -0.1901 1854 SER A OG  
491 N N   . SER A 62  ? 0.8865 0.9299 0.7601 -0.3053 -0.1418 -0.1783 1855 SER A N   
492 C CA  . SER A 62  ? 0.8647 0.8575 0.6899 -0.3125 -0.1326 -0.1589 1855 SER A CA  
493 C C   . SER A 62  ? 0.9284 0.8925 0.7463 -0.2891 -0.1370 -0.1476 1855 SER A C   
494 O O   . SER A 62  ? 0.9615 0.8793 0.7434 -0.2870 -0.1370 -0.1294 1855 SER A O   
495 C CB  . SER A 62  ? 0.8544 0.8553 0.6639 -0.3383 -0.1121 -0.1626 1855 SER A CB  
496 O OG  . SER A 62  ? 0.8051 0.8360 0.6359 -0.3349 -0.1027 -0.1751 1855 SER A OG  
497 N N   . GLU A 63  ? 0.8960 0.8868 0.7500 -0.2706 -0.1419 -0.1588 1856 GLU A N   
498 C CA  . GLU A 63  ? 0.8132 0.7788 0.6630 -0.2495 -0.1457 -0.1496 1856 GLU A CA  
499 C C   . GLU A 63  ? 0.7872 0.7176 0.6233 -0.2335 -0.1627 -0.1332 1856 GLU A C   
500 O O   . GLU A 63  ? 0.7493 0.6423 0.5606 -0.2247 -0.1624 -0.1185 1856 GLU A O   
501 C CB  . GLU A 63  ? 0.7912 0.7939 0.6867 -0.2341 -0.1473 -0.1678 1856 GLU A CB  
502 C CG  . GLU A 63  ? 0.8370 0.8689 0.7410 -0.2467 -0.1277 -0.1835 1856 GLU A CG  
503 C CD  . GLU A 63  ? 0.9834 1.0458 0.8860 -0.2746 -0.1144 -0.1948 1856 GLU A CD  
504 O OE1 . GLU A 63  ? 1.0288 1.0980 0.9340 -0.2827 -0.1212 -0.1949 1856 GLU A OE1 
505 O OE2 . GLU A 63  ? 0.9412 1.0211 0.8384 -0.2900 -0.0969 -0.2035 1856 GLU A OE2 
506 N N   . GLU A 64  ? 0.7662 0.7094 0.6176 -0.2307 -0.1779 -0.1355 1857 GLU A N   
507 C CA  . GLU A 64  ? 0.8097 0.7201 0.6427 -0.2192 -0.1936 -0.1193 1857 GLU A CA  
508 C C   . GLU A 64  ? 0.8865 0.7555 0.6716 -0.2328 -0.1857 -0.1048 1857 GLU A C   
509 O O   . GLU A 64  ? 0.9832 0.8159 0.7445 -0.2235 -0.1901 -0.0903 1857 GLU A O   
510 C CB  . GLU A 64  ? 0.8762 0.8117 0.7343 -0.2156 -0.2126 -0.1247 1857 GLU A CB  
511 C CG  . GLU A 64  ? 0.9284 0.9029 0.8392 -0.1991 -0.2225 -0.1392 1857 GLU A CG  
512 C CD  . GLU A 64  ? 1.0741 1.0670 1.0104 -0.1901 -0.2468 -0.1400 1857 GLU A CD  
513 O OE1 . GLU A 64  ? 1.1453 1.1836 1.1251 -0.1895 -0.2517 -0.1577 1857 GLU A OE1 
514 O OE2 . GLU A 64  ? 1.1422 1.1056 1.0553 -0.1841 -0.2613 -0.1229 1857 GLU A OE2 
515 N N   . PHE A 65  ? 0.8405 0.7141 0.6125 -0.2550 -0.1733 -0.1092 1858 PHE A N   
516 C CA  . PHE A 65  ? 0.7900 0.6229 0.5205 -0.2675 -0.1661 -0.0969 1858 PHE A CA  
517 C C   . PHE A 65  ? 0.7553 0.5573 0.4655 -0.2615 -0.1562 -0.0862 1858 PHE A C   
518 O O   . PHE A 65  ? 0.7972 0.5605 0.4806 -0.2567 -0.1571 -0.0732 1858 PHE A O   
519 C CB  . PHE A 65  ? 0.8397 0.6835 0.5632 -0.2933 -0.1559 -0.1039 1858 PHE A CB  
520 C CG  . PHE A 65  ? 0.8713 0.6758 0.5618 -0.3005 -0.1439 -0.0901 1858 PHE A CG  
521 C CD1 . PHE A 65  ? 0.8563 0.6437 0.5306 -0.3082 -0.1295 -0.0834 1858 PHE A CD1 
522 C CD2 . PHE A 65  ? 0.9032 0.6896 0.5804 -0.3002 -0.1477 -0.0845 1858 PHE A CD2 
523 C CE1 . PHE A 65  ? 0.8022 0.5529 0.4497 -0.3138 -0.1210 -0.0706 1858 PHE A CE1 
524 C CE2 . PHE A 65  ? 0.8610 0.6126 0.5125 -0.3059 -0.1370 -0.0741 1858 PHE A CE2 
525 C CZ  . PHE A 65  ? 0.8121 0.5452 0.4500 -0.3121 -0.1246 -0.0670 1858 PHE A CZ  
526 N N   . ALA A 66  ? 0.7826 0.6040 0.5065 -0.2621 -0.1466 -0.0927 1859 ALA A N   
527 C CA  . ALA A 66  ? 0.7592 0.5553 0.4650 -0.2577 -0.1381 -0.0830 1859 ALA A CA  
528 C C   . ALA A 66  ? 0.7421 0.5192 0.4493 -0.2345 -0.1480 -0.0750 1859 ALA A C   
529 O O   . ALA A 66  ? 0.7289 0.4728 0.4136 -0.2295 -0.1446 -0.0629 1859 ALA A O   
530 C CB  . ALA A 66  ? 0.8552 0.6812 0.5763 -0.2636 -0.1269 -0.0935 1859 ALA A CB  
531 N N   . ALA A 67  ? 0.7379 0.5367 0.4737 -0.2203 -0.1606 -0.0818 1860 ALA A N   
532 C CA  . ALA A 67  ? 0.7078 0.4886 0.4458 -0.1998 -0.1712 -0.0735 1860 ALA A CA  
533 C C   . ALA A 67  ? 0.7541 0.4981 0.4609 -0.1999 -0.1763 -0.0592 1860 ALA A C   
534 O O   . ALA A 67  ? 0.7785 0.4941 0.4695 -0.1905 -0.1758 -0.0487 1860 ALA A O   
535 C CB  . ALA A 67  ? 0.7011 0.5111 0.4770 -0.1860 -0.1861 -0.0825 1860 ALA A CB  
536 N N   . ASP A 68  ? 0.8288 0.5747 0.5272 -0.2112 -0.1805 -0.0603 1861 ASP A N   
537 C CA  . ASP A 68  ? 0.8351 0.5475 0.5027 -0.2138 -0.1832 -0.0496 1861 ASP A CA  
538 C C   . ASP A 68  ? 0.8603 0.5409 0.5011 -0.2200 -0.1685 -0.0423 1861 ASP A C   
539 O O   . ASP A 68  ? 0.7918 0.4452 0.4160 -0.2117 -0.1667 -0.0322 1861 ASP A O   
540 C CB  . ASP A 68  ? 0.7911 0.5139 0.4551 -0.2269 -0.1898 -0.0544 1861 ASP A CB  
541 C CG  . ASP A 68  ? 0.8111 0.5477 0.4880 -0.2173 -0.2091 -0.0533 1861 ASP A CG  
542 O OD1 . ASP A 68  ? 0.7553 0.4856 0.4389 -0.2008 -0.2174 -0.0465 1861 ASP A OD1 
543 O OD2 . ASP A 68  ? 0.7729 0.5260 0.4527 -0.2270 -0.2171 -0.0587 1861 ASP A OD2 
544 N N   . ALA A 69  ? 0.7518 0.4388 0.3921 -0.2325 -0.1563 -0.0459 1862 ALA A N   
545 C CA  . ALA A 69  ? 0.7574 0.4166 0.3778 -0.2354 -0.1430 -0.0363 1862 ALA A CA  
546 C C   . ALA A 69  ? 0.7465 0.3903 0.3635 -0.2221 -0.1423 -0.0297 1862 ALA A C   
547 O O   . ALA A 69  ? 0.7794 0.3957 0.3818 -0.2145 -0.1390 -0.0197 1862 ALA A O   
548 C CB  . ALA A 69  ? 0.7657 0.4355 0.3856 -0.2530 -0.1326 -0.0399 1862 ALA A CB  
549 N N   . LEU A 70  ? 0.7340 0.3993 0.3688 -0.2173 -0.1449 -0.0363 1863 LEU A N   
550 C CA  . LEU A 70  ? 0.8154 0.4706 0.4506 -0.2041 -0.1431 -0.0309 1863 LEU A CA  
551 C C   . LEU A 70  ? 0.7677 0.4040 0.3985 -0.1897 -0.1518 -0.0242 1863 LEU A C   
552 O O   . LEU A 70  ? 0.8865 0.5015 0.5074 -0.1816 -0.1491 -0.0166 1863 LEU A O   
553 C CB  . LEU A 70  ? 0.7091 0.3974 0.3710 -0.1989 -0.1424 -0.0411 1863 LEU A CB  
554 C CG  . LEU A 70  ? 0.8175 0.5275 0.4821 -0.2149 -0.1316 -0.0485 1863 LEU A CG  
555 C CD1 . LEU A 70  ? 0.9161 0.6593 0.6086 -0.2081 -0.1301 -0.0612 1863 LEU A CD1 
556 C CD2 . LEU A 70  ? 0.7606 0.4443 0.3972 -0.2248 -0.1225 -0.0373 1863 LEU A CD2 
557 N N   . LEU A 71  ? 0.7404 0.3853 0.3781 -0.1873 -0.1624 -0.0265 1864 LEU A N   
558 C CA  . LEU A 71  ? 0.7676 0.3940 0.3964 -0.1772 -0.1709 -0.0187 1864 LEU A CA  
559 C C   . LEU A 71  ? 0.8218 0.4194 0.4247 -0.1811 -0.1628 -0.0109 1864 LEU A C   
560 O O   . LEU A 71  ? 0.7770 0.3559 0.3704 -0.1724 -0.1621 -0.0035 1864 LEU A O   
561 C CB  . LEU A 71  ? 0.7320 0.3754 0.3714 -0.1766 -0.1851 -0.0216 1864 LEU A CB  
562 C CG  . LEU A 71  ? 0.7410 0.3679 0.3679 -0.1700 -0.1958 -0.0127 1864 LEU A CG  
563 C CD1 . LEU A 71  ? 0.7982 0.4187 0.4352 -0.1545 -0.1991 -0.0072 1864 LEU A CD1 
564 C CD2 . LEU A 71  ? 0.7499 0.3971 0.3874 -0.1723 -0.2110 -0.0153 1864 LEU A CD2 
565 N N   . VAL A 72  ? 0.8235 0.4212 0.4192 -0.1926 -0.1550 -0.0124 1865 VAL A N   
566 C CA  . VAL A 72  ? 0.7547 0.3292 0.3332 -0.1938 -0.1451 -0.0063 1865 VAL A CA  
567 C C   . VAL A 72  ? 0.7884 0.3471 0.3634 -0.1853 -0.1379 0.0003  1865 VAL A C   
568 O O   . VAL A 72  ? 0.9055 0.4485 0.4722 -0.1773 -0.1351 0.0054  1865 VAL A O   
569 C CB  . VAL A 72  ? 0.7672 0.3433 0.3418 -0.2075 -0.1378 -0.0098 1865 VAL A CB  
570 C CG1 . VAL A 72  ? 0.8266 0.3789 0.3878 -0.2066 -0.1284 -0.0051 1865 VAL A CG1 
571 C CG2 . VAL A 72  ? 0.8869 0.4797 0.4649 -0.2156 -0.1448 -0.0165 1865 VAL A CG2 
572 N N   . PHE A 73  ? 0.7411 0.3067 0.3228 -0.1877 -0.1349 -0.0005 1866 PHE A N   
573 C CA  . PHE A 73  ? 0.7867 0.3390 0.3643 -0.1814 -0.1286 0.0063  1866 PHE A CA  
574 C C   . PHE A 73  ? 0.7392 0.2912 0.3233 -0.1683 -0.1328 0.0081  1866 PHE A C   
575 O O   . PHE A 73  ? 0.7188 0.2591 0.2991 -0.1595 -0.1288 0.0141  1866 PHE A O   
576 C CB  . PHE A 73  ? 0.7409 0.2989 0.3182 -0.1924 -0.1240 0.0059  1866 PHE A CB  
577 C CG  . PHE A 73  ? 0.7568 0.3150 0.3281 -0.2071 -0.1200 0.0044  1866 PHE A CG  
578 C CD1 . PHE A 73  ? 0.8408 0.3825 0.4039 -0.2065 -0.1167 0.0076  1866 PHE A CD1 
579 C CD2 . PHE A 73  ? 0.7610 0.3386 0.3371 -0.2217 -0.1194 -0.0020 1866 PHE A CD2 
580 C CE1 . PHE A 73  ? 0.8458 0.3862 0.4044 -0.2199 -0.1131 0.0056  1866 PHE A CE1 
581 C CE2 . PHE A 73  ? 0.9400 0.5176 0.5109 -0.2363 -0.1152 -0.0032 1866 PHE A CE2 
582 C CZ  . PHE A 73  ? 0.7896 0.3469 0.3514 -0.2352 -0.1126 0.0011  1866 PHE A CZ  
583 N N   . ASP A 74  ? 0.7597 0.3262 0.3556 -0.1659 -0.1414 0.0021  1867 ASP A N   
584 C CA  . ASP A 74  ? 0.8186 0.3821 0.4210 -0.1536 -0.1469 0.0035  1867 ASP A CA  
585 C C   . ASP A 74  ? 0.7552 0.3029 0.3473 -0.1471 -0.1481 0.0104  1867 ASP A C   
586 O O   . ASP A 74  ? 0.7050 0.2439 0.2957 -0.1381 -0.1454 0.0155  1867 ASP A O   
587 C CB  . ASP A 74  ? 0.7000 0.2870 0.3237 -0.1496 -0.1563 -0.0039 1867 ASP A CB  
588 C CG  . ASP A 74  ? 0.7742 0.3858 0.4145 -0.1522 -0.1514 -0.0123 1867 ASP A CG  
589 O OD1 . ASP A 74  ? 0.8576 0.4636 0.4898 -0.1558 -0.1429 -0.0101 1867 ASP A OD1 
590 O OD2 . ASP A 74  ? 0.6871 0.3251 0.3492 -0.1513 -0.1564 -0.0215 1867 ASP A OD2 
591 N N   . ASN A 75  ? 0.8391 0.3860 0.4236 -0.1526 -0.1524 0.0096  1868 ASN A N   
592 C CA  . ASN A 75  ? 0.7899 0.3226 0.3599 -0.1507 -0.1515 0.0146  1868 ASN A CA  
593 C C   . ASN A 75  ? 0.7290 0.2519 0.2925 -0.1477 -0.1386 0.0174  1868 ASN A C   
594 O O   . ASN A 75  ? 0.7462 0.2625 0.3064 -0.1405 -0.1358 0.0205  1868 ASN A O   
595 C CB  . ASN A 75  ? 0.7457 0.2815 0.3070 -0.1605 -0.1560 0.0118  1868 ASN A CB  
596 C CG  . ASN A 75  ? 0.7815 0.3295 0.3497 -0.1610 -0.1724 0.0101  1868 ASN A CG  
597 O OD1 . ASN A 75  ? 0.8547 0.4029 0.4319 -0.1530 -0.1812 0.0119  1868 ASN A OD1 
598 N ND2 . ASN A 75  ? 0.7593 0.3191 0.3263 -0.1698 -0.1775 0.0062  1868 ASN A ND2 
599 N N   . CYS A 76  ? 0.7309 0.2547 0.2951 -0.1528 -0.1315 0.0157  1869 CYS A N   
600 C CA  . CYS A 76  ? 0.8259 0.3414 0.3877 -0.1491 -0.1219 0.0171  1869 CYS A CA  
601 C C   . CYS A 76  ? 0.8408 0.3577 0.4106 -0.1380 -0.1198 0.0205  1869 CYS A C   
602 O O   . CYS A 76  ? 0.7153 0.2281 0.2856 -0.1311 -0.1153 0.0206  1869 CYS A O   
603 C CB  . CYS A 76  ? 0.8675 0.3818 0.4295 -0.1570 -0.1174 0.0162  1869 CYS A CB  
604 S SG  . CYS A 76  ? 0.9463 0.4490 0.5102 -0.1517 -0.1087 0.0169  1869 CYS A SG  
605 N N   . GLN A 77  ? 0.8765 0.4007 0.4536 -0.1372 -0.1231 0.0218  1870 GLN A N   
606 C CA  . GLN A 77  ? 0.7760 0.3032 0.3608 -0.1282 -0.1215 0.0241  1870 GLN A CA  
607 C C   . GLN A 77  ? 0.6884 0.2169 0.2768 -0.1198 -0.1246 0.0245  1870 GLN A C   
608 O O   . GLN A 77  ? 0.6841 0.2145 0.2782 -0.1121 -0.1210 0.0256  1870 GLN A O   
609 C CB  . GLN A 77  ? 0.7168 0.2503 0.3057 -0.1330 -0.1239 0.0236  1870 GLN A CB  
610 C CG  . GLN A 77  ? 0.7038 0.2350 0.2866 -0.1431 -0.1204 0.0251  1870 GLN A CG  
611 C CD  . GLN A 77  ? 0.7538 0.2926 0.3373 -0.1524 -0.1221 0.0227  1870 GLN A CD  
612 O OE1 . GLN A 77  ? 0.9792 0.5182 0.5621 -0.1519 -0.1213 0.0251  1870 GLN A OE1 
613 N NE2 . GLN A 77  ? 0.7270 0.2758 0.3131 -0.1618 -0.1247 0.0157  1870 GLN A NE2 
614 N N   . THR A 78  ? 0.7996 0.3267 0.3849 -0.1221 -0.1318 0.0240  1871 THR A N   
615 C CA  . THR A 78  ? 0.6925 0.2172 0.2781 -0.1162 -0.1360 0.0260  1871 THR A CA  
616 C C   . THR A 78  ? 0.7418 0.2600 0.3169 -0.1160 -0.1299 0.0265  1871 THR A C   
617 O O   . THR A 78  ? 0.7953 0.3139 0.3729 -0.1106 -0.1277 0.0276  1871 THR A O   
618 C CB  . THR A 78  ? 0.7029 0.2243 0.2862 -0.1202 -0.1484 0.0264  1871 THR A CB  
619 O OG1 . THR A 78  ? 0.6978 0.2271 0.2953 -0.1205 -0.1545 0.0221  1871 THR A OG1 
620 C CG2 . THR A 78  ? 0.7066 0.2222 0.2880 -0.1155 -0.1544 0.0309  1871 THR A CG2 
621 N N   . PHE A 79  ? 0.7862 0.2980 0.3498 -0.1233 -0.1268 0.0246  1872 PHE A N   
622 C CA  . PHE A 79  ? 0.7491 0.2527 0.3019 -0.1249 -0.1206 0.0230  1872 PHE A CA  
623 C C   . PHE A 79  ? 0.7170 0.2206 0.2782 -0.1203 -0.1097 0.0196  1872 PHE A C   
624 O O   . PHE A 79  ? 0.7201 0.2193 0.2797 -0.1184 -0.1040 0.0177  1872 PHE A O   
625 C CB  . PHE A 79  ? 0.7738 0.2692 0.3096 -0.1363 -0.1221 0.0208  1872 PHE A CB  
626 C CG  . PHE A 79  ? 0.9033 0.3889 0.4246 -0.1411 -0.1159 0.0179  1872 PHE A CG  
627 C CD1 . PHE A 79  ? 0.8407 0.3199 0.3476 -0.1447 -0.1210 0.0217  1872 PHE A CD1 
628 C CD2 . PHE A 79  ? 1.0012 0.4827 0.5237 -0.1426 -0.1047 0.0108  1872 PHE A CD2 
629 C CE1 . PHE A 79  ? 0.7867 0.2564 0.2771 -0.1522 -0.1139 0.0182  1872 PHE A CE1 
630 C CE2 . PHE A 79  ? 1.0234 0.4964 0.5338 -0.1480 -0.0974 0.0053  1872 PHE A CE2 
631 C CZ  . PHE A 79  ? 0.8491 0.3169 0.3420 -0.1539 -0.1012 0.0089  1872 PHE A CZ  
632 N N   . ASN A 80  ? 0.9689 0.4596 0.3702 -0.2069 -0.0258 0.0651  1873 ASN A N   
633 C CA  . ASN A 80  ? 0.8805 0.3850 0.2886 -0.2083 -0.0216 0.0681  1873 ASN A CA  
634 C C   . ASN A 80  ? 0.9326 0.4415 0.3571 -0.2208 -0.0285 0.0686  1873 ASN A C   
635 O O   . ASN A 80  ? 0.8637 0.3654 0.2890 -0.2241 -0.0386 0.0610  1873 ASN A O   
636 C CB  . ASN A 80  ? 0.9810 0.4834 0.3788 -0.1980 -0.0267 0.0593  1873 ASN A CB  
637 C CG  . ASN A 80  ? 0.9924 0.4868 0.3739 -0.1840 -0.0238 0.0573  1873 ASN A CG  
638 O OD1 . ASN A 80  ? 0.8988 0.3973 0.2703 -0.1761 -0.0142 0.0625  1873 ASN A OD1 
639 N ND2 . ASN A 80  ? 1.0024 0.4836 0.3785 -0.1804 -0.0320 0.0498  1873 ASN A ND2 
640 N N   . GLU A 81  ? 0.9986 0.5173 0.4335 -0.2276 -0.0230 0.0776  1874 GLU A N   
641 C CA  . GLU A 81  ? 1.0841 0.6077 0.5388 -0.2364 -0.0330 0.0756  1874 GLU A CA  
642 C C   . GLU A 81  ? 0.9807 0.4949 0.4220 -0.2321 -0.0446 0.0649  1874 GLU A C   
643 O O   . GLU A 81  ? 1.0575 0.5689 0.4826 -0.2225 -0.0438 0.0606  1874 GLU A O   
644 C CB  . GLU A 81  ? 1.0853 0.6357 0.5697 -0.2360 -0.0269 0.0795  1874 GLU A CB  
645 C CG  . GLU A 81  ? 1.0616 0.6267 0.5608 -0.2415 -0.0108 0.0916  1874 GLU A CG  
646 C CD  . GLU A 81  ? 1.2800 0.8451 0.8041 -0.2585 -0.0162 0.0986  1874 GLU A CD  
647 O OE1 . GLU A 81  ? 1.3350 0.8775 0.8489 -0.2644 -0.0304 0.0952  1874 GLU A OE1 
648 O OE2 . GLU A 81  ? 1.3805 0.9695 0.9364 -0.2657 -0.0068 0.1068  1874 GLU A OE2 
649 N N   . ASP A 82  ? 0.8585 0.3646 0.3041 -0.2400 -0.0563 0.0611  1875 ASP A N   
650 C CA  . ASP A 82  ? 0.9727 0.4675 0.4021 -0.2387 -0.0659 0.0525  1875 ASP A CA  
651 C C   . ASP A 82  ? 0.9519 0.4536 0.3842 -0.2321 -0.0702 0.0501  1875 ASP A C   
652 O O   . ASP A 82  ? 0.8695 0.3602 0.2826 -0.2291 -0.0756 0.0450  1875 ASP A O   
653 C CB  . ASP A 82  ? 0.9787 0.4662 0.4108 -0.2452 -0.0769 0.0477  1875 ASP A CB  
654 C CG  . ASP A 82  ? 0.8587 0.3454 0.2896 -0.2451 -0.0753 0.0450  1875 ASP A CG  
655 O OD1 . ASP A 82  ? 0.8550 0.3403 0.2743 -0.2403 -0.0697 0.0406  1875 ASP A OD1 
656 O OD2 . ASP A 82  ? 0.8647 0.3491 0.3062 -0.2497 -0.0818 0.0468  1875 ASP A OD2 
657 N N   . ASP A 83  ? 0.9432 0.4636 0.4008 -0.2293 -0.0683 0.0533  1876 ASP A N   
658 C CA  . ASP A 83  ? 0.9738 0.5026 0.4378 -0.2199 -0.0743 0.0488  1876 ASP A CA  
659 C C   . ASP A 83  ? 0.9869 0.5289 0.4482 -0.2067 -0.0622 0.0496  1876 ASP A C   
660 O O   . ASP A 83  ? 0.9848 0.5348 0.4511 -0.1955 -0.0668 0.0447  1876 ASP A O   
661 C CB  . ASP A 83  ? 0.9430 0.4875 0.4413 -0.2226 -0.0817 0.0487  1876 ASP A CB  
662 C CG  . ASP A 83  ? 1.0857 0.6555 0.6154 -0.2266 -0.0672 0.0569  1876 ASP A CG  
663 O OD1 . ASP A 83  ? 1.2173 0.7866 0.7364 -0.2287 -0.0527 0.0636  1876 ASP A OD1 
664 O OD2 . ASP A 83  ? 1.1508 0.7405 0.7167 -0.2283 -0.0714 0.0569  1876 ASP A OD2 
665 N N   . SER A 84  ? 0.9903 0.5315 0.4405 -0.2060 -0.0486 0.0548  1877 SER A N   
666 C CA  . SER A 84  ? 0.9841 0.5297 0.4211 -0.1918 -0.0392 0.0546  1877 SER A CA  
667 C C   . SER A 84  ? 0.9629 0.4889 0.3736 -0.1846 -0.0509 0.0472  1877 SER A C   
668 O O   . SER A 84  ? 1.0636 0.5725 0.4630 -0.1931 -0.0605 0.0447  1877 SER A O   
669 C CB  . SER A 84  ? 0.8727 0.4145 0.2979 -0.1933 -0.0252 0.0619  1877 SER A CB  
670 O OG  . SER A 84  ? 0.9080 0.4271 0.3115 -0.1968 -0.0321 0.0594  1877 SER A OG  
671 N N   . GLU A 85  ? 0.9038 0.4314 0.3034 -0.1687 -0.0493 0.0438  1878 GLU A N   
672 C CA  . GLU A 85  ? 0.8868 0.3935 0.2626 -0.1621 -0.0632 0.0373  1878 GLU A CA  
673 C C   . GLU A 85  ? 0.9955 0.4870 0.3592 -0.1673 -0.0636 0.0374  1878 GLU A C   
674 O O   . GLU A 85  ? 1.0213 0.5054 0.3929 -0.1728 -0.0731 0.0327  1878 GLU A O   
675 C CB  . GLU A 85  ? 0.9027 0.4126 0.2683 -0.1415 -0.0619 0.0329  1878 GLU A CB  
676 C CG  . GLU A 85  ? 0.9139 0.4074 0.2660 -0.1329 -0.0817 0.0246  1878 GLU A CG  
677 C CD  . GLU A 85  ? 1.1602 0.6566 0.5289 -0.1385 -0.0944 0.0215  1878 GLU A CD  
678 O OE1 . GLU A 85  ? 1.2272 0.7022 0.5846 -0.1502 -0.1088 0.0210  1878 GLU A OE1 
679 O OE2 . GLU A 85  ? 1.2535 0.7731 0.6465 -0.1316 -0.0899 0.0195  1878 GLU A OE2 
680 N N   . VAL A 86  ? 0.8820 0.3775 0.2459 -0.1649 -0.0516 0.0410  1879 VAL A N   
681 C CA  . VAL A 86  ? 0.9564 0.4461 0.3275 -0.1667 -0.0529 0.0374  1879 VAL A CA  
682 C C   . VAL A 86  ? 0.9611 0.4525 0.3459 -0.1822 -0.0550 0.0365  1879 VAL A C   
683 O O   . VAL A 86  ? 0.8497 0.3355 0.2387 -0.1864 -0.0606 0.0315  1879 VAL A O   
684 C CB  . VAL A 86  ? 1.0295 0.5181 0.3931 -0.1594 -0.0427 0.0409  1879 VAL A CB  
685 C CG1 . VAL A 86  ? 0.8751 0.3544 0.2427 -0.1625 -0.0471 0.0370  1879 VAL A CG1 
686 C CG2 . VAL A 86  ? 1.0361 0.5193 0.3810 -0.1414 -0.0412 0.0399  1879 VAL A CG2 
687 N N   . GLY A 87  ? 0.9037 0.4016 0.2940 -0.1912 -0.0502 0.0420  1880 GLY A N   
688 C CA  . GLY A 87  ? 0.9135 0.4103 0.3126 -0.2037 -0.0539 0.0400  1880 GLY A CA  
689 C C   . GLY A 87  ? 0.9682 0.4592 0.3667 -0.2089 -0.0635 0.0346  1880 GLY A C   
690 O O   . GLY A 87  ? 1.0968 0.5840 0.4976 -0.2155 -0.0651 0.0299  1880 GLY A O   
691 N N   . LYS A 88  ? 0.9396 0.4280 0.3325 -0.2059 -0.0697 0.0358  1881 LYS A N   
692 C CA  . LYS A 88  ? 0.8635 0.3419 0.2547 -0.2108 -0.0798 0.0324  1881 LYS A CA  
693 C C   . LYS A 88  ? 0.8826 0.3566 0.2759 -0.2095 -0.0800 0.0294  1881 LYS A C   
694 O O   . LYS A 88  ? 0.9338 0.4022 0.3285 -0.2189 -0.0805 0.0289  1881 LYS A O   
695 C CB  . LYS A 88  ? 0.8686 0.3424 0.2514 -0.2051 -0.0900 0.0333  1881 LYS A CB  
696 C CG  . LYS A 88  ? 0.9710 0.4513 0.3589 -0.2087 -0.0920 0.0363  1881 LYS A CG  
697 C CD  . LYS A 88  ? 1.0825 0.5638 0.4773 -0.2003 -0.1050 0.0321  1881 LYS A CD  
698 C CE  . LYS A 88  ? 1.1277 0.6275 0.5331 -0.1836 -0.0980 0.0308  1881 LYS A CE  
699 N NZ  . LYS A 88  ? 1.0853 0.5930 0.5059 -0.1726 -0.1097 0.0246  1881 LYS A NZ  
700 N N   . ALA A 89  ? 0.9750 0.4498 0.3657 -0.1984 -0.0793 0.0288  1882 ALA A N   
701 C CA  . ALA A 89  ? 0.9321 0.4004 0.3228 -0.1982 -0.0820 0.0273  1882 ALA A CA  
702 C C   . ALA A 89  ? 0.8451 0.3170 0.2408 -0.2070 -0.0753 0.0260  1882 ALA A C   
703 O O   . ALA A 89  ? 0.8476 0.3162 0.2429 -0.2157 -0.0762 0.0264  1882 ALA A O   
704 C CB  . ALA A 89  ? 0.8593 0.3244 0.2432 -0.1829 -0.0844 0.0263  1882 ALA A CB  
705 N N   . GLY A 90  ? 0.8446 0.3227 0.2420 -0.2051 -0.0689 0.0254  1883 GLY A N   
706 C CA  . GLY A 90  ? 0.9060 0.3850 0.3049 -0.2111 -0.0645 0.0234  1883 GLY A CA  
707 C C   . GLY A 90  ? 0.8397 0.3199 0.2403 -0.2235 -0.0621 0.0229  1883 GLY A C   
708 O O   . GLY A 90  ? 1.0641 0.5466 0.4632 -0.2286 -0.0583 0.0215  1883 GLY A O   
709 N N   . HIS A 91  ? 0.8385 0.3177 0.2394 -0.2271 -0.0641 0.0240  1884 HIS A N   
710 C CA  . HIS A 91  ? 0.8400 0.3240 0.2419 -0.2335 -0.0619 0.0239  1884 HIS A CA  
711 C C   . HIS A 91  ? 0.9846 0.4683 0.3835 -0.2383 -0.0621 0.0246  1884 HIS A C   
712 O O   . HIS A 91  ? 1.0819 0.5674 0.4754 -0.2465 -0.0558 0.0229  1884 HIS A O   
713 C CB  . HIS A 91  ? 0.8436 0.3253 0.2447 -0.2340 -0.0671 0.0259  1884 HIS A CB  
714 C CG  . HIS A 91  ? 0.8436 0.3257 0.2445 -0.2344 -0.0667 0.0255  1884 HIS A CG  
715 N ND1 . HIS A 91  ? 0.8903 0.3723 0.2893 -0.2361 -0.0618 0.0242  1884 HIS A ND1 
716 C CD2 . HIS A 91  ? 0.9061 0.3854 0.3035 -0.2352 -0.0716 0.0272  1884 HIS A CD2 
717 C CE1 . HIS A 91  ? 0.8490 0.3289 0.2454 -0.2365 -0.0655 0.0243  1884 HIS A CE1 
718 N NE2 . HIS A 91  ? 0.8515 0.3302 0.2461 -0.2377 -0.0707 0.0272  1884 HIS A NE2 
719 N N   . ILE A 92  ? 0.9973 0.4754 0.3952 -0.2348 -0.0695 0.0269  1885 ILE A N   
720 C CA  . ILE A 92  ? 0.8587 0.3342 0.2515 -0.2409 -0.0716 0.0284  1885 ILE A CA  
721 C C   . ILE A 92  ? 0.9551 0.4346 0.3452 -0.2470 -0.0661 0.0271  1885 ILE A C   
722 O O   . ILE A 92  ? 0.9011 0.3828 0.2834 -0.2593 -0.0611 0.0264  1885 ILE A O   
723 C CB  . ILE A 92  ? 0.8658 0.3295 0.2552 -0.2346 -0.0832 0.0318  1885 ILE A CB  
724 C CG1 . ILE A 92  ? 0.8720 0.3278 0.2584 -0.2315 -0.0902 0.0337  1885 ILE A CG1 
725 C CG2 . ILE A 92  ? 0.8796 0.3387 0.2620 -0.2419 -0.0872 0.0345  1885 ILE A CG2 
726 C CD1 . ILE A 92  ? 0.8834 0.3226 0.2625 -0.2233 -0.1026 0.0362  1885 ILE A CD1 
727 N N   . MET A 93  ? 0.9591 0.4361 0.3509 -0.2399 -0.0674 0.0266  1886 MET A N   
728 C CA  . MET A 93  ? 0.8603 0.3400 0.2488 -0.2435 -0.0661 0.0241  1886 MET A CA  
729 C C   . MET A 93  ? 0.8594 0.3515 0.2503 -0.2500 -0.0558 0.0170  1886 MET A C   
730 O O   . MET A 93  ? 0.9689 0.4694 0.3628 -0.2592 -0.0528 0.0100  1886 MET A O   
731 C CB  . MET A 93  ? 0.8548 0.3319 0.2480 -0.2283 -0.0725 0.0218  1886 MET A CB  
732 C CG  . MET A 93  ? 0.9748 0.4397 0.3641 -0.2205 -0.0834 0.0250  1886 MET A CG  
733 S SD  . MET A 93  ? 0.9289 0.3902 0.3130 -0.2333 -0.0910 0.0279  1886 MET A SD  
734 C CE  . MET A 93  ? 0.8758 0.3519 0.2743 -0.2391 -0.0893 0.0174  1886 MET A CE  
735 N N   . ARG A 94  ? 0.9236 0.4167 0.3168 -0.2452 -0.0518 0.0162  1887 ARG A N   
736 C CA  . ARG A 94  ? 0.9338 0.4359 0.3283 -0.2483 -0.0441 0.0079  1887 ARG A CA  
737 C C   . ARG A 94  ? 0.8937 0.3969 0.2775 -0.2631 -0.0359 0.0063  1887 ARG A C   
738 O O   . ARG A 94  ? 0.8791 0.3919 0.2623 -0.2714 -0.0287 -0.0039 1887 ARG A O   
739 C CB  . ARG A 94  ? 0.8492 0.3475 0.2449 -0.2408 -0.0444 0.0091  1887 ARG A CB  
740 C CG  . ARG A 94  ? 0.8544 0.3585 0.2511 -0.2403 -0.0397 -0.0008 1887 ARG A CG  
741 C CD  . ARG A 94  ? 0.8544 0.3503 0.2490 -0.2353 -0.0428 0.0022  1887 ARG A CD  
742 N NE  . ARG A 94  ? 0.8542 0.3421 0.2442 -0.2393 -0.0452 0.0118  1887 ARG A NE  
743 C CZ  . ARG A 94  ? 0.8634 0.3474 0.2462 -0.2455 -0.0433 0.0127  1887 ARG A CZ  
744 N NH1 . ARG A 94  ? 0.8751 0.3631 0.2510 -0.2496 -0.0361 0.0050  1887 ARG A NH1 
745 N NH2 . ARG A 94  ? 0.8644 0.3398 0.2455 -0.2472 -0.0491 0.0195  1887 ARG A NH2 
746 N N   . ARG A 95  ? 0.9064 0.3978 0.2824 -0.2675 -0.0375 0.0143  1888 ARG A N   
747 C CA  . ARG A 95  ? 0.9282 0.4145 0.2895 -0.2818 -0.0305 0.0128  1888 ARG A CA  
748 C C   . ARG A 95  ? 0.9112 0.3988 0.2634 -0.2971 -0.0271 0.0122  1888 ARG A C   
749 O O   . ARG A 95  ? 1.0064 0.4995 0.3457 -0.3110 -0.0152 0.0059  1888 ARG A O   
750 C CB  . ARG A 95  ? 0.8966 0.3745 0.2586 -0.2773 -0.0383 0.0168  1888 ARG A CB  
751 C CG  . ARG A 95  ? 1.0036 0.4758 0.3650 -0.2709 -0.0393 0.0168  1888 ARG A CG  
752 C CD  . ARG A 95  ? 0.9785 0.4407 0.3360 -0.2680 -0.0480 0.0203  1888 ARG A CD  
753 N NE  . ARG A 95  ? 0.8924 0.3568 0.2604 -0.2606 -0.0589 0.0245  1888 ARG A NE  
754 C CZ  . ARG A 95  ? 0.8798 0.3460 0.2578 -0.2506 -0.0667 0.0273  1888 ARG A CZ  
755 N NH1 . ARG A 95  ? 0.8750 0.3426 0.2553 -0.2477 -0.0660 0.0270  1888 ARG A NH1 
756 N NH2 . ARG A 95  ? 0.8777 0.3410 0.2592 -0.2454 -0.0757 0.0304  1888 ARG A NH2 
757 N N   . PHE A 96  ? 0.9419 0.4303 0.3008 -0.2918 -0.0375 0.0174  1889 PHE A N   
758 C CA  . PHE A 96  ? 0.9595 0.4492 0.3086 -0.3063 -0.0381 0.0174  1889 PHE A CA  
759 C C   . PHE A 96  ? 0.9558 0.4628 0.3287 -0.3137 -0.0291 0.0040  1889 PHE A C   
760 O O   . PHE A 96  ? 0.9299 0.4517 0.3113 -0.3286 -0.0168 0.0025  1889 PHE A O   
761 C CB  . PHE A 96  ? 0.9331 0.4173 0.2890 -0.2947 -0.0543 0.0241  1889 PHE A CB  
762 C CG  . PHE A 96  ? 1.0501 0.5385 0.4175 -0.3051 -0.0591 0.0231  1889 PHE A CG  
763 C CD1 . PHE A 96  ? 0.9454 0.4273 0.2976 -0.3186 -0.0618 0.0286  1889 PHE A CD1 
764 C CD2 . PHE A 96  ? 0.9197 0.4171 0.3147 -0.3003 -0.0638 0.0166  1889 PHE A CD2 
765 C CE1 . PHE A 96  ? 0.9561 0.4417 0.3241 -0.3295 -0.0665 0.0307  1889 PHE A CE1 
766 C CE2 . PHE A 96  ? 0.9353 0.4361 0.3465 -0.3103 -0.0704 0.0170  1889 PHE A CE2 
767 C CZ  . PHE A 96  ? 0.9430 0.4387 0.3423 -0.3258 -0.0708 0.0253  1889 PHE A CZ  
768 N N   . PHE A 97  ? 0.8964 0.4125 0.2886 -0.2965 -0.0336 -0.0032 1890 PHE A N   
769 C CA  . PHE A 97  ? 0.8875 0.4303 0.3126 -0.2922 -0.0273 -0.0151 1890 PHE A CA  
770 C C   . PHE A 97  ? 0.8961 0.4574 0.3230 -0.2981 -0.0086 -0.0226 1890 PHE A C   
771 O O   . PHE A 97  ? 0.9127 0.5002 0.3644 -0.3052 0.0027  -0.0302 1890 PHE A O   
772 C CB  . PHE A 97  ? 0.8715 0.4125 0.3073 -0.2719 -0.0373 -0.0209 1890 PHE A CB  
773 C CG  . PHE A 97  ? 0.8722 0.4372 0.3395 -0.2648 -0.0337 -0.0352 1890 PHE A CG  
774 C CD1 . PHE A 97  ? 0.8762 0.4556 0.3738 -0.2652 -0.0397 -0.0412 1890 PHE A CD1 
775 C CD2 . PHE A 97  ? 0.8921 0.4645 0.3601 -0.2571 -0.0268 -0.0440 1890 PHE A CD2 
776 C CE1 . PHE A 97  ? 0.8605 0.4637 0.3914 -0.2573 -0.0383 -0.0564 1890 PHE A CE1 
777 C CE2 . PHE A 97  ? 0.8632 0.4573 0.3609 -0.2482 -0.0255 -0.0593 1890 PHE A CE2 
778 C CZ  . PHE A 97  ? 0.8601 0.4709 0.3905 -0.2480 -0.0311 -0.0659 1890 PHE A CZ  
779 N N   . GLU A 98  ? 0.8997 0.4495 0.3035 -0.2932 -0.0055 -0.0225 1891 GLU A N   
780 C CA  . GLU A 98  ? 0.9542 0.5173 0.3540 -0.2952 0.0106  -0.0312 1891 GLU A CA  
781 C C   . GLU A 98  ? 1.0305 0.5987 0.4169 -0.3154 0.0264  -0.0269 1891 GLU A C   
782 O O   . GLU A 98  ? 1.2034 0.7978 0.6038 -0.3201 0.0443  -0.0362 1891 GLU A O   
783 C CB  . GLU A 98  ? 1.1322 0.6741 0.5050 -0.2873 0.0062  -0.0300 1891 GLU A CB  
784 C CG  . GLU A 98  ? 1.1251 0.6634 0.5104 -0.2697 -0.0058 -0.0345 1891 GLU A CG  
785 C CD  . GLU A 98  ? 1.0773 0.6002 0.4478 -0.2625 -0.0096 -0.0309 1891 GLU A CD  
786 O OE1 . GLU A 98  ? 0.9436 0.4643 0.3242 -0.2494 -0.0173 -0.0343 1891 GLU A OE1 
787 O OE2 . GLU A 98  ? 0.9347 0.4481 0.2893 -0.2690 -0.0060 -0.0232 1891 GLU A OE2 
788 N N   . SER A 99  ? 1.0431 0.5861 0.4026 -0.3275 0.0200  -0.0132 1892 SER A N   
789 C CA  . SER A 99  ? 1.0839 0.6241 0.4242 -0.3492 0.0328  -0.0062 1892 SER A CA  
790 C C   . SER A 99  ? 1.1303 0.7008 0.5072 -0.3607 0.0423  -0.0088 1892 SER A C   
791 O O   . SER A 99  ? 1.2461 0.8409 0.6308 -0.3715 0.0644  -0.0139 1892 SER A O   
792 C CB  . SER A 99  ? 1.0800 0.5861 0.3918 -0.3554 0.0167  0.0066  1892 SER A CB  
793 O OG  . SER A 99  ? 1.0895 0.5903 0.4162 -0.3495 -0.0014 0.0108  1892 SER A OG  
794 N N   . ARG A 100 ? 1.1247 0.6967 0.5279 -0.3567 0.0262  -0.0072 1893 ARG A N   
795 C CA  . ARG A 100 ? 1.0312 0.6305 0.4738 -0.3678 0.0306  -0.0099 1893 ARG A CA  
796 C C   . ARG A 100 ? 0.9892 0.6309 0.4713 -0.3601 0.0465  -0.0270 1893 ARG A C   
797 O O   . ARG A 100 ? 1.1028 0.7758 0.6115 -0.3750 0.0639  -0.0305 1893 ARG A O   
798 C CB  . ARG A 100 ? 0.9426 0.5302 0.4026 -0.3604 0.0059  -0.0070 1893 ARG A CB  
799 C CG  . ARG A 100 ? 0.9772 0.5305 0.4079 -0.3736 -0.0080 0.0085  1893 ARG A CG  
800 C CD  . ARG A 100 ? 0.9926 0.5516 0.4207 -0.4023 0.0059  0.0167  1893 ARG A CD  
801 N NE  . ARG A 100 ? 1.0641 0.6380 0.5303 -0.4138 -0.0010 0.0172  1893 ARG A NE  
802 C CZ  . ARG A 100 ? 1.1494 0.7577 0.6484 -0.4328 0.0179  0.0149  1893 ARG A CZ  
803 N NH1 . ARG A 100 ? 1.2534 0.8832 0.7456 -0.4412 0.0467  0.0119  1893 ARG A NH1 
804 N NH2 . ARG A 100 ? 1.0070 0.6278 0.5449 -0.4437 0.0081  0.0156  1893 ARG A NH2 
805 N N   . TRP A 101 ? 1.0812 0.7250 0.5697 -0.3370 0.0401  -0.0380 1894 TRP A N   
806 C CA  . TRP A 101 ? 1.1036 0.7838 0.6302 -0.3252 0.0496  -0.0564 1894 TRP A CA  
807 C C   . TRP A 101 ? 1.2000 0.9020 0.7185 -0.3346 0.0778  -0.0623 1894 TRP A C   
808 O O   . TRP A 101 ? 1.2046 0.9478 0.7618 -0.3375 0.0939  -0.0745 1894 TRP A O   
809 C CB  . TRP A 101 ? 1.0106 0.6777 0.5334 -0.3001 0.0348  -0.0646 1894 TRP A CB  
810 C CG  . TRP A 101 ? 0.9607 0.6584 0.5213 -0.2849 0.0375  -0.0845 1894 TRP A CG  
811 C CD1 . TRP A 101 ? 0.9593 0.6701 0.5179 -0.2748 0.0495  -0.0980 1894 TRP A CD1 
812 C CD2 . TRP A 101 ? 0.9900 0.7056 0.5958 -0.2756 0.0244  -0.0948 1894 TRP A CD2 
813 N NE1 . TRP A 101 ? 0.9781 0.7162 0.5797 -0.2593 0.0449  -0.1168 1894 TRP A NE1 
814 C CE2 . TRP A 101 ? 1.0528 0.7940 0.6845 -0.2597 0.0291  -0.1150 1894 TRP A CE2 
815 C CE3 . TRP A 101 ? 0.8820 0.5921 0.5074 -0.2777 0.0068  -0.0898 1894 TRP A CE3 
816 C CZ2 . TRP A 101 ? 1.0435 0.8051 0.7218 -0.2464 0.0160  -0.1305 1894 TRP A CZ2 
817 C CZ3 . TRP A 101 ? 0.8651 0.5940 0.5349 -0.2649 -0.0061 -0.1047 1894 TRP A CZ3 
818 C CH2 . TRP A 101 ? 0.8649 0.6194 0.5615 -0.2496 -0.0017 -0.1248 1894 TRP A CH2 
819 N N   . GLU A 102 ? 1.2329 0.9077 0.7010 -0.3389 0.0839  -0.0543 1895 GLU A N   
820 C CA  . GLU A 102 ? 1.2175 0.9057 0.6670 -0.3440 0.1096  -0.0606 1895 GLU A CA  
821 C C   . GLU A 102 ? 1.3250 1.0265 0.7724 -0.3719 0.1304  -0.0511 1895 GLU A C   
822 O O   . GLU A 102 ? 1.4813 1.2141 0.9365 -0.3783 0.1577  -0.0596 1895 GLU A O   
823 C CB  . GLU A 102 ? 1.2365 0.8879 0.6317 -0.3363 0.1060  -0.0575 1895 GLU A CB  
824 C CG  . GLU A 102 ? 1.3402 0.9871 0.7428 -0.3094 0.0915  -0.0707 1895 GLU A CG  
825 C CD  . GLU A 102 ? 1.2947 0.9010 0.6515 -0.3019 0.0794  -0.0654 1895 GLU A CD  
826 O OE1 . GLU A 102 ? 1.3595 0.9431 0.6734 -0.3134 0.0860  -0.0570 1895 GLU A OE1 
827 O OE2 . GLU A 102 ? 1.2782 0.8747 0.6421 -0.2845 0.0627  -0.0706 1895 GLU A OE2 
828 N N   . GLU A 103 ? 1.3041 0.9816 0.7393 -0.3891 0.1186  -0.0335 1896 GLU A N   
829 C CA  . GLU A 103 ? 1.4491 1.1340 0.8796 -0.4185 0.1363  -0.0222 1896 GLU A CA  
830 C C   . GLU A 103 ? 1.4949 1.2292 0.9905 -0.4271 0.1462  -0.0296 1896 GLU A C   
831 O O   . GLU A 103 ? 1.4740 1.2146 0.9760 -0.4540 0.1556  -0.0181 1896 GLU A O   
832 C CB  . GLU A 103 ? 1.5235 1.1656 0.9261 -0.4329 0.1152  -0.0023 1896 GLU A CB  
833 C CG  . GLU A 103 ? 1.5416 1.1327 0.8899 -0.4250 0.0965  0.0066  1896 GLU A CG  
834 C CD  . GLU A 103 ? 1.4823 1.0454 0.8205 -0.4312 0.0729  0.0197  1896 GLU A CD  
835 O OE1 . GLU A 103 ? 1.4478 1.0251 0.8162 -0.4446 0.0708  0.0241  1896 GLU A OE1 
836 O OE2 . GLU A 103 ? 1.4530 0.9855 0.7624 -0.4176 0.0528  0.0218  1896 GLU A OE2 
837 N N   . PHE A 104 ? 1.4656 1.2337 1.0103 -0.4058 0.1426  -0.0486 1897 PHE A N   
838 C CA  . PHE A 104 ? 1.4121 1.2316 1.0244 -0.4117 0.1516  -0.0592 1897 PHE A CA  
839 C C   . PHE A 104 ? 1.4137 1.2756 1.0538 -0.3930 0.1702  -0.0828 1897 PHE A C   
840 O O   . PHE A 104 ? 1.3697 1.2781 1.0404 -0.4037 0.1990  -0.0912 1897 PHE A O   
841 C CB  . PHE A 104 ? 1.2063 1.0206 0.8567 -0.4025 0.1197  -0.0601 1897 PHE A CB  
842 C CG  . PHE A 104 ? 1.2511 1.1165 0.9761 -0.4066 0.1229  -0.0727 1897 PHE A CG  
843 C CD1 . PHE A 104 ? 1.2770 1.1597 1.0273 -0.4367 0.1319  -0.0619 1897 PHE A CD1 
844 C CD2 . PHE A 104 ? 1.2874 1.1818 1.0583 -0.3813 0.1151  -0.0949 1897 PHE A CD2 
845 C CE1 . PHE A 104 ? 1.2359 1.1683 1.0616 -0.4418 0.1336  -0.0736 1897 PHE A CE1 
846 C CE2 . PHE A 104 ? 1.2409 1.1830 1.0850 -0.3841 0.1154  -0.1080 1897 PHE A CE2 
847 C CZ  . PHE A 104 ? 1.2029 1.1662 1.0772 -0.4146 0.1250  -0.0974 1897 PHE A CZ  
848 N N   . TYR A 105 ? 1.3406 1.1848 0.9689 -0.3643 0.1530  -0.0933 1898 TYR A N   
849 C CA  . TYR A 105 ? 1.2500 1.1205 0.8934 -0.3413 0.1627  -0.1161 1898 TYR A CA  
850 C C   . TYR A 105 ? 1.2082 1.0558 0.7907 -0.3382 0.1781  -0.1149 1898 TYR A C   
851 O O   . TYR A 105 ? 1.1509 1.0239 0.7268 -0.3458 0.2085  -0.1209 1898 TYR A O   
852 C CB  . TYR A 105 ? 1.2033 1.0592 0.8629 -0.3132 0.1314  -0.1267 1898 TYR A CB  
853 C CG  . TYR A 105 ? 1.2317 1.1002 0.9430 -0.3125 0.1107  -0.1283 1898 TYR A CG  
854 C CD1 . TYR A 105 ? 1.2474 1.1668 1.0252 -0.3087 0.1160  -0.1465 1898 TYR A CD1 
855 C CD2 . TYR A 105 ? 1.1946 1.0227 0.8878 -0.3136 0.0840  -0.1130 1898 TYR A CD2 
856 C CE1 . TYR A 105 ? 1.1763 1.1022 0.9999 -0.3073 0.0929  -0.1486 1898 TYR A CE1 
857 C CE2 . TYR A 105 ? 1.0879 0.9212 0.8216 -0.3112 0.0626  -0.1150 1898 TYR A CE2 
858 C CZ  . TYR A 105 ? 1.0872 0.9674 0.8851 -0.3084 0.0658  -0.1325 1898 TYR A CZ  
859 O OH  . TYR A 105 ? 1.0760 0.9574 0.9128 -0.3053 0.0411  -0.1349 1898 TYR A OH  
# 
